data_2GSI
#
_entry.id   2GSI
#
_cell.length_a   105.739
_cell.length_b   131.040
_cell.length_c   291.340
_cell.angle_alpha   90.00
_cell.angle_beta   90.00
_cell.angle_gamma   90.00
#
_symmetry.space_group_name_H-M   'C 2 2 21'
#
loop_
_entity.id
_entity.type
_entity.pdbx_description
1 polymer 'Immunoglobulin (kappa) light chain'
2 polymer 'Immunoglobulin (gamma) heavy chain (VH + CH1 fragment)'
3 polymer Thermonuclease
4 non-polymer 'SODIUM ION'
5 water water
#
loop_
_entity_poly.entity_id
_entity_poly.type
_entity_poly.pdbx_seq_one_letter_code
_entity_poly.pdbx_strand_id
1 'polypeptide(L)'
;DIVLTQSPASLAVSLGQPATISCGASKSVRTSGYSYMDWNQQKPGQPPRRLIYLVSNLESGVPARFSGSGSGTDFTLNIH
PVEEEDAATYYCSHIRELPRSSGGGTKLEIKRADAAPTVSIFPPSSEQLTSGGASVVCFLNNFYPKDINVKWKIDGSERQ
NGVLNSWTDQDSKDSTYSMSSTLTLTKDEYERHNSYTCEATHKTSTSPIVKSFNR
;
A,C,E,G
2 'polypeptide(L)'
;VQLQQSGAELVRSGASVKLSCTASGFNIKDYYMYWVKLRPEQGLEWIGWIDPENGDTEYVPTFQGKVTMTADTSSNTAYL
QLSSLTSEDTAVYYCNAGVITMMGYQAMDYWGQGTTVTTSSAKTTPPSVYPLAPGTAAQTNSMVTLGCLVKGYFPEPVTV
TWNSGSLSSGVHTFPAVLQSDLYTLSSSVTVPSSTWPSQTVTCNVAHPASSTKVDKKIVPR
;
B,D,F,H
3 'polypeptide(L)' TKHPKKGVEKY X,Z,W,Y
#
loop_
_chem_comp.id
_chem_comp.type
_chem_comp.name
_chem_comp.formula
NA non-polymer 'SODIUM ION' 'Na 1'
#
# COMPACT_ATOMS: atom_id res chain seq x y z
N ASP A 1 2.33 31.39 -41.38
CA ASP A 1 1.16 30.49 -41.51
C ASP A 1 -0.11 31.30 -41.41
N ILE A 2 -1.23 30.65 -41.69
CA ILE A 2 -2.51 31.32 -41.76
C ILE A 2 -3.24 31.08 -40.47
N VAL A 3 -3.68 32.17 -39.85
CA VAL A 3 -4.45 32.07 -38.61
C VAL A 3 -5.93 31.92 -38.97
N LEU A 4 -6.51 30.81 -38.59
CA LEU A 4 -7.90 30.59 -38.86
C LEU A 4 -8.71 30.83 -37.58
N THR A 5 -9.69 31.71 -37.67
CA THR A 5 -10.34 32.25 -36.49
C THR A 5 -11.79 31.82 -36.46
N GLN A 6 -12.07 30.83 -35.61
CA GLN A 6 -13.38 30.21 -35.54
C GLN A 6 -14.26 30.95 -34.57
N SER A 7 -15.48 31.27 -34.98
CA SER A 7 -16.41 31.97 -34.09
C SER A 7 -17.81 31.31 -34.14
N PRO A 8 -18.42 31.04 -32.97
CA PRO A 8 -17.94 31.23 -31.59
C PRO A 8 -17.17 30.01 -31.04
N ALA A 9 -16.70 30.11 -29.80
CA ALA A 9 -15.96 29.01 -29.17
C ALA A 9 -16.94 27.93 -28.75
N SER A 10 -18.15 28.36 -28.41
CA SER A 10 -19.14 27.47 -27.84
C SER A 10 -20.55 27.79 -28.33
N LEU A 11 -21.38 26.77 -28.42
CA LEU A 11 -22.69 26.91 -29.03
C LEU A 11 -23.67 25.85 -28.45
N ALA A 12 -24.81 26.29 -27.91
CA ALA A 12 -25.81 25.38 -27.33
C ALA A 12 -27.14 25.52 -28.06
N VAL A 13 -27.60 24.49 -28.77
CA VAL A 13 -28.85 24.61 -29.55
C VAL A 13 -29.88 23.52 -29.24
N SER A 14 -31.18 23.86 -29.33
CA SER A 14 -32.22 22.85 -29.14
C SER A 14 -32.39 22.01 -30.40
N LEU A 15 -32.80 20.76 -30.21
CA LEU A 15 -33.04 19.89 -31.35
C LEU A 15 -34.04 20.55 -32.26
N GLY A 16 -33.73 20.61 -33.55
CA GLY A 16 -34.68 21.07 -34.56
C GLY A 16 -34.47 22.52 -34.99
N GLN A 17 -33.74 23.25 -34.15
CA GLN A 17 -33.41 24.65 -34.39
C GLN A 17 -32.19 24.71 -35.36
N PRO A 18 -31.95 25.86 -36.00
CA PRO A 18 -30.76 25.94 -36.84
C PRO A 18 -29.47 26.29 -36.07
N ALA A 19 -28.32 25.94 -36.66
CA ALA A 19 -27.00 26.34 -36.14
C ALA A 19 -26.01 26.79 -37.24
N THR A 20 -25.16 27.77 -36.90
CA THR A 20 -24.16 28.30 -37.83
C THR A 20 -22.87 28.62 -37.09
N ILE A 21 -21.73 28.20 -37.67
CA ILE A 21 -20.40 28.50 -37.13
C ILE A 21 -19.66 29.31 -38.15
N SER A 22 -18.77 30.21 -37.71
CA SER A 22 -17.94 31.02 -38.64
C SER A 22 -16.48 30.67 -38.64
N CYS A 23 -15.82 30.92 -39.78
CA CYS A 23 -14.39 30.76 -39.92
C CYS A 23 -13.77 31.93 -40.70
N GLY A 24 -12.76 32.59 -40.11
CA GLY A 24 -12.02 33.68 -40.78
C GLY A 24 -10.57 33.30 -41.11
N ALA A 25 -10.19 33.47 -42.36
CA ALA A 25 -8.81 33.26 -42.77
C ALA A 25 -8.04 34.59 -42.62
N SER A 26 -6.83 34.58 -42.08
CA SER A 26 -6.04 35.82 -42.10
C SER A 26 -5.45 36.11 -43.50
N LYS A 27 -5.66 35.19 -44.44
CA LYS A 27 -5.47 35.43 -45.87
C LYS A 27 -6.56 34.70 -46.66
N SER A 28 -6.75 35.14 -47.89
CA SER A 28 -7.63 34.49 -48.83
C SER A 28 -7.25 33.01 -49.01
N VAL A 29 -8.22 32.11 -48.84
CA VAL A 29 -7.98 30.69 -49.07
C VAL A 29 -8.43 30.21 -50.46
N ARG A 30 -8.22 31.08 -51.47
CA ARG A 30 -8.43 30.77 -52.90
C ARG A 30 -7.06 30.72 -53.58
N THR A 31 -6.64 29.56 -54.06
CA THR A 31 -5.37 29.51 -54.81
C THR A 31 -5.68 29.94 -56.20
N SER A 32 -4.80 29.55 -57.12
CA SER A 32 -5.08 29.70 -58.53
C SER A 32 -6.01 28.54 -58.99
N GLY A 33 -7.32 28.84 -59.02
CA GLY A 33 -8.41 27.85 -59.12
C GLY A 33 -9.31 27.84 -57.86
N TYR A 34 -9.80 26.63 -57.52
CA TYR A 34 -10.71 26.38 -56.37
C TYR A 34 -10.11 26.69 -54.96
N SER A 35 -10.97 26.84 -53.93
CA SER A 35 -10.56 27.27 -52.58
C SER A 35 -10.53 26.11 -51.54
N TYR A 36 -9.36 25.69 -51.11
CA TYR A 36 -9.26 24.49 -50.26
C TYR A 36 -9.60 24.69 -48.76
N MET A 37 -10.90 24.88 -48.52
CA MET A 37 -11.51 24.95 -47.19
C MET A 37 -12.23 23.66 -46.82
N ASP A 38 -11.90 23.11 -45.64
CA ASP A 38 -12.57 21.90 -45.10
C ASP A 38 -13.25 22.15 -43.76
N TRP A 39 -14.35 21.42 -43.49
CA TRP A 39 -14.93 21.34 -42.12
C TRP A 39 -14.87 19.93 -41.56
N ASN A 40 -14.35 19.76 -40.34
CA ASN A 40 -14.41 18.46 -39.62
C ASN A 40 -15.30 18.51 -38.41
N GLN A 41 -15.68 17.34 -37.92
CA GLN A 41 -16.34 17.25 -36.66
C GLN A 41 -15.84 16.06 -35.89
N GLN A 42 -15.53 16.29 -34.62
CA GLN A 42 -15.12 15.21 -33.77
C GLN A 42 -16.25 14.91 -32.80
N LYS A 43 -17.00 13.87 -33.08
CA LYS A 43 -17.99 13.43 -32.12
C LYS A 43 -17.23 12.91 -30.90
N PRO A 44 -17.77 13.16 -29.68
CA PRO A 44 -17.06 12.89 -28.45
C PRO A 44 -16.32 11.53 -28.47
N GLY A 45 -15.03 11.56 -28.14
CA GLY A 45 -14.22 10.34 -28.16
C GLY A 45 -14.42 9.56 -29.44
N GLN A 46 -14.17 10.22 -30.56
CA GLN A 46 -14.13 9.56 -31.87
C GLN A 46 -13.10 10.27 -32.73
N PRO A 47 -12.47 9.54 -33.68
CA PRO A 47 -11.62 10.30 -34.59
C PRO A 47 -12.39 11.40 -35.30
N PRO A 48 -11.71 12.48 -35.67
CA PRO A 48 -12.37 13.57 -36.34
C PRO A 48 -12.94 13.05 -37.63
N ARG A 49 -13.96 13.71 -38.15
CA ARG A 49 -14.53 13.35 -39.42
C ARG A 49 -14.61 14.56 -40.28
N ARG A 50 -14.39 14.37 -41.57
CA ARG A 50 -14.53 15.46 -42.53
C ARG A 50 -15.96 15.51 -43.05
N LEU A 51 -16.57 16.67 -42.92
CA LEU A 51 -17.96 16.86 -43.33
C LEU A 51 -18.03 17.46 -44.72
N ILE A 52 -17.18 18.45 -44.93
CA ILE A 52 -17.22 19.27 -46.11
C ILE A 52 -15.81 19.58 -46.60
N TYR A 53 -15.60 19.33 -47.88
CA TYR A 53 -14.37 19.68 -48.55
C TYR A 53 -14.64 20.70 -49.63
N LEU A 54 -13.67 21.55 -49.90
CA LEU A 54 -13.82 22.54 -50.91
C LEU A 54 -15.00 23.47 -50.64
N VAL A 55 -14.99 24.12 -49.49
CA VAL A 55 -15.99 25.14 -49.17
C VAL A 55 -17.41 24.58 -49.06
N SER A 56 -17.85 23.81 -50.08
CA SER A 56 -19.29 23.43 -50.25
C SER A 56 -19.62 21.94 -50.53
N ASN A 57 -18.64 21.15 -50.93
CA ASN A 57 -18.90 19.75 -51.31
C ASN A 57 -19.11 18.87 -50.09
N LEU A 58 -20.27 18.23 -50.03
CA LEU A 58 -20.63 17.33 -48.93
C LEU A 58 -19.89 16.03 -49.06
N GLU A 59 -19.30 15.61 -47.95
CA GLU A 59 -18.51 14.37 -47.94
C GLU A 59 -19.42 13.19 -47.61
N SER A 60 -19.37 12.17 -48.47
CA SER A 60 -20.28 11.03 -48.44
C SER A 60 -20.58 10.61 -47.02
N GLY A 61 -21.86 10.51 -46.70
CA GLY A 61 -22.27 10.16 -45.37
C GLY A 61 -22.96 11.31 -44.66
N VAL A 62 -22.49 12.53 -44.91
CA VAL A 62 -23.08 13.71 -44.24
C VAL A 62 -24.50 13.98 -44.73
N PRO A 63 -25.42 14.21 -43.78
CA PRO A 63 -26.82 14.46 -44.13
C PRO A 63 -27.02 15.82 -44.83
N ALA A 64 -27.99 15.85 -45.77
CA ALA A 64 -28.42 17.06 -46.48
C ALA A 64 -28.48 18.34 -45.61
N ARG A 65 -28.76 18.18 -44.30
CA ARG A 65 -28.90 19.30 -43.30
C ARG A 65 -27.66 20.17 -43.12
N PHE A 66 -26.51 19.67 -43.56
CA PHE A 66 -25.30 20.40 -43.37
C PHE A 66 -25.04 21.14 -44.64
N SER A 67 -24.53 22.35 -44.52
CA SER A 67 -24.03 23.04 -45.68
C SER A 67 -23.07 24.14 -45.25
N GLY A 68 -22.04 24.35 -46.06
CA GLY A 68 -21.08 25.35 -45.78
C GLY A 68 -20.97 26.34 -46.91
N SER A 69 -20.48 27.51 -46.61
CA SER A 69 -20.48 28.54 -47.59
C SER A 69 -19.34 29.46 -47.34
N GLY A 70 -18.96 30.18 -48.39
CA GLY A 70 -18.07 31.31 -48.24
C GLY A 70 -17.16 31.50 -49.42
N SER A 71 -16.13 32.31 -49.21
CA SER A 71 -15.13 32.60 -50.21
C SER A 71 -14.05 33.54 -49.63
N GLY A 72 -12.85 33.52 -50.24
CA GLY A 72 -11.76 34.36 -49.77
C GLY A 72 -11.46 34.16 -48.30
N THR A 73 -11.82 35.14 -47.49
CA THR A 73 -11.49 35.17 -46.06
C THR A 73 -12.62 34.65 -45.11
N ASP A 74 -13.85 34.57 -45.62
CA ASP A 74 -15.02 34.28 -44.75
C ASP A 74 -15.75 33.02 -45.16
N PHE A 75 -16.06 32.18 -44.18
CA PHE A 75 -16.76 30.91 -44.41
C PHE A 75 -17.62 30.53 -43.20
N THR A 76 -18.75 29.87 -43.46
CA THR A 76 -19.61 29.37 -42.38
C THR A 76 -20.13 27.97 -42.70
N LEU A 77 -20.42 27.23 -41.63
CA LEU A 77 -21.06 25.93 -41.72
C LEU A 77 -22.45 26.09 -41.10
N ASN A 78 -23.48 25.59 -41.83
CA ASN A 78 -24.91 25.66 -41.40
C ASN A 78 -25.45 24.31 -41.07
N ILE A 79 -26.19 24.23 -39.98
CA ILE A 79 -27.03 23.08 -39.68
C ILE A 79 -28.45 23.61 -39.47
N HIS A 80 -29.44 22.82 -39.88
CA HIS A 80 -30.85 23.17 -39.65
C HIS A 80 -31.68 22.18 -40.39
N PRO A 81 -32.54 21.43 -39.65
CA PRO A 81 -32.58 21.33 -38.16
C PRO A 81 -31.33 20.67 -37.48
N VAL A 82 -31.18 20.88 -36.16
CA VAL A 82 -30.14 20.21 -35.36
C VAL A 82 -30.66 18.97 -34.63
N GLU A 83 -29.80 17.97 -34.50
CA GLU A 83 -30.15 16.72 -33.86
C GLU A 83 -29.09 16.27 -32.89
N GLU A 84 -29.44 15.28 -32.07
CA GLU A 84 -28.61 14.79 -30.99
C GLU A 84 -27.18 14.46 -31.48
N GLU A 85 -27.12 13.70 -32.56
CA GLU A 85 -25.88 13.18 -33.11
C GLU A 85 -24.97 14.23 -33.78
N ASP A 86 -25.36 15.50 -33.71
CA ASP A 86 -24.47 16.56 -34.19
C ASP A 86 -23.58 17.09 -33.09
N ALA A 87 -23.80 16.65 -31.84
CA ALA A 87 -22.94 17.07 -30.68
C ALA A 87 -21.49 16.70 -30.93
N ALA A 88 -20.60 17.70 -30.85
CA ALA A 88 -19.19 17.52 -31.22
C ALA A 88 -18.36 18.79 -31.15
N THR A 89 -17.14 18.74 -31.69
CA THR A 89 -16.32 19.93 -31.90
C THR A 89 -16.06 20.11 -33.38
N TYR A 90 -16.43 21.29 -33.90
CA TYR A 90 -16.26 21.59 -35.31
C TYR A 90 -14.98 22.38 -35.62
N TYR A 91 -14.33 22.01 -36.70
CA TYR A 91 -13.06 22.58 -37.01
C TYR A 91 -13.08 23.06 -38.45
N CYS A 92 -12.68 24.31 -38.65
CA CYS A 92 -12.38 24.71 -39.98
C CYS A 92 -10.90 24.54 -40.23
N SER A 93 -10.61 24.00 -41.42
CA SER A 93 -9.27 23.59 -41.80
C SER A 93 -9.02 24.11 -43.20
N HIS A 94 -7.84 24.66 -43.42
CA HIS A 94 -7.49 25.22 -44.71
C HIS A 94 -6.29 24.46 -45.28
N ILE A 95 -6.23 24.39 -46.59
CA ILE A 95 -5.18 23.67 -47.25
C ILE A 95 -4.62 24.50 -48.38
N ARG A 96 -4.98 25.80 -48.42
CA ARG A 96 -4.55 26.65 -49.52
C ARG A 96 -3.03 26.86 -49.45
N GLU A 97 -2.50 27.00 -48.23
CA GLU A 97 -1.05 27.07 -48.02
C GLU A 97 -0.54 25.96 -47.06
N LEU A 98 0.63 25.35 -47.35
CA LEU A 98 1.38 24.60 -46.32
C LEU A 98 2.03 25.68 -45.49
N PRO A 99 2.18 25.48 -44.18
CA PRO A 99 1.51 24.43 -43.45
C PRO A 99 0.01 24.69 -43.42
N ARG A 100 -0.75 23.67 -43.72
CA ARG A 100 -2.19 23.78 -43.64
C ARG A 100 -2.58 24.11 -42.19
N SER A 101 -3.68 24.82 -41.97
CA SER A 101 -3.98 25.31 -40.61
C SER A 101 -5.41 25.08 -40.12
N SER A 102 -5.60 25.11 -38.80
CA SER A 102 -6.87 24.71 -38.17
C SER A 102 -7.49 25.74 -37.20
N GLY A 103 -8.81 25.95 -37.32
CA GLY A 103 -9.53 26.78 -36.37
C GLY A 103 -9.40 26.19 -34.99
N GLY A 104 -9.77 26.96 -33.98
CA GLY A 104 -9.53 26.57 -32.60
C GLY A 104 -10.56 25.60 -32.05
N GLY A 105 -11.62 25.34 -32.81
CA GLY A 105 -12.72 24.47 -32.39
C GLY A 105 -13.99 25.26 -32.12
N THR A 106 -15.14 24.64 -32.35
CA THR A 106 -16.43 25.19 -31.90
C THR A 106 -17.20 24.05 -31.25
N LYS A 107 -17.51 24.21 -29.96
CA LYS A 107 -18.06 23.13 -29.16
C LYS A 107 -19.61 23.21 -29.17
N LEU A 108 -20.26 22.14 -29.65
CA LEU A 108 -21.72 22.13 -29.92
C LEU A 108 -22.52 21.35 -28.88
N GLU A 109 -23.18 22.06 -27.99
CA GLU A 109 -24.03 21.47 -27.01
C GLU A 109 -25.48 21.43 -27.53
N ILE A 110 -26.13 20.29 -27.35
CA ILE A 110 -27.56 20.19 -27.53
C ILE A 110 -28.23 20.75 -26.27
N LYS A 111 -29.07 21.77 -26.42
CA LYS A 111 -29.83 22.22 -25.25
C LYS A 111 -31.18 21.52 -25.12
N ARG A 112 -31.45 21.01 -23.93
CA ARG A 112 -32.63 20.23 -23.67
C ARG A 112 -33.31 20.64 -22.37
N ALA A 113 -34.44 20.01 -22.08
CA ALA A 113 -35.12 20.26 -20.82
C ALA A 113 -34.15 19.95 -19.68
N ASP A 114 -33.99 20.93 -18.79
CA ASP A 114 -33.29 20.70 -17.55
C ASP A 114 -33.67 19.34 -16.92
N ALA A 115 -32.68 18.69 -16.30
CA ALA A 115 -32.85 17.40 -15.63
C ALA A 115 -31.90 17.32 -14.44
N ALA A 116 -32.38 16.73 -13.34
CA ALA A 116 -31.56 16.67 -12.13
C ALA A 116 -30.74 15.39 -12.09
N PRO A 117 -29.55 15.45 -11.47
CA PRO A 117 -28.70 14.27 -11.43
C PRO A 117 -29.27 13.13 -10.59
N THR A 118 -29.26 11.91 -11.10
CA THR A 118 -29.52 10.75 -10.24
C THR A 118 -28.25 10.47 -9.44
N VAL A 119 -28.36 10.59 -8.12
CA VAL A 119 -27.16 10.56 -7.27
C VAL A 119 -27.08 9.34 -6.37
N SER A 120 -25.87 8.82 -6.19
CA SER A 120 -25.59 7.76 -5.22
C SER A 120 -24.18 7.84 -4.62
N ILE A 121 -24.06 7.42 -3.35
CA ILE A 121 -22.84 7.57 -2.61
C ILE A 121 -22.39 6.16 -2.23
N PHE A 122 -21.09 5.90 -2.32
CA PHE A 122 -20.56 4.54 -2.06
C PHE A 122 -19.43 4.52 -1.06
N PRO A 123 -19.71 3.99 0.12
CA PRO A 123 -18.68 3.83 1.16
C PRO A 123 -17.48 3.05 0.61
N PRO A 124 -16.27 3.35 1.08
CA PRO A 124 -15.11 2.55 0.72
C PRO A 124 -15.45 1.11 0.93
N SER A 125 -14.93 0.23 0.09
CA SER A 125 -15.11 -1.21 0.30
C SER A 125 -14.03 -1.81 1.21
N SER A 126 -14.45 -2.77 2.03
CA SER A 126 -13.55 -3.65 2.78
C SER A 126 -12.23 -3.93 2.07
N GLU A 127 -12.31 -4.42 0.83
CA GLU A 127 -11.10 -4.79 0.06
C GLU A 127 -10.07 -3.66 0.01
N GLN A 128 -10.52 -2.43 0.17
CA GLN A 128 -9.64 -1.30 0.03
C GLN A 128 -9.09 -0.90 1.39
N LEU A 129 -9.96 -0.89 2.37
CA LEU A 129 -9.59 -0.59 3.74
C LEU A 129 -8.44 -1.49 4.24
N THR A 130 -8.52 -2.76 3.87
CA THR A 130 -7.46 -3.68 4.20
C THR A 130 -6.08 -3.20 3.69
N SER A 131 -6.08 -2.34 2.66
CA SER A 131 -4.85 -1.91 1.95
C SER A 131 -4.32 -0.54 2.38
N GLY A 132 -5.10 0.17 3.20
CA GLY A 132 -4.67 1.45 3.75
C GLY A 132 -5.37 2.69 3.22
N GLY A 133 -5.87 2.64 1.99
CA GLY A 133 -6.59 3.79 1.43
C GLY A 133 -8.08 3.68 1.72
N ALA A 134 -8.80 4.79 1.62
CA ALA A 134 -10.25 4.75 1.56
C ALA A 134 -10.81 5.80 0.61
N SER A 135 -11.66 5.36 -0.28
CA SER A 135 -12.25 6.24 -1.25
C SER A 135 -13.77 6.18 -1.20
N VAL A 136 -14.37 7.33 -0.97
CA VAL A 136 -15.79 7.47 -1.03
C VAL A 136 -16.10 7.93 -2.44
N VAL A 137 -17.00 7.22 -3.08
CA VAL A 137 -17.37 7.53 -4.45
C VAL A 137 -18.79 8.02 -4.47
N CYS A 138 -18.99 9.15 -5.13
CA CYS A 138 -20.34 9.64 -5.38
C CYS A 138 -20.57 9.75 -6.90
N PHE A 139 -21.56 9.02 -7.41
CA PHE A 139 -21.96 9.13 -8.82
C PHE A 139 -23.10 10.13 -8.98
N LEU A 140 -23.04 10.97 -10.02
CA LEU A 140 -24.10 11.93 -10.30
C LEU A 140 -24.49 11.88 -11.76
N ASN A 141 -25.45 11.01 -12.08
CA ASN A 141 -25.73 10.68 -13.45
C ASN A 141 -26.94 11.36 -14.08
N ASN A 142 -26.81 11.59 -15.38
CA ASN A 142 -27.94 11.95 -16.24
C ASN A 142 -28.56 13.26 -15.85
N PHE A 143 -27.74 14.28 -15.88
CA PHE A 143 -28.21 15.57 -15.51
C PHE A 143 -27.92 16.51 -16.67
N TYR A 144 -28.61 17.65 -16.66
CA TYR A 144 -28.39 18.70 -17.62
C TYR A 144 -28.84 20.01 -16.99
N PRO A 145 -28.03 21.10 -17.15
CA PRO A 145 -26.83 21.20 -18.00
C PRO A 145 -25.56 20.81 -17.26
N LYS A 146 -24.43 20.81 -17.98
CA LYS A 146 -23.09 20.41 -17.43
C LYS A 146 -22.71 21.09 -16.12
N ASP A 147 -22.82 22.42 -16.06
CA ASP A 147 -22.41 23.17 -14.86
C ASP A 147 -23.15 22.63 -13.67
N ILE A 148 -22.39 22.10 -12.73
CA ILE A 148 -22.92 21.47 -11.53
C ILE A 148 -21.86 21.59 -10.48
N ASN A 149 -22.25 21.88 -9.27
CA ASN A 149 -21.27 22.05 -8.23
C ASN A 149 -21.41 20.92 -7.22
N VAL A 150 -20.29 20.31 -6.83
CA VAL A 150 -20.31 19.18 -5.88
C VAL A 150 -19.45 19.43 -4.63
N LYS A 151 -20.01 19.06 -3.49
CA LYS A 151 -19.46 19.45 -2.22
C LYS A 151 -19.50 18.24 -1.30
N TRP A 152 -18.40 18.02 -0.58
CA TRP A 152 -18.26 16.90 0.35
C TRP A 152 -18.29 17.37 1.80
N LYS A 153 -19.12 16.71 2.60
CA LYS A 153 -19.16 16.95 4.03
C LYS A 153 -18.82 15.70 4.82
N ILE A 154 -17.85 15.84 5.70
CA ILE A 154 -17.49 14.81 6.66
C ILE A 154 -17.95 15.37 8.00
N ASP A 155 -18.82 14.61 8.68
CA ASP A 155 -19.41 14.98 9.95
C ASP A 155 -19.79 16.45 10.01
N GLY A 156 -20.27 16.99 8.90
CA GLY A 156 -20.89 18.31 8.90
C GLY A 156 -19.95 19.43 8.50
N SER A 157 -18.66 19.14 8.43
CA SER A 157 -17.66 20.09 7.93
C SER A 157 -17.38 19.86 6.45
N GLU A 158 -17.42 20.95 5.69
CA GLU A 158 -16.97 20.95 4.29
C GLU A 158 -15.53 20.44 4.21
N ARG A 159 -15.24 19.74 3.13
CA ARG A 159 -13.92 19.14 2.96
C ARG A 159 -13.49 19.33 1.51
N GLN A 160 -12.22 19.71 1.31
CA GLN A 160 -11.80 20.18 -0.02
C GLN A 160 -10.60 19.48 -0.68
N ASN A 161 -9.66 19.00 0.12
CA ASN A 161 -8.56 18.23 -0.43
C ASN A 161 -9.07 16.83 -0.64
N GLY A 162 -8.43 16.11 -1.56
CA GLY A 162 -8.74 14.68 -1.76
C GLY A 162 -9.82 14.38 -2.77
N VAL A 163 -10.54 15.42 -3.17
CA VAL A 163 -11.64 15.26 -4.10
C VAL A 163 -11.18 15.43 -5.52
N LEU A 164 -11.34 14.36 -6.30
CA LEU A 164 -11.22 14.39 -7.74
C LEU A 164 -12.57 14.18 -8.46
N ASN A 165 -12.84 15.04 -9.44
CA ASN A 165 -14.09 15.01 -10.20
C ASN A 165 -13.76 14.69 -11.64
N SER A 166 -14.73 14.11 -12.33
CA SER A 166 -14.57 13.70 -13.74
C SER A 166 -15.91 13.70 -14.48
N TRP A 167 -15.98 14.44 -15.60
CA TRP A 167 -17.23 14.53 -16.36
C TRP A 167 -17.15 13.77 -17.67
N THR A 168 -18.23 13.05 -18.00
CA THR A 168 -18.38 12.47 -19.33
C THR A 168 -18.69 13.60 -20.28
N ASP A 169 -18.47 13.39 -21.58
CA ASP A 169 -18.92 14.33 -22.60
C ASP A 169 -20.40 14.22 -22.73
N GLN A 170 -21.01 15.15 -23.47
CA GLN A 170 -22.46 15.10 -23.64
C GLN A 170 -22.87 13.86 -24.40
N ASP A 171 -23.86 13.15 -23.86
CA ASP A 171 -24.29 11.87 -24.43
C ASP A 171 -25.12 12.08 -25.71
N SER A 172 -24.58 11.63 -26.82
CA SER A 172 -25.23 11.77 -28.13
C SER A 172 -26.68 11.35 -28.16
N LYS A 173 -27.07 10.45 -27.26
CA LYS A 173 -28.35 9.76 -27.39
C LYS A 173 -29.46 10.32 -26.51
N ASP A 174 -29.14 10.74 -25.29
CA ASP A 174 -30.15 11.28 -24.37
C ASP A 174 -29.82 12.69 -23.93
N SER A 175 -28.66 13.19 -24.37
CA SER A 175 -28.33 14.60 -24.28
C SER A 175 -28.07 15.08 -22.85
N THR A 176 -27.93 14.13 -21.91
CA THR A 176 -27.49 14.47 -20.54
C THR A 176 -25.95 14.40 -20.35
N TYR A 177 -25.46 14.88 -19.21
CA TYR A 177 -24.05 14.70 -18.79
C TYR A 177 -24.06 13.83 -17.55
N SER A 178 -22.88 13.34 -17.15
CA SER A 178 -22.73 12.55 -15.93
C SER A 178 -21.42 12.83 -15.21
N MET A 179 -21.35 12.58 -13.90
CA MET A 179 -20.20 13.00 -13.11
C MET A 179 -19.82 12.03 -11.98
N SER A 180 -18.51 11.79 -11.81
CA SER A 180 -18.00 11.12 -10.62
C SER A 180 -17.29 12.13 -9.77
N SER A 181 -17.51 12.07 -8.46
CA SER A 181 -16.72 12.78 -7.48
C SER A 181 -16.17 11.74 -6.52
N THR A 182 -14.90 11.88 -6.12
CA THR A 182 -14.26 10.82 -5.31
C THR A 182 -13.36 11.27 -4.15
N LEU A 183 -13.88 11.15 -2.93
CA LEU A 183 -13.19 11.65 -1.75
C LEU A 183 -12.25 10.59 -1.15
N THR A 184 -10.96 10.80 -1.37
CA THR A 184 -9.96 9.83 -0.98
C THR A 184 -9.29 10.24 0.31
N LEU A 185 -9.40 9.36 1.31
CA LEU A 185 -8.75 9.56 2.59
C LEU A 185 -7.81 8.41 2.93
N THR A 186 -7.28 8.48 4.14
CA THR A 186 -6.54 7.38 4.72
C THR A 186 -7.49 6.63 5.66
N LYS A 187 -7.25 5.33 5.82
CA LYS A 187 -8.09 4.46 6.64
C LYS A 187 -8.31 4.99 8.06
N ASP A 188 -7.30 5.69 8.60
CA ASP A 188 -7.39 6.17 9.97
C ASP A 188 -8.26 7.41 10.06
N GLU A 189 -8.13 8.31 9.08
CA GLU A 189 -9.01 9.49 9.08
C GLU A 189 -10.44 9.10 8.70
N TYR A 190 -10.57 8.00 7.97
CA TYR A 190 -11.89 7.50 7.64
C TYR A 190 -12.57 6.93 8.89
N GLU A 191 -11.80 6.19 9.69
CA GLU A 191 -12.28 5.64 10.95
C GLU A 191 -12.54 6.71 11.99
N ARG A 192 -11.87 7.85 11.87
CA ARG A 192 -12.04 8.91 12.83
C ARG A 192 -13.38 9.64 12.64
N HIS A 193 -14.07 9.40 11.51
CA HIS A 193 -15.37 10.07 11.22
C HIS A 193 -16.56 9.15 10.93
N ASN A 194 -17.71 9.77 10.82
CA ASN A 194 -18.95 9.04 10.97
C ASN A 194 -19.85 9.26 9.80
N SER A 195 -20.03 10.52 9.43
CA SER A 195 -21.02 10.88 8.47
C SER A 195 -20.31 11.40 7.23
N TYR A 196 -20.64 10.82 6.09
CA TYR A 196 -20.10 11.30 4.84
C TYR A 196 -21.20 11.65 3.88
N THR A 197 -21.09 12.86 3.33
CA THR A 197 -22.16 13.47 2.55
C THR A 197 -21.62 14.06 1.29
N CYS A 198 -22.27 13.72 0.19
CA CYS A 198 -21.98 14.27 -1.13
C CYS A 198 -23.16 15.15 -1.60
N GLU A 199 -22.91 16.44 -1.82
CA GLU A 199 -23.96 17.42 -2.12
C GLU A 199 -23.88 18.02 -3.50
N ALA A 200 -24.86 17.73 -4.35
CA ALA A 200 -24.95 18.32 -5.68
C ALA A 200 -25.79 19.61 -5.69
N THR A 201 -25.12 20.73 -5.96
CA THR A 201 -25.79 22.00 -6.28
C THR A 201 -25.74 22.32 -7.79
N HIS A 202 -26.92 22.36 -8.38
CA HIS A 202 -27.10 22.40 -9.81
C HIS A 202 -28.22 23.38 -9.97
N LYS A 203 -28.51 23.79 -11.21
CA LYS A 203 -29.58 24.77 -11.43
C LYS A 203 -31.03 24.21 -11.17
N THR A 204 -31.13 22.92 -10.88
CA THR A 204 -32.43 22.19 -10.77
C THR A 204 -33.30 22.40 -9.52
N SER A 205 -32.73 22.32 -8.31
CA SER A 205 -33.60 22.27 -7.12
C SER A 205 -33.64 23.50 -6.14
N THR A 206 -32.54 24.25 -6.05
CA THR A 206 -32.35 25.43 -5.13
C THR A 206 -31.35 25.07 -4.04
N SER A 207 -31.69 24.02 -3.31
CA SER A 207 -30.83 23.43 -2.34
C SER A 207 -30.28 22.20 -3.00
N PRO A 208 -29.31 21.54 -2.36
CA PRO A 208 -28.60 20.49 -3.07
C PRO A 208 -29.32 19.15 -3.03
N ILE A 209 -29.00 18.27 -3.97
CA ILE A 209 -29.23 16.85 -3.71
C ILE A 209 -28.03 16.28 -2.93
N VAL A 210 -28.35 15.48 -1.93
CA VAL A 210 -27.41 15.12 -0.91
C VAL A 210 -27.57 13.65 -0.66
N LYS A 211 -26.62 12.85 -1.14
CA LYS A 211 -26.58 11.46 -0.76
C LYS A 211 -25.60 11.28 0.40
N SER A 212 -25.86 10.26 1.22
CA SER A 212 -25.20 10.11 2.53
C SER A 212 -25.18 8.72 3.10
N PHE A 213 -24.22 8.47 3.98
CA PHE A 213 -24.20 7.29 4.84
C PHE A 213 -23.48 7.59 6.15
N ASN A 214 -23.65 6.70 7.13
CA ASN A 214 -22.96 6.79 8.41
C ASN A 214 -22.10 5.58 8.66
N ARG A 215 -20.78 5.81 8.79
CA ARG A 215 -19.80 4.92 9.54
C ARG A 215 -18.42 4.74 8.86
N VAL B 1 -13.78 -1.17 -44.97
CA VAL B 1 -13.62 0.33 -45.13
C VAL B 1 -13.06 0.93 -43.84
N GLN B 2 -11.86 0.50 -43.48
CA GLN B 2 -11.32 0.83 -42.17
C GLN B 2 -9.83 1.15 -42.27
N LEU B 3 -9.42 2.23 -41.60
CA LEU B 3 -8.05 2.41 -41.17
C LEU B 3 -7.96 1.96 -39.73
N GLN B 4 -6.98 1.13 -39.44
CA GLN B 4 -6.70 0.75 -38.08
C GLN B 4 -5.31 1.23 -37.69
N GLN B 5 -5.24 2.03 -36.64
CA GLN B 5 -3.96 2.43 -36.09
C GLN B 5 -3.59 1.50 -34.95
N SER B 6 -2.31 1.45 -34.60
CA SER B 6 -1.83 0.53 -33.56
C SER B 6 -2.32 0.98 -32.17
N GLY B 7 -2.01 0.17 -31.15
CA GLY B 7 -2.50 0.37 -29.78
C GLY B 7 -1.80 1.51 -29.06
N ALA B 8 -2.28 1.82 -27.87
CA ALA B 8 -1.69 2.87 -27.04
C ALA B 8 -0.25 2.57 -26.67
N GLU B 9 0.56 3.64 -26.65
CA GLU B 9 2.01 3.61 -26.38
C GLU B 9 2.43 4.37 -25.14
N LEU B 10 3.18 3.72 -24.26
CA LEU B 10 3.95 4.40 -23.23
C LEU B 10 5.43 4.30 -23.55
N VAL B 11 6.15 5.43 -23.49
CA VAL B 11 7.56 5.48 -23.88
C VAL B 11 8.35 6.61 -23.16
N ARG B 12 9.64 6.38 -22.90
CA ARG B 12 10.44 7.29 -22.08
C ARG B 12 10.83 8.58 -22.79
N SER B 13 10.88 9.64 -21.99
CA SER B 13 11.42 10.89 -22.42
C SER B 13 12.82 10.65 -22.98
N GLY B 14 12.93 10.67 -24.31
CA GLY B 14 14.21 10.54 -24.98
C GLY B 14 14.16 9.50 -26.06
N ALA B 15 13.36 8.46 -25.84
CA ALA B 15 13.26 7.35 -26.81
C ALA B 15 12.54 7.77 -28.08
N SER B 16 12.47 6.83 -29.03
CA SER B 16 11.57 6.94 -30.18
C SER B 16 10.48 5.88 -30.14
N VAL B 17 9.40 6.13 -30.86
CA VAL B 17 8.36 5.13 -31.01
C VAL B 17 7.86 5.16 -32.44
N LYS B 18 7.21 4.09 -32.87
CA LYS B 18 6.72 4.07 -34.21
C LYS B 18 5.27 3.71 -34.25
N LEU B 19 4.49 4.52 -34.94
CA LEU B 19 3.05 4.33 -34.99
C LEU B 19 2.66 3.80 -36.35
N SER B 20 1.78 2.81 -36.38
CA SER B 20 1.36 2.24 -37.62
C SER B 20 -0.13 2.53 -37.90
N CYS B 21 -0.48 2.60 -39.17
CA CYS B 21 -1.82 2.88 -39.58
C CYS B 21 -2.10 2.02 -40.82
N THR B 22 -2.96 1.01 -40.65
CA THR B 22 -3.12 0.01 -41.69
C THR B 22 -4.53 0.06 -42.33
N ALA B 23 -4.58 0.15 -43.66
CA ALA B 23 -5.86 0.20 -44.38
C ALA B 23 -6.47 -1.16 -44.70
N SER B 24 -7.78 -1.15 -44.89
CA SER B 24 -8.49 -2.31 -45.35
C SER B 24 -9.63 -1.82 -46.19
N GLY B 25 -9.73 -2.36 -47.40
CA GLY B 25 -10.84 -2.02 -48.29
C GLY B 25 -10.53 -0.90 -49.26
N PHE B 26 -9.28 -0.45 -49.25
CA PHE B 26 -8.71 0.44 -50.29
C PHE B 26 -7.20 0.38 -50.25
N ASN B 27 -6.53 0.89 -51.26
CA ASN B 27 -5.07 0.98 -51.15
C ASN B 27 -4.53 2.37 -51.00
N ILE B 28 -3.44 2.45 -50.28
CA ILE B 28 -2.98 3.68 -49.74
C ILE B 28 -2.03 4.36 -50.72
N LYS B 29 -2.30 4.22 -52.00
CA LYS B 29 -1.47 4.84 -52.99
C LYS B 29 -2.47 5.56 -53.86
N ASP B 30 -3.72 5.44 -53.43
CA ASP B 30 -4.77 6.18 -54.02
C ASP B 30 -5.01 7.41 -53.15
N TYR B 31 -4.27 7.57 -52.05
CA TYR B 31 -4.52 8.69 -51.12
C TYR B 31 -3.25 9.40 -50.68
N TYR B 32 -3.43 10.42 -49.86
CA TYR B 32 -2.32 10.94 -49.08
C TYR B 32 -2.65 10.47 -47.68
N MET B 33 -1.69 9.83 -47.04
CA MET B 33 -1.88 9.56 -45.64
C MET B 33 -1.39 10.79 -44.88
N TYR B 34 -2.28 11.36 -44.08
CA TYR B 34 -1.95 12.52 -43.31
C TYR B 34 -1.76 12.09 -41.87
N TRP B 35 -1.04 12.88 -41.10
CA TRP B 35 -0.99 12.69 -39.66
C TRP B 35 -1.32 14.00 -38.87
N VAL B 36 -2.04 13.82 -37.77
CA VAL B 36 -2.69 14.93 -37.09
C VAL B 36 -2.63 14.73 -35.56
N LYS B 37 -2.02 15.69 -34.87
CA LYS B 37 -1.80 15.56 -33.45
C LYS B 37 -2.89 16.28 -32.66
N LEU B 38 -3.48 15.60 -31.67
CA LEU B 38 -4.51 16.18 -30.79
C LEU B 38 -4.10 16.13 -29.32
N ARG B 39 -3.53 17.23 -28.83
CA ARG B 39 -3.19 17.40 -27.40
C ARG B 39 -4.46 17.69 -26.57
N PRO B 40 -4.55 17.06 -25.37
CA PRO B 40 -5.84 16.80 -24.75
C PRO B 40 -6.36 18.02 -24.04
N GLU B 41 -7.49 18.52 -24.55
CA GLU B 41 -7.99 19.87 -24.27
C GLU B 41 -7.05 20.87 -24.92
N GLN B 42 -6.86 20.66 -26.23
CA GLN B 42 -6.35 21.66 -27.16
C GLN B 42 -6.65 21.24 -28.61
N GLY B 43 -5.99 21.92 -29.55
CA GLY B 43 -6.37 21.83 -30.94
C GLY B 43 -5.75 20.69 -31.71
N LEU B 44 -6.24 20.50 -32.93
CA LEU B 44 -5.56 19.68 -33.89
C LEU B 44 -4.44 20.46 -34.56
N GLU B 45 -3.22 19.92 -34.44
CA GLU B 45 -2.07 20.36 -35.22
C GLU B 45 -1.93 19.40 -36.40
N TRP B 46 -1.59 19.95 -37.55
CA TRP B 46 -1.31 19.14 -38.72
C TRP B 46 0.18 18.85 -38.77
N ILE B 47 0.56 17.60 -39.00
CA ILE B 47 1.98 17.23 -39.06
C ILE B 47 2.55 17.12 -40.50
N GLY B 48 1.71 16.69 -41.45
CA GLY B 48 2.08 16.61 -42.84
C GLY B 48 1.54 15.37 -43.50
N TRP B 49 2.19 14.94 -44.58
CA TRP B 49 1.71 13.81 -45.35
C TRP B 49 2.81 12.94 -45.99
N ILE B 50 2.38 11.77 -46.45
CA ILE B 50 3.20 10.93 -47.28
C ILE B 50 2.38 10.46 -48.48
N ASP B 51 2.92 10.64 -49.66
CA ASP B 51 2.28 10.12 -50.85
C ASP B 51 2.89 8.75 -51.15
N PRO B 52 2.21 7.67 -50.72
CA PRO B 52 2.67 6.32 -50.89
C PRO B 52 2.55 5.88 -52.33
N GLU B 53 3.14 6.61 -53.25
CA GLU B 53 3.08 6.26 -54.65
C GLU B 53 4.38 6.74 -55.23
N ASN B 54 5.04 7.60 -54.48
CA ASN B 54 6.35 8.06 -54.83
C ASN B 54 7.18 8.23 -53.57
N GLY B 55 6.56 7.96 -52.42
CA GLY B 55 7.24 8.06 -51.14
C GLY B 55 7.68 9.48 -50.92
N ASP B 56 6.91 10.42 -51.44
CA ASP B 56 7.09 11.82 -51.09
C ASP B 56 6.52 12.15 -49.71
N THR B 57 7.25 12.95 -48.97
CA THR B 57 6.81 13.31 -47.68
C THR B 57 6.85 14.82 -47.61
N GLU B 58 5.90 15.43 -46.90
CA GLU B 58 6.07 16.82 -46.45
C GLU B 58 5.67 17.02 -45.01
N TYR B 59 6.64 17.44 -44.19
CA TYR B 59 6.37 17.78 -42.81
C TYR B 59 6.20 19.28 -42.63
N VAL B 60 5.39 19.64 -41.62
CA VAL B 60 5.20 21.02 -41.21
C VAL B 60 6.44 21.47 -40.42
N PRO B 61 6.85 22.71 -40.61
CA PRO B 61 8.13 23.23 -40.10
C PRO B 61 8.39 22.96 -38.61
N THR B 62 7.32 22.88 -37.84
CA THR B 62 7.39 22.57 -36.42
C THR B 62 7.83 21.13 -36.14
N PHE B 63 7.61 20.24 -37.10
CA PHE B 63 7.84 18.82 -36.87
C PHE B 63 9.01 18.25 -37.67
N GLN B 64 9.69 19.09 -38.46
CA GLN B 64 10.87 18.60 -39.18
C GLN B 64 11.93 18.15 -38.22
N GLY B 65 12.65 17.10 -38.61
CA GLY B 65 13.63 16.49 -37.73
C GLY B 65 13.08 15.99 -36.42
N LYS B 66 11.76 16.01 -36.27
CA LYS B 66 11.10 15.37 -35.12
C LYS B 66 10.29 14.14 -35.58
N VAL B 67 10.07 14.03 -36.88
CA VAL B 67 9.02 13.19 -37.42
C VAL B 67 9.50 12.42 -38.69
N THR B 68 9.16 11.14 -38.79
CA THR B 68 9.52 10.37 -39.96
C THR B 68 8.38 9.52 -40.47
N MET B 69 7.95 9.86 -41.68
CA MET B 69 6.83 9.22 -42.30
C MET B 69 7.35 8.24 -43.28
N THR B 70 6.76 7.04 -43.25
CA THR B 70 7.08 5.99 -44.18
C THR B 70 5.76 5.31 -44.51
N ALA B 71 5.80 4.41 -45.50
CA ALA B 71 4.62 3.69 -45.98
C ALA B 71 5.08 2.37 -46.58
N ASP B 72 4.31 1.31 -46.32
CA ASP B 72 4.54 0.00 -46.91
C ASP B 72 3.39 -0.41 -47.85
N THR B 73 3.45 0.05 -49.10
CA THR B 73 2.37 -0.23 -50.06
C THR B 73 2.20 -1.72 -50.42
N SER B 74 2.95 -2.60 -49.73
CA SER B 74 2.86 -4.06 -49.95
C SER B 74 1.89 -4.71 -48.98
N SER B 75 1.73 -4.07 -47.84
CA SER B 75 0.82 -4.54 -46.81
C SER B 75 -0.06 -3.37 -46.45
N ASN B 76 -0.04 -2.36 -47.32
CA ASN B 76 -1.00 -1.29 -47.25
C ASN B 76 -1.00 -0.55 -45.89
N THR B 77 0.20 -0.21 -45.43
CA THR B 77 0.39 0.34 -44.08
C THR B 77 1.16 1.64 -44.15
N ALA B 78 0.81 2.59 -43.28
CA ALA B 78 1.51 3.90 -43.19
C ALA B 78 2.13 4.05 -41.82
N TYR B 79 3.32 4.62 -41.78
CA TYR B 79 4.10 4.71 -40.57
C TYR B 79 4.42 6.12 -40.19
N LEU B 80 4.46 6.35 -38.89
CA LEU B 80 4.86 7.65 -38.34
C LEU B 80 5.81 7.40 -37.18
N GLN B 81 7.08 7.62 -37.43
CA GLN B 81 8.02 7.50 -36.36
C GLN B 81 8.27 8.85 -35.70
N LEU B 82 8.19 8.86 -34.39
CA LEU B 82 8.52 10.05 -33.63
C LEU B 82 9.86 9.83 -32.89
N SER B 83 10.74 10.84 -32.91
CA SER B 83 12.09 10.66 -32.35
C SER B 83 12.45 11.66 -31.21
N SER B 84 13.37 11.25 -30.33
CA SER B 84 13.69 12.00 -29.11
C SER B 84 12.43 12.64 -28.51
N LEU B 85 11.58 11.79 -27.93
CA LEU B 85 10.31 12.23 -27.34
C LEU B 85 10.44 13.06 -26.06
N THR B 86 9.48 13.95 -25.91
CA THR B 86 9.43 14.89 -24.83
C THR B 86 7.99 14.93 -24.31
N SER B 87 7.75 15.66 -23.21
CA SER B 87 6.39 15.74 -22.63
C SER B 87 5.37 16.35 -23.56
N GLU B 88 5.88 17.14 -24.50
CA GLU B 88 5.08 17.85 -25.46
C GLU B 88 4.55 16.92 -26.52
N ASP B 89 4.97 15.67 -26.46
CA ASP B 89 4.57 14.76 -27.51
C ASP B 89 3.48 13.83 -27.01
N THR B 90 3.21 13.90 -25.70
CA THR B 90 2.00 13.28 -25.14
C THR B 90 0.74 13.80 -25.90
N ALA B 91 0.17 12.93 -26.73
CA ALA B 91 -1.03 13.28 -27.49
C ALA B 91 -1.69 12.05 -28.13
N VAL B 92 -2.79 12.29 -28.81
CA VAL B 92 -3.40 11.28 -29.64
C VAL B 92 -3.10 11.58 -31.11
N TYR B 93 -2.72 10.55 -31.86
CA TYR B 93 -2.26 10.75 -33.22
C TYR B 93 -3.15 10.02 -34.21
N TYR B 94 -3.75 10.77 -35.12
CA TYR B 94 -4.64 10.16 -36.12
C TYR B 94 -3.97 10.16 -37.49
N CYS B 95 -4.23 9.12 -38.27
CA CYS B 95 -3.86 9.12 -39.68
C CYS B 95 -5.12 9.27 -40.45
N ASN B 96 -5.03 9.98 -41.55
CA ASN B 96 -6.17 10.26 -42.38
C ASN B 96 -5.82 9.95 -43.83
N ALA B 97 -6.46 8.93 -44.39
CA ALA B 97 -6.39 8.72 -45.84
C ALA B 97 -7.38 9.68 -46.49
N GLY B 98 -6.86 10.60 -47.30
CA GLY B 98 -7.63 11.71 -47.83
C GLY B 98 -7.06 12.19 -49.15
N VAL B 99 -7.96 12.47 -50.07
CA VAL B 99 -7.57 12.87 -51.39
C VAL B 99 -8.72 13.57 -52.07
N ILE B 100 -8.39 14.73 -52.64
CA ILE B 100 -9.28 15.50 -53.50
C ILE B 100 -9.03 15.00 -54.92
N THR B 101 -10.03 14.39 -55.54
CA THR B 101 -9.87 13.78 -56.87
C THR B 101 -10.09 14.83 -57.97
N MET B 102 -9.63 14.54 -59.19
CA MET B 102 -9.81 15.48 -60.30
C MET B 102 -10.86 14.97 -61.30
N ALA B 107 -14.25 13.27 -54.20
CA ALA B 107 -13.38 12.80 -53.10
C ALA B 107 -13.99 11.63 -52.28
N MET B 108 -13.31 11.30 -51.16
CA MET B 108 -13.68 10.18 -50.26
C MET B 108 -12.59 10.01 -49.17
N ASP B 109 -12.98 9.70 -47.94
CA ASP B 109 -12.02 9.89 -46.87
C ASP B 109 -12.22 9.09 -45.59
N TYR B 110 -11.08 8.61 -45.08
CA TYR B 110 -11.01 7.69 -43.97
C TYR B 110 -10.13 8.27 -42.86
N TRP B 111 -10.44 7.88 -41.63
CA TRP B 111 -9.70 8.33 -40.52
C TRP B 111 -9.41 7.08 -39.74
N GLY B 112 -8.19 6.98 -39.19
CA GLY B 112 -7.91 5.94 -38.19
C GLY B 112 -8.49 6.35 -36.84
N GLN B 113 -8.70 5.35 -35.97
CA GLN B 113 -9.20 5.55 -34.63
C GLN B 113 -8.19 6.19 -33.66
N GLY B 114 -6.95 6.39 -34.14
CA GLY B 114 -5.98 7.24 -33.44
C GLY B 114 -5.15 6.45 -32.46
N THR B 115 -3.96 6.95 -32.17
CA THR B 115 -3.08 6.28 -31.25
C THR B 115 -2.69 7.25 -30.16
N THR B 116 -2.91 6.84 -28.93
CA THR B 116 -2.52 7.64 -27.81
C THR B 116 -1.05 7.37 -27.42
N VAL B 117 -0.19 8.38 -27.58
CA VAL B 117 1.19 8.29 -27.08
C VAL B 117 1.34 9.01 -25.74
N THR B 118 1.92 8.30 -24.77
CA THR B 118 2.10 8.82 -23.43
C THR B 118 3.60 8.86 -23.10
N THR B 119 4.13 10.06 -22.89
CA THR B 119 5.55 10.21 -22.62
C THR B 119 5.79 10.33 -21.12
N SER B 120 6.25 9.27 -20.52
CA SER B 120 6.48 9.30 -19.10
C SER B 120 7.64 8.38 -18.79
N SER B 121 8.37 8.67 -17.72
CA SER B 121 9.45 7.78 -17.34
C SER B 121 9.00 6.91 -16.16
N ALA B 122 7.72 7.03 -15.83
CA ALA B 122 7.07 6.16 -14.84
C ALA B 122 6.77 4.74 -15.39
N LYS B 123 6.24 3.90 -14.50
CA LYS B 123 6.27 2.45 -14.67
C LYS B 123 4.90 1.82 -14.69
N THR B 124 4.75 0.78 -15.52
CA THR B 124 3.51 0.04 -15.60
C THR B 124 3.09 -0.57 -14.24
N THR B 125 1.91 -0.14 -13.77
CA THR B 125 1.36 -0.54 -12.51
C THR B 125 -0.05 -1.02 -12.77
N PRO B 126 -0.37 -2.26 -12.36
CA PRO B 126 -1.72 -2.74 -12.70
C PRO B 126 -2.68 -2.08 -11.76
N PRO B 127 -3.99 -2.04 -12.11
CA PRO B 127 -4.98 -1.37 -11.26
C PRO B 127 -5.39 -2.18 -10.01
N SER B 128 -6.02 -1.52 -9.03
CA SER B 128 -6.77 -2.25 -8.04
C SER B 128 -8.24 -2.04 -8.25
N VAL B 129 -8.97 -3.14 -8.40
CA VAL B 129 -10.39 -3.10 -8.72
C VAL B 129 -11.23 -3.31 -7.47
N TYR B 130 -12.08 -2.32 -7.18
CA TYR B 130 -12.90 -2.27 -5.96
C TYR B 130 -14.39 -2.24 -6.30
N PRO B 131 -15.18 -3.06 -5.57
CA PRO B 131 -16.61 -3.22 -5.87
C PRO B 131 -17.40 -2.03 -5.29
N LEU B 132 -18.52 -1.70 -5.91
CA LEU B 132 -19.35 -0.61 -5.39
C LEU B 132 -20.79 -1.04 -5.30
N ALA B 133 -21.18 -1.43 -4.08
CA ALA B 133 -22.54 -1.87 -3.77
C ALA B 133 -23.23 -0.94 -2.74
N PRO B 134 -24.53 -0.64 -2.98
CA PRO B 134 -25.38 0.30 -2.23
C PRO B 134 -25.42 0.05 -0.74
N SER B 142 -38.04 -0.17 -8.34
CA SER B 142 -37.66 0.47 -9.58
C SER B 142 -36.24 0.05 -10.04
N MET B 143 -35.28 0.97 -10.03
CA MET B 143 -33.91 0.68 -10.50
C MET B 143 -32.84 1.00 -9.46
N VAL B 144 -31.62 0.54 -9.73
CA VAL B 144 -30.51 0.56 -8.76
C VAL B 144 -29.15 0.75 -9.45
N THR B 145 -28.22 1.40 -8.75
CA THR B 145 -26.92 1.68 -9.32
C THR B 145 -25.78 0.93 -8.67
N LEU B 146 -24.92 0.36 -9.51
CA LEU B 146 -23.78 -0.40 -9.06
C LEU B 146 -22.55 0.15 -9.78
N GLY B 147 -21.38 -0.09 -9.22
CA GLY B 147 -20.16 0.28 -9.92
C GLY B 147 -18.93 -0.50 -9.53
N CYS B 148 -17.80 -0.23 -10.20
CA CYS B 148 -16.51 -0.59 -9.67
C CYS B 148 -15.55 0.53 -9.80
N LEU B 149 -14.56 0.53 -8.91
CA LEU B 149 -13.56 1.54 -8.86
C LEU B 149 -12.25 0.92 -9.35
N VAL B 150 -11.58 1.62 -10.23
CA VAL B 150 -10.34 1.15 -10.78
C VAL B 150 -9.29 2.15 -10.38
N LYS B 151 -8.46 1.77 -9.42
CA LYS B 151 -7.56 2.71 -8.78
C LYS B 151 -6.06 2.42 -8.97
N GLY B 152 -5.28 3.47 -9.19
CA GLY B 152 -3.82 3.37 -9.09
C GLY B 152 -3.09 2.54 -10.12
N TYR B 153 -3.63 2.45 -11.32
CA TYR B 153 -2.96 1.80 -12.41
C TYR B 153 -2.10 2.78 -13.21
N PHE B 154 -1.31 2.26 -14.14
CA PHE B 154 -0.52 3.09 -15.05
C PHE B 154 0.08 2.14 -16.06
N PRO B 155 0.17 2.55 -17.36
CA PRO B 155 -0.37 3.80 -17.93
C PRO B 155 -1.84 3.62 -18.21
N GLU B 156 -2.45 4.62 -18.83
CA GLU B 156 -3.75 4.41 -19.45
C GLU B 156 -3.59 3.67 -20.82
N PRO B 157 -4.68 3.02 -21.34
CA PRO B 157 -6.06 2.84 -20.84
C PRO B 157 -6.34 1.61 -19.94
N VAL B 158 -7.52 1.64 -19.32
CA VAL B 158 -8.24 0.43 -18.90
C VAL B 158 -9.58 0.41 -19.64
N THR B 159 -10.19 -0.79 -19.75
CA THR B 159 -11.55 -0.90 -20.28
C THR B 159 -12.47 -1.62 -19.31
N VAL B 160 -13.63 -1.02 -19.05
CA VAL B 160 -14.65 -1.65 -18.26
C VAL B 160 -15.87 -2.04 -19.13
N THR B 161 -16.19 -3.32 -19.21
CA THR B 161 -17.50 -3.74 -19.73
C THR B 161 -18.35 -4.27 -18.58
N TRP B 162 -19.62 -4.55 -18.82
CA TRP B 162 -20.48 -5.10 -17.79
C TRP B 162 -21.15 -6.37 -18.27
N ASN B 163 -21.00 -7.42 -17.45
CA ASN B 163 -21.35 -8.77 -17.87
C ASN B 163 -20.83 -9.06 -19.25
N SER B 164 -19.56 -8.75 -19.44
CA SER B 164 -18.85 -9.14 -20.65
C SER B 164 -19.55 -8.60 -21.89
N GLY B 165 -20.09 -7.39 -21.77
CA GLY B 165 -20.52 -6.64 -22.93
C GLY B 165 -22.00 -6.65 -23.08
N SER B 166 -22.65 -7.64 -22.49
CA SER B 166 -24.13 -7.85 -22.60
C SER B 166 -24.95 -6.69 -22.00
N LEU B 167 -24.40 -6.09 -20.96
CA LEU B 167 -24.92 -4.90 -20.34
C LEU B 167 -24.07 -3.76 -20.87
N SER B 168 -24.73 -2.72 -21.34
CA SER B 168 -24.05 -1.56 -21.91
C SER B 168 -24.98 -0.39 -21.81
N SER B 169 -26.26 -0.71 -21.61
CA SER B 169 -27.31 0.26 -21.57
C SER B 169 -27.46 0.75 -20.15
N GLY B 170 -27.11 2.01 -19.91
CA GLY B 170 -27.21 2.57 -18.57
C GLY B 170 -25.95 2.30 -17.77
N VAL B 171 -24.85 2.08 -18.51
CA VAL B 171 -23.45 2.12 -18.05
C VAL B 171 -22.86 3.54 -18.22
N HIS B 172 -22.40 4.16 -17.13
CA HIS B 172 -21.62 5.39 -17.27
C HIS B 172 -20.20 5.11 -16.90
N THR B 173 -19.27 5.48 -17.77
CA THR B 173 -17.85 5.20 -17.54
C THR B 173 -16.99 6.47 -17.76
N PHE B 174 -16.25 6.87 -16.73
CA PHE B 174 -15.67 8.22 -16.67
C PHE B 174 -14.22 8.29 -17.17
N PRO B 175 -13.79 9.43 -17.69
CA PRO B 175 -12.38 9.60 -17.99
C PRO B 175 -11.48 9.36 -16.77
N ALA B 176 -10.43 8.59 -16.95
CA ALA B 176 -9.43 8.45 -15.91
C ALA B 176 -8.90 9.83 -15.51
N VAL B 177 -8.69 10.02 -14.20
CA VAL B 177 -7.96 11.20 -13.71
C VAL B 177 -6.63 10.82 -13.08
N LEU B 178 -5.66 11.70 -13.27
CA LEU B 178 -4.33 11.50 -12.78
C LEU B 178 -4.26 12.03 -11.37
N GLN B 179 -3.65 11.24 -10.49
CA GLN B 179 -3.33 11.75 -9.17
C GLN B 179 -2.58 10.72 -8.34
N SER B 180 -1.48 11.19 -7.70
CA SER B 180 -0.44 10.34 -7.07
C SER B 180 0.46 9.70 -8.11
N ASP B 181 0.43 10.25 -9.32
CA ASP B 181 1.21 9.75 -10.45
C ASP B 181 0.70 8.40 -11.04
N LEU B 182 -0.53 8.03 -10.68
CA LEU B 182 -1.28 6.95 -11.32
C LEU B 182 -2.67 7.44 -11.68
N TYR B 183 -3.40 6.66 -12.47
CA TYR B 183 -4.77 7.00 -12.79
C TYR B 183 -5.78 6.39 -11.83
N THR B 184 -6.93 7.03 -11.77
CA THR B 184 -8.09 6.57 -11.02
C THR B 184 -9.30 6.85 -11.92
N LEU B 185 -10.10 5.81 -12.14
CA LEU B 185 -11.41 5.99 -12.77
C LEU B 185 -12.43 5.09 -12.13
N SER B 186 -13.62 5.03 -12.70
CA SER B 186 -14.68 4.17 -12.19
C SER B 186 -15.85 4.11 -13.17
N SER B 187 -16.72 3.13 -12.99
CA SER B 187 -17.87 2.99 -13.86
C SER B 187 -19.15 2.79 -13.03
N SER B 188 -20.26 3.35 -13.51
CA SER B 188 -21.56 3.06 -12.93
C SER B 188 -22.41 2.25 -13.92
N VAL B 189 -23.28 1.42 -13.38
CA VAL B 189 -24.25 0.76 -14.18
C VAL B 189 -25.51 0.78 -13.37
N THR B 190 -26.63 1.00 -14.07
CA THR B 190 -27.92 1.17 -13.42
C THR B 190 -28.86 0.10 -13.97
N VAL B 191 -29.32 -0.78 -13.10
CA VAL B 191 -30.16 -1.89 -13.51
C VAL B 191 -31.49 -1.88 -12.78
N PRO B 192 -32.51 -2.58 -13.31
CA PRO B 192 -33.75 -2.70 -12.54
C PRO B 192 -33.52 -3.60 -11.35
N SER B 193 -33.98 -3.16 -10.18
CA SER B 193 -33.70 -3.83 -8.89
C SER B 193 -34.41 -5.18 -8.72
N SER B 194 -35.00 -5.67 -9.79
CA SER B 194 -35.39 -7.06 -9.87
C SER B 194 -34.23 -7.89 -10.36
N THR B 195 -33.49 -7.35 -11.34
CA THR B 195 -32.35 -8.06 -11.97
C THR B 195 -31.21 -8.33 -11.00
N TRP B 196 -31.12 -7.52 -9.95
CA TRP B 196 -30.03 -7.63 -9.02
C TRP B 196 -30.49 -7.49 -7.57
N PRO B 197 -29.97 -8.34 -6.66
CA PRO B 197 -28.90 -9.34 -6.93
C PRO B 197 -29.39 -10.69 -7.46
N SER B 198 -30.66 -10.79 -7.84
CA SER B 198 -31.26 -12.06 -8.31
C SER B 198 -30.44 -12.67 -9.42
N GLN B 199 -29.84 -11.79 -10.22
CA GLN B 199 -28.94 -12.21 -11.29
C GLN B 199 -27.62 -11.44 -11.16
N THR B 200 -26.54 -12.21 -11.09
CA THR B 200 -25.19 -11.68 -10.89
C THR B 200 -24.89 -10.52 -11.83
N VAL B 201 -24.35 -9.44 -11.27
CA VAL B 201 -23.79 -8.35 -12.08
C VAL B 201 -22.28 -8.28 -11.86
N THR B 202 -21.52 -8.47 -12.95
CA THR B 202 -20.07 -8.49 -12.89
C THR B 202 -19.46 -7.38 -13.76
N CYS B 203 -18.38 -6.78 -13.27
CA CYS B 203 -17.63 -5.87 -14.10
C CYS B 203 -16.26 -6.39 -14.48
N ASN B 204 -15.93 -6.20 -15.75
CA ASN B 204 -14.72 -6.78 -16.35
C ASN B 204 -13.73 -5.66 -16.56
N VAL B 205 -12.47 -5.88 -16.23
CA VAL B 205 -11.50 -4.81 -16.37
C VAL B 205 -10.23 -5.23 -17.08
N ALA B 206 -9.97 -4.65 -18.26
CA ALA B 206 -8.79 -4.97 -19.04
C ALA B 206 -7.72 -3.88 -18.92
N HIS B 207 -6.49 -4.32 -18.60
CA HIS B 207 -5.33 -3.43 -18.56
C HIS B 207 -4.23 -3.90 -19.46
N PRO B 208 -4.46 -3.87 -20.78
CA PRO B 208 -3.55 -4.54 -21.70
C PRO B 208 -2.10 -4.31 -21.32
N ALA B 209 -1.77 -3.08 -20.97
CA ALA B 209 -0.41 -2.69 -20.65
C ALA B 209 0.29 -3.59 -19.59
N SER B 210 -0.46 -4.08 -18.60
CA SER B 210 0.10 -5.04 -17.64
C SER B 210 -0.36 -6.47 -17.95
N SER B 211 -1.09 -6.63 -19.05
CA SER B 211 -1.67 -7.90 -19.44
C SER B 211 -2.54 -8.48 -18.31
N THR B 212 -3.32 -7.62 -17.65
CA THR B 212 -4.22 -8.08 -16.57
C THR B 212 -5.67 -8.00 -17.00
N LYS B 213 -6.48 -8.96 -16.56
CA LYS B 213 -7.93 -8.87 -16.73
C LYS B 213 -8.58 -9.23 -15.43
N VAL B 214 -9.52 -8.40 -15.00
CA VAL B 214 -10.18 -8.64 -13.73
C VAL B 214 -11.68 -8.77 -13.91
N ASP B 215 -12.23 -9.90 -13.51
CA ASP B 215 -13.66 -10.00 -13.28
C ASP B 215 -13.95 -9.79 -11.80
N LYS B 216 -14.97 -8.99 -11.52
CA LYS B 216 -15.34 -8.64 -10.15
C LYS B 216 -16.86 -8.64 -9.99
N LYS B 217 -17.34 -9.49 -9.09
CA LYS B 217 -18.77 -9.56 -8.78
C LYS B 217 -19.20 -8.58 -7.69
N ILE B 218 -20.37 -8.01 -7.94
CA ILE B 218 -20.95 -7.01 -7.09
C ILE B 218 -21.92 -7.67 -6.12
N VAL B 219 -21.40 -8.25 -5.04
CA VAL B 219 -22.27 -8.88 -4.04
C VAL B 219 -22.79 -7.81 -3.08
N PRO B 220 -23.95 -8.05 -2.47
CA PRO B 220 -24.46 -7.12 -1.45
C PRO B 220 -23.53 -7.06 -0.24
N ARG B 221 -23.51 -5.93 0.47
CA ARG B 221 -22.59 -5.76 1.62
C ARG B 221 -23.00 -6.59 2.86
N ASP C 1 -13.08 20.14 8.48
CA ASP C 1 -12.23 21.37 8.65
C ASP C 1 -13.04 22.65 8.50
N ILE C 2 -12.48 23.77 8.92
CA ILE C 2 -13.18 25.05 8.92
C ILE C 2 -12.87 25.83 7.68
N VAL C 3 -13.92 26.22 6.95
CA VAL C 3 -13.74 26.94 5.71
C VAL C 3 -13.74 28.42 6.04
N LEU C 4 -12.72 29.15 5.60
CA LEU C 4 -12.63 30.59 5.79
C LEU C 4 -12.68 31.27 4.42
N THR C 5 -13.69 32.11 4.20
CA THR C 5 -13.96 32.63 2.89
C THR C 5 -13.34 34.03 2.83
N GLN C 6 -12.52 34.31 1.81
CA GLN C 6 -11.94 35.65 1.66
C GLN C 6 -12.60 36.50 0.56
N SER C 7 -12.81 37.78 0.86
CA SER C 7 -13.47 38.70 -0.08
C SER C 7 -12.83 40.08 -0.06
N PRO C 8 -12.45 40.61 -1.21
CA PRO C 8 -12.54 40.03 -2.53
C PRO C 8 -11.35 39.17 -2.85
N ALA C 9 -11.46 38.42 -3.94
CA ALA C 9 -10.37 37.60 -4.45
C ALA C 9 -9.18 38.50 -4.88
N SER C 10 -9.50 39.66 -5.45
CA SER C 10 -8.49 40.58 -5.96
C SER C 10 -8.83 42.03 -5.59
N LEU C 11 -7.87 42.93 -5.74
CA LEU C 11 -8.09 44.28 -5.26
C LEU C 11 -7.01 45.22 -5.86
N ALA C 12 -7.42 46.22 -6.65
CA ALA C 12 -6.46 47.17 -7.26
C ALA C 12 -6.76 48.62 -6.83
N VAL C 13 -5.90 49.19 -5.99
CA VAL C 13 -6.16 50.51 -5.42
C VAL C 13 -5.06 51.48 -5.78
N SER C 14 -5.31 52.77 -5.56
CA SER C 14 -4.30 53.80 -5.81
C SER C 14 -3.60 54.20 -4.51
N LEU C 15 -2.28 54.30 -4.53
CA LEU C 15 -1.57 54.83 -3.38
C LEU C 15 -2.44 55.93 -2.79
N GLY C 16 -2.61 55.89 -1.47
CA GLY C 16 -3.34 56.93 -0.76
C GLY C 16 -4.71 56.44 -0.30
N GLN C 17 -5.46 55.86 -1.24
CA GLN C 17 -6.73 55.24 -0.93
C GLN C 17 -6.61 54.30 0.26
N PRO C 18 -7.71 54.08 0.97
CA PRO C 18 -7.80 53.03 1.95
C PRO C 18 -8.38 51.77 1.33
N ALA C 19 -8.34 50.65 2.06
CA ALA C 19 -8.84 49.36 1.56
C ALA C 19 -9.26 48.41 2.69
N THR C 20 -9.98 47.32 2.35
CA THR C 20 -10.52 46.42 3.36
C THR C 20 -10.56 45.00 2.82
N ILE C 21 -10.15 44.04 3.66
CA ILE C 21 -10.33 42.64 3.31
C ILE C 21 -11.20 41.90 4.31
N SER C 22 -12.22 41.21 3.81
CA SER C 22 -13.10 40.45 4.66
C SER C 22 -12.73 39.00 4.69
N CYS C 23 -12.88 38.46 5.90
CA CYS C 23 -12.69 37.08 6.16
C CYS C 23 -13.89 36.64 7.02
N GLY C 24 -14.66 35.69 6.48
CA GLY C 24 -15.75 35.00 7.20
C GLY C 24 -15.42 33.52 7.47
N ALA C 25 -15.75 33.04 8.68
CA ALA C 25 -15.45 31.65 9.06
C ALA C 25 -16.68 30.72 8.93
N SER C 26 -16.46 29.45 8.66
CA SER C 26 -17.54 28.43 8.64
C SER C 26 -18.02 28.03 10.05
N LYS C 27 -17.50 28.69 11.07
CA LYS C 27 -17.73 28.26 12.41
C LYS C 27 -17.03 29.25 13.30
N SER C 28 -17.65 29.57 14.43
CA SER C 28 -17.07 30.57 15.33
C SER C 28 -15.58 30.28 15.56
N VAL C 29 -14.73 31.30 15.39
CA VAL C 29 -13.31 31.14 15.74
C VAL C 29 -12.91 31.78 17.12
N ARG C 30 -13.62 31.33 18.15
CA ARG C 30 -13.39 31.75 19.53
C ARG C 30 -13.19 30.50 20.41
N THR C 31 -12.01 30.27 20.99
CA THR C 31 -11.86 29.12 21.93
C THR C 31 -12.74 29.28 23.17
N SER C 32 -12.30 28.69 24.26
CA SER C 32 -12.66 29.16 25.55
C SER C 32 -11.47 29.98 26.03
N GLY C 33 -11.58 31.30 25.82
CA GLY C 33 -10.50 32.24 26.00
C GLY C 33 -10.53 33.23 24.84
N TYR C 34 -9.38 33.38 24.18
CA TYR C 34 -9.19 34.31 23.07
C TYR C 34 -9.78 33.80 21.74
N SER C 35 -9.60 34.57 20.66
CA SER C 35 -10.06 34.16 19.33
C SER C 35 -8.89 34.18 18.35
N TYR C 36 -8.45 33.02 17.93
CA TYR C 36 -7.12 32.92 17.34
C TYR C 36 -7.08 33.16 15.84
N MET C 37 -7.31 34.42 15.45
CA MET C 37 -7.37 34.84 14.05
C MET C 37 -6.15 35.66 13.67
N ASP C 38 -5.44 35.18 12.66
CA ASP C 38 -4.23 35.82 12.21
C ASP C 38 -4.38 36.35 10.80
N TRP C 39 -3.67 37.45 10.50
CA TRP C 39 -3.55 37.94 9.12
C TRP C 39 -2.12 37.87 8.64
N ASN C 40 -1.93 37.16 7.52
CA ASN C 40 -0.65 37.12 6.85
C ASN C 40 -0.67 37.95 5.55
N GLN C 41 0.52 38.45 5.18
CA GLN C 41 0.77 39.03 3.86
C GLN C 41 2.07 38.53 3.26
N GLN C 42 2.03 38.10 2.00
CA GLN C 42 3.22 37.64 1.35
C GLN C 42 3.57 38.48 0.13
N LYS C 43 4.49 39.44 0.32
CA LYS C 43 5.03 40.17 -0.82
C LYS C 43 5.56 39.13 -1.81
N PRO C 44 5.71 39.52 -3.08
CA PRO C 44 6.07 38.45 -3.99
C PRO C 44 7.54 38.16 -3.83
N GLY C 45 7.95 36.95 -4.20
CA GLY C 45 9.34 36.52 -4.02
C GLY C 45 9.77 36.53 -2.56
N GLN C 46 8.83 36.25 -1.64
CA GLN C 46 9.07 36.46 -0.22
C GLN C 46 8.41 35.41 0.66
N PRO C 47 8.95 35.19 1.87
CA PRO C 47 8.20 34.38 2.82
C PRO C 47 7.05 35.20 3.35
N PRO C 48 5.94 34.56 3.69
CA PRO C 48 4.89 35.30 4.39
C PRO C 48 5.42 36.04 5.60
N ARG C 49 4.75 37.13 5.95
CA ARG C 49 5.01 37.85 7.17
C ARG C 49 3.71 38.06 7.93
N ARG C 50 3.73 37.83 9.23
CA ARG C 50 2.50 37.94 10.03
C ARG C 50 2.28 39.37 10.41
N LEU C 51 1.15 39.91 9.94
CA LEU C 51 0.80 41.30 10.15
C LEU C 51 0.08 41.43 11.44
N ILE C 52 -0.93 40.59 11.66
CA ILE C 52 -1.80 40.69 12.83
C ILE C 52 -2.03 39.33 13.49
N TYR C 53 -2.04 39.33 14.82
CA TYR C 53 -2.40 38.13 15.58
C TYR C 53 -3.46 38.45 16.63
N LEU C 54 -4.28 37.45 16.95
CA LEU C 54 -5.40 37.56 17.90
C LEU C 54 -6.39 38.62 17.48
N VAL C 55 -6.79 38.54 16.22
CA VAL C 55 -7.83 39.42 15.61
C VAL C 55 -7.30 40.85 15.32
N SER C 56 -6.67 41.47 16.32
CA SER C 56 -6.39 42.92 16.29
C SER C 56 -5.06 43.38 16.89
N ASN C 57 -4.17 42.44 17.22
CA ASN C 57 -2.89 42.80 17.81
C ASN C 57 -1.81 42.88 16.77
N LEU C 58 -1.17 44.04 16.70
CA LEU C 58 -0.26 44.38 15.61
C LEU C 58 1.12 43.79 15.87
N GLU C 59 1.64 43.05 14.89
CA GLU C 59 2.97 42.43 14.99
C GLU C 59 4.04 43.49 15.01
N SER C 60 5.24 43.11 15.42
CA SER C 60 6.31 44.07 15.67
C SER C 60 6.91 44.55 14.39
N GLY C 61 6.90 45.87 14.22
CA GLY C 61 7.46 46.46 13.04
C GLY C 61 6.45 46.82 11.96
N VAL C 62 5.27 46.17 11.96
CA VAL C 62 4.29 46.51 10.94
C VAL C 62 3.61 47.86 11.27
N PRO C 63 3.44 48.71 10.25
CA PRO C 63 2.83 50.03 10.38
C PRO C 63 1.46 50.07 11.06
N ALA C 64 1.29 51.10 11.89
CA ALA C 64 0.00 51.62 12.33
C ALA C 64 -1.04 51.60 11.22
N ARG C 65 -0.59 51.46 9.98
CA ARG C 65 -1.50 51.51 8.84
C ARG C 65 -2.47 50.33 8.82
N PHE C 66 -2.00 49.19 9.31
CA PHE C 66 -2.84 48.01 9.34
C PHE C 66 -3.59 47.93 10.67
N SER C 67 -4.78 47.37 10.64
CA SER C 67 -5.54 47.22 11.84
C SER C 67 -6.57 46.21 11.56
N GLY C 68 -6.79 45.33 12.53
CA GLY C 68 -7.73 44.24 12.39
C GLY C 68 -8.86 44.35 13.40
N SER C 69 -10.06 43.94 13.00
CA SER C 69 -11.18 43.90 13.93
C SER C 69 -12.09 42.76 13.55
N GLY C 70 -13.08 42.48 14.43
CA GLY C 70 -14.05 41.42 14.21
C GLY C 70 -14.22 40.48 15.40
N SER C 71 -15.19 39.58 15.28
CA SER C 71 -15.45 38.61 16.32
C SER C 71 -16.21 37.41 15.70
N GLY C 72 -16.29 36.32 16.47
CA GLY C 72 -17.05 35.15 16.10
C GLY C 72 -16.74 34.63 14.72
N THR C 73 -17.51 35.07 13.75
CA THR C 73 -17.36 34.53 12.41
C THR C 73 -16.85 35.54 11.40
N ASP C 74 -16.79 36.81 11.81
CA ASP C 74 -16.51 37.93 10.90
C ASP C 74 -15.32 38.77 11.33
N PHE C 75 -14.41 39.01 10.39
CA PHE C 75 -13.24 39.81 10.66
C PHE C 75 -12.82 40.55 9.42
N THR C 76 -12.36 41.78 9.59
CA THR C 76 -11.78 42.52 8.49
C THR C 76 -10.35 42.98 8.79
N LEU C 77 -9.52 43.02 7.74
CA LEU C 77 -8.26 43.76 7.76
C LEU C 77 -8.35 45.07 6.95
N ASN C 78 -8.18 46.22 7.60
CA ASN C 78 -8.15 47.50 6.86
C ASN C 78 -6.73 48.02 6.65
N ILE C 79 -6.54 48.71 5.55
CA ILE C 79 -5.44 49.61 5.45
C ILE C 79 -5.99 50.98 5.04
N HIS C 80 -5.39 52.03 5.58
CA HIS C 80 -5.12 53.20 4.75
C HIS C 80 -4.20 54.15 5.41
N PRO C 81 -3.47 54.93 4.58
CA PRO C 81 -3.49 54.78 3.11
C PRO C 81 -2.64 53.62 2.59
N VAL C 82 -2.92 53.20 1.37
CA VAL C 82 -2.18 52.13 0.74
C VAL C 82 -0.87 52.65 0.21
N GLU C 83 0.20 51.87 0.41
CA GLU C 83 1.55 52.24 -0.03
C GLU C 83 2.06 51.28 -1.08
N GLU C 84 3.17 51.63 -1.71
CA GLU C 84 3.72 50.80 -2.78
C GLU C 84 4.14 49.42 -2.27
N GLU C 85 4.70 49.37 -1.07
CA GLU C 85 5.31 48.16 -0.52
C GLU C 85 4.29 47.17 -0.01
N ASP C 86 3.00 47.49 -0.17
CA ASP C 86 1.96 46.63 0.35
C ASP C 86 1.46 45.65 -0.70
N ALA C 87 1.82 45.88 -1.96
CA ALA C 87 1.61 44.87 -3.00
C ALA C 87 1.81 43.47 -2.41
N ALA C 88 0.92 42.54 -2.71
CA ALA C 88 1.02 41.24 -2.09
C ALA C 88 -0.28 40.47 -2.07
N THR C 89 -0.20 39.20 -1.72
CA THR C 89 -1.37 38.46 -1.36
C THR C 89 -1.55 38.49 0.14
N TYR C 90 -2.77 38.78 0.57
CA TYR C 90 -3.13 38.72 1.98
C TYR C 90 -3.94 37.44 2.31
N TYR C 91 -3.64 36.83 3.46
CA TYR C 91 -4.38 35.64 3.92
C TYR C 91 -4.80 35.81 5.35
N CYS C 92 -6.02 35.39 5.67
CA CYS C 92 -6.39 35.21 7.05
C CYS C 92 -6.21 33.74 7.35
N SER C 93 -5.77 33.43 8.57
CA SER C 93 -5.46 32.07 8.95
C SER C 93 -6.02 31.80 10.34
N HIS C 94 -6.93 30.83 10.48
CA HIS C 94 -7.54 30.57 11.78
C HIS C 94 -6.74 29.52 12.56
N ILE C 95 -6.63 29.72 13.87
CA ILE C 95 -5.88 28.81 14.72
C ILE C 95 -6.68 28.42 15.93
N ARG C 96 -7.94 28.84 15.95
CA ARG C 96 -8.84 28.46 17.04
C ARG C 96 -9.09 26.97 17.05
N GLU C 97 -9.03 26.28 15.92
CA GLU C 97 -9.27 24.83 15.94
C GLU C 97 -8.42 24.00 14.97
N LEU C 98 -7.86 22.85 15.39
CA LEU C 98 -7.04 22.08 14.45
C LEU C 98 -7.92 21.28 13.47
N PRO C 99 -7.48 21.10 12.22
CA PRO C 99 -6.36 21.78 11.55
C PRO C 99 -6.57 23.28 11.35
N ARG C 100 -5.49 24.02 11.36
CA ARG C 100 -5.58 25.43 11.05
C ARG C 100 -5.60 25.61 9.52
N SER C 101 -6.36 26.61 9.06
CA SER C 101 -6.68 26.71 7.63
C SER C 101 -6.78 28.16 7.18
N SER C 102 -6.56 28.42 5.88
CA SER C 102 -6.38 29.79 5.40
C SER C 102 -7.38 30.15 4.33
N GLY C 103 -7.66 31.45 4.20
CA GLY C 103 -8.46 31.98 3.10
C GLY C 103 -7.71 31.72 1.80
N GLY C 104 -8.45 31.56 0.70
CA GLY C 104 -7.84 31.34 -0.61
C GLY C 104 -7.01 32.54 -1.03
N GLY C 105 -6.97 33.54 -0.16
CA GLY C 105 -6.07 34.70 -0.30
C GLY C 105 -6.71 35.90 -0.94
N THR C 106 -6.11 37.08 -0.75
CA THR C 106 -6.56 38.28 -1.45
C THR C 106 -5.40 38.99 -2.11
N LYS C 107 -5.44 39.11 -3.42
CA LYS C 107 -4.35 39.69 -4.17
C LYS C 107 -4.46 41.21 -4.26
N LEU C 108 -3.49 41.91 -3.67
CA LEU C 108 -3.43 43.36 -3.73
C LEU C 108 -2.54 43.92 -4.87
N GLU C 109 -3.18 44.62 -5.78
CA GLU C 109 -2.51 45.29 -6.86
C GLU C 109 -2.40 46.78 -6.51
N ILE C 110 -1.53 47.51 -7.18
CA ILE C 110 -1.33 48.93 -6.86
C ILE C 110 -1.56 49.75 -8.09
N LYS C 111 -2.54 50.66 -8.03
CA LYS C 111 -2.91 51.48 -9.18
C LYS C 111 -2.00 52.68 -9.23
N ARG C 112 -1.39 52.91 -10.39
CA ARG C 112 -0.68 54.16 -10.65
C ARG C 112 -0.94 54.61 -12.07
N ALA C 113 -0.39 55.74 -12.46
CA ALA C 113 -0.64 56.29 -13.77
C ALA C 113 -0.09 55.36 -14.85
N ASP C 114 -0.99 54.90 -15.70
CA ASP C 114 -0.62 54.21 -16.93
C ASP C 114 0.78 54.56 -17.45
N ALA C 115 1.56 53.56 -17.80
CA ALA C 115 2.80 53.81 -18.50
C ALA C 115 2.85 52.84 -19.67
N ALA C 116 3.43 53.29 -20.78
CA ALA C 116 3.51 52.47 -21.98
C ALA C 116 4.82 51.68 -21.94
N PRO C 117 4.82 50.42 -22.36
CA PRO C 117 6.06 49.69 -22.26
C PRO C 117 7.21 50.33 -23.05
N THR C 118 8.42 50.26 -22.49
CA THR C 118 9.64 50.33 -23.28
C THR C 118 9.92 48.95 -23.89
N VAL C 119 9.98 48.90 -25.22
CA VAL C 119 9.97 47.66 -25.99
C VAL C 119 11.19 47.57 -26.91
N SER C 120 11.97 46.49 -26.78
CA SER C 120 13.22 46.27 -27.56
C SER C 120 13.28 44.83 -28.02
N ILE C 121 13.76 44.63 -29.26
CA ILE C 121 13.74 43.29 -29.89
C ILE C 121 15.17 42.73 -30.05
N PHE C 122 15.29 41.41 -29.96
CA PHE C 122 16.61 40.79 -30.09
C PHE C 122 16.66 39.58 -31.06
N PRO C 123 17.47 39.69 -32.14
CA PRO C 123 17.71 38.57 -33.04
C PRO C 123 18.44 37.44 -32.28
N PRO C 124 18.36 36.21 -32.79
CA PRO C 124 19.04 35.12 -32.10
C PRO C 124 20.56 35.26 -32.27
N SER C 125 21.32 34.93 -31.22
CA SER C 125 22.80 35.05 -31.25
C SER C 125 23.47 34.09 -32.24
N SER C 126 24.63 34.46 -32.78
CA SER C 126 25.49 33.52 -33.52
C SER C 126 25.58 32.16 -32.80
N GLU C 127 25.80 32.25 -31.49
CA GLU C 127 25.81 31.10 -30.65
C GLU C 127 24.65 30.12 -30.88
N GLN C 128 23.43 30.57 -30.62
CA GLN C 128 22.30 29.66 -30.56
C GLN C 128 22.09 28.97 -31.88
N LEU C 129 22.39 29.70 -32.96
CA LEU C 129 22.34 29.15 -34.31
C LEU C 129 23.33 28.01 -34.58
N THR C 130 24.23 27.74 -33.63
CA THR C 130 25.12 26.59 -33.74
C THR C 130 24.47 25.37 -33.12
N SER C 131 23.52 25.60 -32.20
CA SER C 131 22.81 24.48 -31.54
C SER C 131 21.53 24.12 -32.28
N GLY C 132 21.43 24.59 -33.52
CA GLY C 132 20.42 24.13 -34.46
C GLY C 132 19.04 24.72 -34.24
N GLY C 133 18.92 25.59 -33.21
CA GLY C 133 17.64 26.23 -32.88
C GLY C 133 17.77 27.74 -32.87
N ALA C 134 16.64 28.45 -32.85
CA ALA C 134 16.64 29.93 -32.87
C ALA C 134 15.52 30.63 -32.06
N SER C 135 15.92 31.65 -31.32
CA SER C 135 15.02 32.33 -30.42
C SER C 135 15.06 33.83 -30.62
N VAL C 136 13.87 34.39 -30.90
CA VAL C 136 13.73 35.82 -31.08
C VAL C 136 13.12 36.35 -29.83
N VAL C 137 13.72 37.39 -29.28
CA VAL C 137 13.33 37.84 -27.93
C VAL C 137 12.82 39.25 -27.90
N CYS C 138 11.66 39.43 -27.28
CA CYS C 138 11.07 40.73 -27.15
C CYS C 138 10.90 41.06 -25.67
N PHE C 139 11.50 42.16 -25.20
CA PHE C 139 11.28 42.66 -23.83
C PHE C 139 10.38 43.91 -23.82
N LEU C 140 9.43 43.92 -22.88
CA LEU C 140 8.51 45.00 -22.71
C LEU C 140 8.61 45.48 -21.29
N ASN C 141 9.36 46.54 -21.07
CA ASN C 141 9.66 46.90 -19.72
C ASN C 141 8.89 48.05 -19.15
N ASN C 142 8.58 47.89 -17.85
CA ASN C 142 8.03 48.93 -16.96
C ASN C 142 6.76 49.56 -17.47
N PHE C 143 5.74 48.74 -17.67
CA PHE C 143 4.44 49.28 -18.07
C PHE C 143 3.36 49.04 -17.01
N TYR C 144 2.28 49.78 -17.19
CA TYR C 144 1.12 49.59 -16.38
C TYR C 144 -0.10 49.99 -17.17
N PRO C 145 -1.20 49.20 -17.07
CA PRO C 145 -1.39 48.02 -16.22
C PRO C 145 -0.91 46.72 -16.89
N LYS C 146 -1.04 45.55 -16.23
CA LYS C 146 -0.43 44.31 -16.75
C LYS C 146 -1.09 43.81 -18.05
N ASP C 147 -2.34 44.19 -18.24
CA ASP C 147 -3.06 43.93 -19.48
C ASP C 147 -2.28 44.36 -20.73
N ILE C 148 -1.92 43.37 -21.54
CA ILE C 148 -1.11 43.61 -22.71
C ILE C 148 -1.05 42.39 -23.57
N ASN C 149 -1.27 42.61 -24.84
CA ASN C 149 -1.31 41.57 -25.80
C ASN C 149 -0.14 41.80 -26.74
N VAL C 150 0.67 40.77 -26.96
CA VAL C 150 1.76 40.79 -27.95
C VAL C 150 1.49 39.84 -29.13
N LYS C 151 1.77 40.33 -30.34
CA LYS C 151 1.54 39.61 -31.57
C LYS C 151 2.88 39.53 -32.26
N TRP C 152 3.22 38.36 -32.80
CA TRP C 152 4.45 38.22 -33.57
C TRP C 152 4.10 38.07 -35.05
N LYS C 153 4.91 38.69 -35.91
CA LYS C 153 4.70 38.61 -37.37
C LYS C 153 6.00 38.34 -38.11
N ILE C 154 5.94 37.43 -39.08
CA ILE C 154 7.10 37.02 -39.85
C ILE C 154 6.80 37.23 -41.31
N ASP C 155 7.69 37.91 -42.00
CA ASP C 155 7.39 38.42 -43.35
C ASP C 155 5.94 38.93 -43.41
N GLY C 156 5.48 39.56 -42.32
CA GLY C 156 4.19 40.24 -42.31
C GLY C 156 3.03 39.37 -41.88
N SER C 157 3.17 38.05 -42.05
CA SER C 157 2.20 37.11 -41.54
C SER C 157 2.35 36.80 -40.05
N GLU C 158 1.22 36.62 -39.38
CA GLU C 158 1.18 36.32 -37.97
C GLU C 158 1.71 34.93 -37.74
N ARG C 159 2.30 34.73 -36.56
CA ARG C 159 2.80 33.43 -36.12
C ARG C 159 2.40 33.21 -34.65
N GLN C 160 1.99 31.98 -34.31
CA GLN C 160 1.43 31.70 -32.98
C GLN C 160 2.11 30.54 -32.29
N ASN C 161 2.45 29.52 -33.06
CA ASN C 161 3.23 28.42 -32.54
C ASN C 161 4.62 28.89 -32.17
N GLY C 162 5.11 28.37 -31.05
CA GLY C 162 6.47 28.63 -30.63
C GLY C 162 6.65 29.89 -29.81
N VAL C 163 5.54 30.48 -29.35
CA VAL C 163 5.60 31.72 -28.59
C VAL C 163 5.31 31.47 -27.11
N LEU C 164 6.26 31.90 -26.27
CA LEU C 164 6.09 31.88 -24.82
C LEU C 164 6.27 33.28 -24.25
N ASN C 165 5.45 33.62 -23.25
CA ASN C 165 5.50 34.93 -22.63
C ASN C 165 5.66 34.76 -21.12
N SER C 166 6.37 35.68 -20.46
CA SER C 166 6.52 35.64 -19.00
C SER C 166 6.44 37.02 -18.37
N TRP C 167 5.64 37.16 -17.31
CA TRP C 167 5.44 38.45 -16.69
C TRP C 167 6.12 38.43 -15.36
N THR C 168 6.80 39.53 -15.01
CA THR C 168 7.32 39.71 -13.68
C THR C 168 6.13 39.93 -12.80
N ASP C 169 6.30 39.78 -11.49
CA ASP C 169 5.31 40.24 -10.52
C ASP C 169 5.32 41.79 -10.55
N GLN C 170 4.36 42.43 -9.90
CA GLN C 170 4.39 43.89 -9.78
C GLN C 170 5.62 44.35 -9.01
N ASP C 171 6.25 45.44 -9.46
CA ASP C 171 7.48 46.01 -8.84
C ASP C 171 7.16 46.80 -7.56
N SER C 172 7.91 46.55 -6.49
CA SER C 172 7.70 47.31 -5.22
C SER C 172 8.07 48.81 -5.29
N LYS C 173 8.93 49.17 -6.24
CA LYS C 173 9.53 50.52 -6.24
C LYS C 173 8.92 51.52 -7.25
N ASP C 174 8.06 51.04 -8.15
CA ASP C 174 7.47 51.90 -9.18
C ASP C 174 6.15 51.36 -9.65
N SER C 175 5.76 50.21 -9.11
CA SER C 175 4.46 49.59 -9.38
C SER C 175 4.28 49.19 -10.85
N THR C 176 5.37 48.99 -11.56
CA THR C 176 5.28 48.50 -12.93
C THR C 176 5.34 46.98 -13.05
N TYR C 177 4.95 46.51 -14.22
CA TYR C 177 5.11 45.14 -14.61
C TYR C 177 6.05 45.19 -15.77
N SER C 178 6.76 44.10 -15.99
CA SER C 178 7.53 43.94 -17.18
C SER C 178 7.30 42.54 -17.74
N MET C 179 7.66 42.33 -19.00
CA MET C 179 7.35 41.07 -19.65
C MET C 179 8.30 40.76 -20.80
N SER C 180 8.64 39.47 -20.92
CA SER C 180 9.41 38.97 -22.04
C SER C 180 8.50 38.13 -22.89
N SER C 181 8.75 38.14 -24.19
CA SER C 181 8.02 37.31 -25.15
C SER C 181 9.02 36.64 -26.05
N THR C 182 8.94 35.33 -26.17
CA THR C 182 9.96 34.61 -26.90
C THR C 182 9.40 33.70 -28.02
N LEU C 183 9.92 33.87 -29.23
CA LEU C 183 9.53 33.04 -30.34
C LEU C 183 10.65 32.07 -30.65
N THR C 184 10.35 30.80 -30.53
CA THR C 184 11.37 29.83 -30.76
C THR C 184 10.99 28.98 -31.94
N LEU C 185 11.93 28.90 -32.88
CA LEU C 185 11.80 28.09 -34.08
C LEU C 185 13.13 27.46 -34.34
N THR C 186 13.14 26.47 -35.22
CA THR C 186 14.37 25.79 -35.61
C THR C 186 15.28 26.78 -36.36
N LYS C 187 16.57 26.47 -36.45
CA LYS C 187 17.54 27.25 -37.28
C LYS C 187 17.09 27.40 -38.74
N ASP C 188 16.68 26.29 -39.35
CA ASP C 188 16.31 26.26 -40.78
C ASP C 188 15.10 27.13 -41.10
N GLU C 189 14.08 27.04 -40.26
CA GLU C 189 12.95 27.95 -40.34
C GLU C 189 13.39 29.42 -40.23
N TYR C 190 14.25 29.73 -39.27
CA TYR C 190 14.70 31.13 -39.03
C TYR C 190 15.24 31.77 -40.30
N GLU C 191 15.95 30.97 -41.09
CA GLU C 191 16.62 31.44 -42.30
C GLU C 191 15.76 31.36 -43.57
N ARG C 192 14.53 30.87 -43.45
CA ARG C 192 13.61 30.90 -44.56
C ARG C 192 12.91 32.27 -44.68
N HIS C 193 13.16 33.17 -43.72
CA HIS C 193 12.39 34.43 -43.60
C HIS C 193 13.26 35.63 -43.24
N ASN C 194 12.86 36.82 -43.68
CA ASN C 194 13.67 38.00 -43.37
C ASN C 194 13.12 38.86 -42.25
N SER C 195 11.82 39.11 -42.28
CA SER C 195 11.21 40.08 -41.42
C SER C 195 10.68 39.46 -40.11
N TYR C 196 11.06 40.05 -38.98
CA TYR C 196 10.57 39.60 -37.69
C TYR C 196 10.07 40.77 -36.91
N THR C 197 8.84 40.65 -36.41
CA THR C 197 8.16 41.76 -35.82
C THR C 197 7.40 41.33 -34.57
N CYS C 198 7.65 42.07 -33.49
CA CYS C 198 6.95 41.92 -32.23
C CYS C 198 6.00 43.14 -32.02
N GLU C 199 4.73 42.87 -31.71
CA GLU C 199 3.71 43.93 -31.65
C GLU C 199 3.05 43.98 -30.32
N ALA C 200 3.22 45.08 -29.62
CA ALA C 200 2.59 45.22 -28.34
C ALA C 200 1.37 46.14 -28.47
N THR C 201 0.19 45.70 -28.02
CA THR C 201 -0.98 46.59 -27.89
C THR C 201 -1.42 46.80 -26.42
N HIS C 202 -1.31 48.04 -25.94
CA HIS C 202 -1.54 48.39 -24.54
C HIS C 202 -2.49 49.59 -24.41
N LYS C 203 -3.25 49.66 -23.32
CA LYS C 203 -4.32 50.65 -23.23
C LYS C 203 -3.81 52.08 -23.24
N THR C 204 -2.50 52.24 -23.38
CA THR C 204 -1.91 53.57 -23.51
C THR C 204 -1.83 54.05 -24.96
N SER C 205 -2.52 53.37 -25.89
CA SER C 205 -2.47 53.77 -27.31
C SER C 205 -3.33 52.89 -28.19
N THR C 206 -3.85 53.49 -29.26
CA THR C 206 -4.71 52.76 -30.20
C THR C 206 -3.87 51.85 -31.10
N SER C 207 -2.78 52.40 -31.63
CA SER C 207 -1.79 51.62 -32.38
C SER C 207 -0.80 50.88 -31.45
N PRO C 208 -0.39 49.66 -31.86
CA PRO C 208 0.73 48.93 -31.25
C PRO C 208 2.06 49.71 -31.24
N ILE C 209 2.88 49.47 -30.23
CA ILE C 209 4.31 49.71 -30.35
C ILE C 209 4.87 48.54 -31.15
N VAL C 210 5.51 48.85 -32.25
CA VAL C 210 5.95 47.84 -33.18
C VAL C 210 7.44 47.77 -33.07
N LYS C 211 8.01 46.58 -32.88
CA LYS C 211 9.49 46.39 -32.88
C LYS C 211 9.99 45.23 -33.75
N SER C 212 10.94 45.55 -34.64
CA SER C 212 11.35 44.65 -35.75
C SER C 212 12.81 44.75 -36.20
N PHE C 213 13.31 43.66 -36.77
CA PHE C 213 14.62 43.67 -37.45
C PHE C 213 14.58 42.87 -38.72
N ASN C 214 15.60 43.02 -39.54
CA ASN C 214 15.73 42.23 -40.73
C ASN C 214 16.94 41.33 -40.63
N ARG C 215 16.73 40.04 -40.86
CA ARG C 215 17.79 39.07 -40.80
C ARG C 215 18.95 39.46 -41.74
N VAL D 1 16.13 36.96 14.81
CA VAL D 1 16.92 37.17 13.55
C VAL D 1 16.64 35.99 12.55
N GLN D 2 17.62 35.64 11.70
CA GLN D 2 17.41 34.71 10.54
C GLN D 2 16.89 33.27 10.86
N LEU D 3 15.84 32.86 10.17
CA LEU D 3 15.51 31.46 9.97
C LEU D 3 16.00 31.03 8.58
N GLN D 4 17.07 30.25 8.55
CA GLN D 4 17.68 29.74 7.32
C GLN D 4 17.15 28.37 6.99
N GLN D 5 16.67 28.18 5.76
CA GLN D 5 16.20 26.86 5.27
C GLN D 5 17.14 26.27 4.24
N SER D 6 17.24 24.95 4.19
CA SER D 6 18.13 24.27 3.24
C SER D 6 17.76 24.62 1.79
N GLY D 7 18.64 24.28 0.85
CA GLY D 7 18.50 24.67 -0.57
C GLY D 7 17.49 23.87 -1.35
N ALA D 8 17.36 24.16 -2.63
CA ALA D 8 16.25 23.65 -3.45
C ALA D 8 16.46 22.20 -3.81
N GLU D 9 15.37 21.45 -3.82
CA GLU D 9 15.42 20.01 -4.06
C GLU D 9 14.70 19.51 -5.33
N LEU D 10 15.44 18.72 -6.11
CA LEU D 10 14.90 17.85 -7.15
C LEU D 10 14.99 16.46 -6.60
N VAL D 11 13.86 15.76 -6.65
CA VAL D 11 13.74 14.44 -6.05
C VAL D 11 12.80 13.56 -6.87
N ARG D 12 13.18 12.30 -7.04
CA ARG D 12 12.45 11.42 -7.93
C ARG D 12 11.11 10.98 -7.35
N SER D 13 10.19 10.55 -8.21
CA SER D 13 8.92 10.07 -7.71
C SER D 13 9.09 8.79 -6.93
N GLY D 14 8.63 8.81 -5.68
CA GLY D 14 8.70 7.65 -4.80
C GLY D 14 9.79 7.81 -3.75
N ALA D 15 10.72 8.73 -4.02
CA ALA D 15 11.84 8.98 -3.11
C ALA D 15 11.37 9.69 -1.85
N SER D 16 12.28 9.93 -0.92
CA SER D 16 11.98 10.80 0.20
C SER D 16 12.95 11.96 0.23
N VAL D 17 12.61 12.99 1.00
CA VAL D 17 13.52 14.11 1.18
C VAL D 17 13.38 14.76 2.55
N LYS D 18 14.54 15.19 3.08
CA LYS D 18 14.62 15.88 4.37
C LYS D 18 15.06 17.35 4.18
N LEU D 19 14.21 18.27 4.63
CA LEU D 19 14.52 19.70 4.59
C LEU D 19 14.86 20.18 5.98
N SER D 20 15.78 21.11 6.06
CA SER D 20 16.19 21.60 7.34
C SER D 20 15.78 23.04 7.44
N CYS D 21 15.72 23.53 8.67
CA CYS D 21 15.40 24.91 8.92
C CYS D 21 16.12 25.26 10.17
N THR D 22 17.13 26.12 10.04
CA THR D 22 18.01 26.41 11.15
C THR D 22 17.99 27.86 11.68
N ALA D 23 17.91 27.98 12.99
CA ALA D 23 17.66 29.27 13.63
C ALA D 23 18.93 29.90 14.12
N SER D 24 18.88 31.22 14.33
CA SER D 24 20.01 32.00 14.90
C SER D 24 19.47 33.24 15.58
N GLY D 25 19.94 33.51 16.79
CA GLY D 25 19.43 34.62 17.59
C GLY D 25 18.10 34.29 18.26
N PHE D 26 17.74 33.00 18.30
CA PHE D 26 16.68 32.54 19.20
C PHE D 26 16.66 31.02 19.40
N ASN D 27 16.05 30.60 20.52
CA ASN D 27 15.88 29.18 20.83
C ASN D 27 14.60 28.54 20.26
N ILE D 28 14.85 27.47 19.53
CA ILE D 28 13.80 26.63 18.98
C ILE D 28 12.81 26.03 20.02
N LYS D 29 13.30 25.73 21.22
CA LYS D 29 12.45 25.22 22.31
C LYS D 29 11.60 26.31 22.97
N ASP D 30 11.72 27.55 22.49
CA ASP D 30 10.77 28.58 22.90
C ASP D 30 9.63 28.72 21.90
N TYR D 31 9.64 27.92 20.84
CA TYR D 31 8.64 28.09 19.80
C TYR D 31 7.98 26.83 19.43
N TYR D 32 6.90 26.97 18.68
CA TYR D 32 6.40 25.92 17.87
C TYR D 32 7.00 26.14 16.50
N MET D 33 7.72 25.14 16.03
CA MET D 33 8.20 25.20 14.68
C MET D 33 7.12 24.55 13.76
N TYR D 34 6.57 25.36 12.85
CA TYR D 34 5.46 24.96 11.95
C TYR D 34 5.97 24.80 10.54
N TRP D 35 5.23 24.07 9.70
CA TRP D 35 5.58 23.98 8.29
C TRP D 35 4.38 24.27 7.40
N VAL D 36 4.63 25.02 6.32
CA VAL D 36 3.57 25.46 5.42
C VAL D 36 3.93 25.14 3.96
N LYS D 37 2.91 24.79 3.17
CA LYS D 37 3.08 24.40 1.79
C LYS D 37 2.40 25.44 0.92
N LEU D 38 3.20 26.11 0.09
CA LEU D 38 2.65 27.01 -0.87
C LEU D 38 2.74 26.36 -2.21
N ARG D 39 1.61 26.09 -2.82
CA ARG D 39 1.62 25.57 -4.14
C ARG D 39 1.37 26.65 -5.13
N PRO D 40 1.97 26.49 -6.33
CA PRO D 40 1.83 27.46 -7.40
C PRO D 40 0.36 27.63 -7.64
N GLU D 41 -0.11 28.87 -7.46
CA GLU D 41 -1.52 29.17 -7.71
C GLU D 41 -2.48 28.37 -6.77
N GLN D 42 -2.05 28.07 -5.54
CA GLN D 42 -3.02 27.60 -4.52
C GLN D 42 -3.06 28.35 -3.19
N GLY D 43 -1.97 28.97 -2.79
CA GLY D 43 -1.98 29.61 -1.49
C GLY D 43 -1.46 28.62 -0.48
N LEU D 44 -1.90 28.75 0.76
CA LEU D 44 -1.12 28.19 1.84
C LEU D 44 -1.83 27.09 2.63
N GLU D 45 -1.17 25.93 2.70
CA GLU D 45 -1.66 24.77 3.48
C GLU D 45 -0.81 24.71 4.72
N TRP D 46 -1.43 24.55 5.88
CA TRP D 46 -0.66 24.24 7.07
C TRP D 46 -0.42 22.76 7.12
N ILE D 47 0.81 22.36 7.47
CA ILE D 47 1.20 20.97 7.52
C ILE D 47 1.14 20.49 8.96
N GLY D 48 1.57 21.35 9.88
CA GLY D 48 1.56 21.00 11.31
C GLY D 48 2.67 21.64 12.12
N TRP D 49 3.03 21.03 13.25
CA TRP D 49 3.96 21.62 14.21
C TRP D 49 4.79 20.63 15.02
N ILE D 50 6.00 21.06 15.36
CA ILE D 50 6.79 20.36 16.36
C ILE D 50 6.97 21.29 17.55
N ASP D 51 6.93 20.74 18.76
CA ASP D 51 7.38 21.49 19.91
C ASP D 51 8.72 20.97 20.36
N PRO D 52 9.77 21.69 19.96
CA PRO D 52 11.17 21.30 20.16
C PRO D 52 11.52 21.07 21.61
N GLU D 53 10.78 21.70 22.50
CA GLU D 53 11.06 21.57 23.89
C GLU D 53 10.73 20.20 24.45
N ASN D 54 9.90 19.44 23.75
CA ASN D 54 9.50 18.13 24.28
C ASN D 54 9.25 17.09 23.22
N GLY D 55 9.38 17.50 21.97
CA GLY D 55 9.26 16.59 20.82
C GLY D 55 7.83 16.26 20.40
N ASP D 56 6.84 16.87 21.05
CA ASP D 56 5.46 16.74 20.59
C ASP D 56 5.39 17.20 19.12
N THR D 57 4.52 16.53 18.35
CA THR D 57 4.28 16.88 16.96
C THR D 57 2.83 16.59 16.68
N GLU D 58 2.21 17.40 15.84
CA GLU D 58 0.87 17.13 15.44
C GLU D 58 0.80 17.48 14.02
N TYR D 59 0.25 16.57 13.24
CA TYR D 59 0.11 16.78 11.84
C TYR D 59 -1.35 16.99 11.47
N VAL D 60 -1.57 17.88 10.53
CA VAL D 60 -2.87 18.05 9.89
C VAL D 60 -3.19 16.73 9.17
N PRO D 61 -4.43 16.23 9.28
CA PRO D 61 -4.84 14.88 8.83
C PRO D 61 -4.56 14.46 7.38
N THR D 62 -4.42 15.40 6.44
CA THR D 62 -4.12 15.02 5.03
C THR D 62 -2.65 14.74 4.85
N PHE D 63 -1.90 15.00 5.89
CA PHE D 63 -0.46 14.91 5.84
C PHE D 63 0.10 13.76 6.67
N GLN D 64 -0.79 13.04 7.36
CA GLN D 64 -0.32 11.94 8.19
C GLN D 64 0.15 10.72 7.41
N GLY D 65 1.21 10.10 7.91
CA GLY D 65 1.94 9.06 7.16
C GLY D 65 2.75 9.64 5.99
N LYS D 66 2.52 10.92 5.69
CA LYS D 66 3.18 11.55 4.57
C LYS D 66 4.37 12.42 5.03
N VAL D 67 4.38 12.79 6.31
CA VAL D 67 5.43 13.68 6.84
C VAL D 67 5.96 13.22 8.20
N THR D 68 7.23 13.55 8.48
CA THR D 68 7.84 13.35 9.80
C THR D 68 8.64 14.59 10.17
N MET D 69 8.32 15.19 11.31
CA MET D 69 8.94 16.45 11.75
C MET D 69 9.78 16.13 12.96
N THR D 70 10.94 16.76 13.07
CA THR D 70 11.90 16.39 14.10
C THR D 70 12.84 17.54 14.42
N ALA D 71 13.21 17.72 15.68
CA ALA D 71 14.05 18.87 16.04
C ALA D 71 15.40 18.47 16.62
N ASP D 72 16.43 19.25 16.32
CA ASP D 72 17.71 19.05 16.93
C ASP D 72 18.01 20.32 17.77
N THR D 73 17.63 20.27 19.04
CA THR D 73 17.84 21.43 19.93
C THR D 73 19.32 21.76 20.07
N SER D 74 20.18 20.77 19.92
CA SER D 74 21.61 20.98 20.11
C SER D 74 22.23 21.80 19.02
N SER D 75 21.63 21.81 17.83
CA SER D 75 22.10 22.67 16.76
C SER D 75 21.02 23.68 16.35
N ASN D 76 19.90 23.67 17.06
CA ASN D 76 18.94 24.72 16.84
C ASN D 76 18.29 24.59 15.46
N THR D 77 17.81 23.40 15.15
CA THR D 77 17.41 23.03 13.79
C THR D 77 16.14 22.19 13.77
N ALA D 78 15.22 22.56 12.88
CA ALA D 78 14.02 21.76 12.65
C ALA D 78 14.09 21.12 11.28
N TYR D 79 13.46 19.96 11.16
CA TYR D 79 13.71 19.08 10.06
C TYR D 79 12.39 18.60 9.56
N LEU D 80 12.19 18.61 8.26
CA LEU D 80 10.94 18.13 7.71
C LEU D 80 11.18 17.01 6.67
N GLN D 81 10.75 15.81 7.03
CA GLN D 81 10.91 14.66 6.16
C GLN D 81 9.63 14.40 5.44
N LEU D 82 9.66 14.53 4.13
CA LEU D 82 8.54 14.16 3.31
C LEU D 82 8.80 12.77 2.71
N SER D 83 7.77 11.93 2.64
CA SER D 83 7.96 10.53 2.30
C SER D 83 7.37 10.20 0.94
N SER D 84 8.05 9.34 0.18
CA SER D 84 7.58 8.80 -1.13
C SER D 84 6.72 9.77 -1.99
N LEU D 85 7.39 10.79 -2.53
CA LEU D 85 6.74 11.89 -3.18
C LEU D 85 5.90 11.55 -4.41
N THR D 86 4.90 12.41 -4.66
CA THR D 86 4.15 12.46 -5.91
C THR D 86 4.20 13.91 -6.38
N SER D 87 3.67 14.22 -7.57
CA SER D 87 3.76 15.61 -8.05
C SER D 87 2.89 16.56 -7.26
N GLU D 88 1.94 16.00 -6.50
CA GLU D 88 1.18 16.77 -5.51
C GLU D 88 2.11 17.48 -4.59
N ASP D 89 3.22 16.84 -4.24
CA ASP D 89 4.14 17.35 -3.22
C ASP D 89 5.06 18.43 -3.75
N THR D 90 5.06 18.60 -5.07
CA THR D 90 5.84 19.61 -5.75
C THR D 90 5.28 20.96 -5.35
N ALA D 91 6.10 21.75 -4.63
CA ALA D 91 5.68 23.01 -3.99
C ALA D 91 6.85 23.69 -3.29
N VAL D 92 6.70 24.95 -2.88
CA VAL D 92 7.64 25.52 -1.94
C VAL D 92 7.16 25.24 -0.53
N TYR D 93 8.09 24.85 0.34
CA TYR D 93 7.81 24.51 1.72
C TYR D 93 8.43 25.56 2.66
N TYR D 94 7.71 25.97 3.69
CA TYR D 94 8.20 27.05 4.62
C TYR D 94 8.15 26.64 6.09
N CYS D 95 9.27 26.81 6.82
CA CYS D 95 9.22 26.66 8.30
C CYS D 95 8.88 28.03 8.85
N ASN D 96 8.07 28.05 9.90
CA ASN D 96 7.71 29.28 10.58
C ASN D 96 7.76 28.97 12.03
N ALA D 97 8.68 29.58 12.74
CA ALA D 97 8.67 29.57 14.18
C ALA D 97 7.54 30.47 14.59
N GLY D 98 6.92 30.15 15.72
CA GLY D 98 5.82 30.97 16.19
C GLY D 98 5.42 30.57 17.58
N VAL D 99 5.04 31.57 18.36
CA VAL D 99 4.47 31.31 19.65
C VAL D 99 3.63 32.53 20.06
N ILE D 100 2.55 32.24 20.77
CA ILE D 100 1.85 33.23 21.55
C ILE D 100 2.24 32.86 22.96
N THR D 101 2.77 33.84 23.69
CA THR D 101 3.12 33.65 25.10
C THR D 101 1.85 33.79 25.94
N MET D 102 1.97 34.30 27.18
CA MET D 102 0.85 34.26 28.12
C MET D 102 1.12 35.12 29.34
N GLN D 106 3.57 40.25 23.60
CA GLN D 106 4.42 40.21 22.40
C GLN D 106 4.64 38.78 21.92
N ALA D 107 3.72 38.30 21.07
CA ALA D 107 3.96 37.09 20.28
C ALA D 107 5.20 37.29 19.42
N MET D 108 5.85 36.20 19.01
CA MET D 108 6.87 36.29 17.94
C MET D 108 6.48 35.44 16.76
N ASP D 109 6.92 35.88 15.57
CA ASP D 109 6.63 35.14 14.37
C ASP D 109 7.70 35.32 13.29
N TYR D 110 8.55 34.29 13.12
CA TYR D 110 9.60 34.31 12.09
C TYR D 110 9.34 33.31 10.96
N TRP D 111 9.92 33.57 9.80
CA TRP D 111 9.79 32.69 8.66
C TRP D 111 11.15 32.51 8.01
N GLY D 112 11.39 31.29 7.53
CA GLY D 112 12.52 31.03 6.67
C GLY D 112 12.21 31.53 5.29
N GLN D 113 13.20 31.50 4.41
CA GLN D 113 13.00 31.95 3.05
C GLN D 113 12.20 30.91 2.23
N GLY D 114 12.26 29.64 2.65
CA GLY D 114 11.51 28.56 1.98
C GLY D 114 12.37 27.60 1.17
N THR D 115 11.93 26.35 1.07
CA THR D 115 12.60 25.40 0.22
C THR D 115 11.66 24.98 -0.90
N THR D 116 12.15 25.05 -2.11
CA THR D 116 11.41 24.56 -3.25
C THR D 116 11.64 23.04 -3.42
N VAL D 117 10.56 22.30 -3.67
CA VAL D 117 10.67 20.85 -3.93
C VAL D 117 10.12 20.52 -5.31
N THR D 118 11.01 20.10 -6.22
CA THR D 118 10.58 19.68 -7.54
C THR D 118 10.63 18.15 -7.68
N THR D 119 9.47 17.51 -7.80
CA THR D 119 9.44 16.06 -8.04
C THR D 119 9.29 15.75 -9.51
N SER D 120 10.27 15.06 -10.06
CA SER D 120 10.29 14.81 -11.49
C SER D 120 11.31 13.73 -11.85
N SER D 121 10.87 12.76 -12.62
CA SER D 121 11.74 11.80 -13.28
C SER D 121 12.50 12.51 -14.42
N ALA D 122 13.17 13.60 -14.07
CA ALA D 122 13.81 14.46 -15.08
C ALA D 122 15.20 14.69 -14.63
N LYS D 123 16.03 15.09 -15.57
CA LYS D 123 17.46 14.95 -15.38
C LYS D 123 18.11 16.29 -15.26
N THR D 124 19.16 16.37 -14.46
CA THR D 124 19.87 17.63 -14.31
C THR D 124 20.51 17.99 -15.65
N THR D 125 20.38 19.25 -16.04
CA THR D 125 20.98 19.71 -17.28
C THR D 125 21.42 21.12 -17.10
N PRO D 126 22.61 21.43 -17.56
CA PRO D 126 23.03 22.82 -17.45
C PRO D 126 22.38 23.69 -18.52
N PRO D 127 22.29 24.99 -18.24
CA PRO D 127 21.87 26.00 -19.23
C PRO D 127 22.96 26.28 -20.23
N SER D 128 22.58 26.58 -21.47
CA SER D 128 23.43 27.37 -22.35
C SER D 128 23.02 28.78 -22.10
N VAL D 129 23.97 29.69 -22.16
CA VAL D 129 23.72 31.10 -21.94
C VAL D 129 24.04 31.87 -23.21
N TYR D 130 23.01 32.46 -23.84
CA TYR D 130 23.16 33.28 -25.05
C TYR D 130 23.02 34.75 -24.73
N PRO D 131 23.91 35.60 -25.34
CA PRO D 131 23.91 37.05 -25.16
C PRO D 131 22.87 37.73 -26.04
N LEU D 132 22.14 38.68 -25.46
CA LEU D 132 21.18 39.43 -26.25
C LEU D 132 21.64 40.87 -26.37
N ALA D 133 21.86 41.28 -27.63
CA ALA D 133 22.37 42.61 -27.97
C ALA D 133 21.64 43.21 -29.16
N PRO D 134 21.49 44.54 -29.17
CA PRO D 134 20.72 45.18 -30.24
C PRO D 134 21.28 44.81 -31.61
N GLY D 135 20.38 44.69 -32.61
CA GLY D 135 20.75 44.35 -33.99
C GLY D 135 21.69 45.35 -34.64
N THR D 136 21.19 46.56 -34.88
CA THR D 136 22.00 47.65 -35.43
C THR D 136 22.28 48.68 -34.31
N ALA D 137 21.90 49.94 -34.54
CA ALA D 137 21.78 50.93 -33.47
C ALA D 137 20.35 51.60 -33.50
N ALA D 138 20.22 52.83 -32.97
CA ALA D 138 19.02 53.70 -33.26
C ALA D 138 19.00 55.08 -32.56
N SER D 142 20.40 56.81 -25.86
CA SER D 142 19.98 57.39 -24.58
C SER D 142 20.30 56.36 -23.54
N MET D 143 19.48 55.34 -23.56
CA MET D 143 19.64 54.21 -22.72
C MET D 143 19.49 52.98 -23.60
N VAL D 144 20.34 51.99 -23.36
CA VAL D 144 20.43 50.81 -24.18
C VAL D 144 19.97 49.62 -23.35
N THR D 145 19.35 48.64 -24.00
CA THR D 145 18.93 47.45 -23.30
C THR D 145 19.59 46.22 -23.89
N LEU D 146 20.24 45.41 -23.04
CA LEU D 146 20.77 44.13 -23.45
C LEU D 146 20.12 43.05 -22.62
N GLY D 147 20.39 41.80 -22.95
CA GLY D 147 19.87 40.73 -22.13
C GLY D 147 20.73 39.49 -22.24
N CYS D 148 20.40 38.51 -21.42
CA CYS D 148 20.86 37.16 -21.54
C CYS D 148 19.67 36.27 -21.72
N LEU D 149 19.79 35.33 -22.65
CA LEU D 149 18.89 34.21 -22.73
C LEU D 149 19.52 33.02 -22.01
N VAL D 150 18.73 32.28 -21.25
CA VAL D 150 19.23 31.11 -20.50
C VAL D 150 18.33 29.91 -20.72
N LYS D 151 18.71 29.07 -21.68
CA LYS D 151 17.81 28.11 -22.29
C LYS D 151 18.21 26.66 -21.98
N GLY D 152 17.25 25.87 -21.55
CA GLY D 152 17.42 24.44 -21.61
C GLY D 152 18.16 23.84 -20.46
N TYR D 153 17.85 24.32 -19.27
CA TYR D 153 18.43 23.78 -18.04
C TYR D 153 17.34 23.16 -17.18
N PHE D 154 17.75 22.35 -16.22
CA PHE D 154 16.83 21.72 -15.27
C PHE D 154 17.68 21.30 -14.08
N PRO D 155 17.15 21.44 -12.85
CA PRO D 155 15.87 22.05 -12.52
C PRO D 155 16.09 23.52 -12.16
N GLU D 156 15.08 24.17 -11.60
CA GLU D 156 15.22 25.48 -10.99
C GLU D 156 15.98 25.34 -9.67
N PRO D 157 16.62 26.41 -9.20
CA PRO D 157 16.73 27.70 -9.81
C PRO D 157 18.04 27.91 -10.53
N VAL D 158 18.11 29.04 -11.19
CA VAL D 158 19.34 29.71 -11.47
C VAL D 158 19.39 31.02 -10.66
N THR D 159 20.54 31.63 -10.66
CA THR D 159 20.57 33.05 -10.35
C THR D 159 21.25 33.80 -11.49
N VAL D 160 20.72 34.97 -11.83
CA VAL D 160 21.34 35.78 -12.85
C VAL D 160 21.78 37.08 -12.22
N THR D 161 22.94 37.58 -12.63
CA THR D 161 23.45 38.82 -12.15
C THR D 161 24.20 39.47 -13.27
N TRP D 162 24.33 40.79 -13.18
CA TRP D 162 24.96 41.57 -14.22
C TRP D 162 26.18 42.31 -13.68
N ASN D 163 27.34 42.03 -14.26
CA ASN D 163 28.62 42.51 -13.72
C ASN D 163 28.77 42.22 -12.21
N SER D 164 28.25 41.06 -11.82
CA SER D 164 28.55 40.43 -10.54
C SER D 164 27.96 41.22 -9.39
N GLY D 165 26.78 41.80 -9.63
CA GLY D 165 26.14 42.65 -8.65
C GLY D 165 26.41 44.13 -8.85
N SER D 166 27.57 44.48 -9.41
CA SER D 166 27.95 45.91 -9.66
C SER D 166 26.95 46.65 -10.53
N LEU D 167 26.19 45.90 -11.32
CA LEU D 167 25.12 46.45 -12.10
C LEU D 167 23.85 45.78 -11.63
N SER D 168 23.05 46.50 -10.87
CA SER D 168 21.88 45.90 -10.22
C SER D 168 20.63 46.67 -10.55
N SER D 169 20.79 47.93 -10.90
CA SER D 169 19.67 48.79 -11.20
C SER D 169 19.23 48.57 -12.63
N GLY D 170 17.92 48.64 -12.86
CA GLY D 170 17.34 48.41 -14.19
C GLY D 170 17.58 47.00 -14.71
N VAL D 171 17.43 46.01 -13.84
CA VAL D 171 17.41 44.61 -14.25
C VAL D 171 15.97 44.12 -14.25
N HIS D 172 15.62 43.28 -15.21
CA HIS D 172 14.43 42.50 -15.09
C HIS D 172 14.80 41.04 -15.37
N THR D 173 14.40 40.14 -14.46
CA THR D 173 14.64 38.71 -14.64
C THR D 173 13.35 37.92 -14.47
N PHE D 174 12.99 37.24 -15.53
CA PHE D 174 11.63 36.85 -15.70
C PHE D 174 11.48 35.48 -15.14
N PRO D 175 10.25 35.10 -14.75
CA PRO D 175 10.01 33.72 -14.30
C PRO D 175 10.34 32.67 -15.38
N ALA D 176 10.82 31.51 -14.94
CA ALA D 176 11.21 30.44 -15.84
C ALA D 176 9.96 29.81 -16.37
N VAL D 177 9.97 29.43 -17.64
CA VAL D 177 8.88 28.63 -18.19
C VAL D 177 9.41 27.27 -18.61
N LEU D 178 8.68 26.23 -18.24
CA LEU D 178 9.06 24.89 -18.59
C LEU D 178 8.64 24.64 -20.00
N GLN D 179 9.40 23.83 -20.72
CA GLN D 179 8.97 23.40 -22.05
C GLN D 179 9.74 22.18 -22.54
N SER D 180 8.99 21.15 -22.95
CA SER D 180 9.60 19.90 -23.36
C SER D 180 10.64 19.58 -22.29
N ASP D 181 10.16 19.50 -21.05
CA ASP D 181 10.96 19.15 -19.89
C ASP D 181 12.26 19.93 -19.69
N LEU D 182 12.25 21.21 -20.08
CA LEU D 182 13.41 22.09 -19.86
C LEU D 182 13.02 23.56 -19.54
N TYR D 183 13.75 24.18 -18.62
CA TYR D 183 13.46 25.55 -18.26
C TYR D 183 14.11 26.56 -19.17
N THR D 184 13.48 27.73 -19.29
CA THR D 184 14.07 28.88 -19.97
C THR D 184 13.67 30.17 -19.29
N LEU D 185 14.64 31.04 -19.03
CA LEU D 185 14.34 32.42 -18.65
C LEU D 185 15.29 33.37 -19.34
N SER D 186 15.07 34.65 -19.15
CA SER D 186 15.95 35.64 -19.70
C SER D 186 16.05 36.75 -18.71
N SER D 187 16.97 37.67 -18.98
CA SER D 187 17.18 38.79 -18.09
C SER D 187 17.50 40.01 -18.90
N SER D 188 16.67 41.06 -18.78
CA SER D 188 16.99 42.31 -19.45
C SER D 188 17.73 43.20 -18.48
N VAL D 189 18.62 44.03 -19.05
CA VAL D 189 19.35 45.07 -18.32
C VAL D 189 19.48 46.33 -19.19
N THR D 190 19.33 47.51 -18.57
CA THR D 190 19.38 48.81 -19.28
C THR D 190 20.40 49.74 -18.68
N VAL D 191 21.31 50.21 -19.50
CA VAL D 191 22.34 51.13 -19.05
C VAL D 191 22.40 52.36 -19.94
N PRO D 192 23.10 53.42 -19.50
CA PRO D 192 23.25 54.55 -20.39
C PRO D 192 24.16 54.13 -21.55
N SER D 193 23.81 54.57 -22.76
CA SER D 193 24.63 54.29 -23.97
C SER D 193 26.07 54.82 -23.90
N SER D 194 26.35 55.72 -22.96
CA SER D 194 27.72 56.13 -22.71
C SER D 194 28.51 55.09 -21.91
N THR D 195 27.85 54.04 -21.42
CA THR D 195 28.58 52.99 -20.69
C THR D 195 28.79 51.73 -21.53
N TRP D 196 28.06 51.62 -22.63
CA TRP D 196 28.16 50.45 -23.50
C TRP D 196 28.07 50.81 -24.99
N PRO D 197 29.00 50.28 -25.83
CA PRO D 197 30.02 49.24 -25.51
C PRO D 197 31.30 49.70 -24.79
N SER D 198 31.32 50.94 -24.32
CA SER D 198 32.55 51.56 -23.77
C SER D 198 33.21 50.68 -22.70
N GLN D 199 32.51 50.46 -21.58
CA GLN D 199 32.92 49.48 -20.60
C GLN D 199 32.21 48.18 -20.86
N THR D 200 32.67 47.10 -20.21
CA THR D 200 32.14 45.79 -20.53
C THR D 200 30.91 45.49 -19.67
N VAL D 201 30.01 44.67 -20.21
CA VAL D 201 28.80 44.24 -19.48
C VAL D 201 28.57 42.72 -19.63
N THR D 202 28.76 42.02 -18.51
CA THR D 202 28.72 40.56 -18.47
C THR D 202 27.50 40.04 -17.70
N CYS D 203 26.86 39.02 -18.24
CA CYS D 203 25.87 38.39 -17.46
C CYS D 203 26.48 37.13 -16.81
N ASN D 204 26.13 36.89 -15.56
CA ASN D 204 26.72 35.83 -14.77
C ASN D 204 25.64 34.82 -14.35
N VAL D 205 25.77 33.58 -14.80
CA VAL D 205 24.68 32.62 -14.63
C VAL D 205 25.09 31.48 -13.77
N ALA D 206 24.36 31.27 -12.68
CA ALA D 206 24.70 30.19 -11.77
C ALA D 206 23.58 29.14 -11.73
N HIS D 207 23.98 27.88 -11.74
CA HIS D 207 23.03 26.77 -11.75
C HIS D 207 23.51 25.71 -10.81
N PRO D 208 23.17 25.85 -9.51
CA PRO D 208 23.80 25.00 -8.48
C PRO D 208 23.60 23.53 -8.80
N ALA D 209 22.36 23.12 -9.07
CA ALA D 209 22.05 21.69 -9.28
C ALA D 209 22.94 20.91 -10.29
N SER D 210 23.75 21.59 -11.07
CA SER D 210 24.74 20.91 -11.91
C SER D 210 26.13 21.48 -11.66
N SER D 211 26.21 22.41 -10.71
CA SER D 211 27.50 22.93 -10.17
C SER D 211 28.26 23.69 -11.23
N THR D 212 27.51 24.44 -12.03
CA THR D 212 28.09 25.15 -13.15
C THR D 212 27.95 26.64 -12.93
N LYS D 213 28.76 27.41 -13.66
CA LYS D 213 28.75 28.87 -13.62
C LYS D 213 29.23 29.41 -14.95
N VAL D 214 28.46 30.32 -15.52
CA VAL D 214 28.80 30.87 -16.80
C VAL D 214 28.95 32.36 -16.67
N ASP D 215 30.01 32.86 -17.28
CA ASP D 215 30.13 34.27 -17.53
C ASP D 215 30.02 34.45 -19.04
N LYS D 216 29.17 35.38 -19.46
CA LYS D 216 29.02 35.71 -20.86
C LYS D 216 29.05 37.23 -20.99
N LYS D 217 30.10 37.73 -21.63
CA LYS D 217 30.23 39.16 -21.92
C LYS D 217 29.34 39.56 -23.11
N ILE D 218 28.51 40.57 -22.95
CA ILE D 218 27.73 41.05 -24.07
C ILE D 218 28.64 41.85 -25.01
N VAL D 219 28.62 41.47 -26.29
CA VAL D 219 29.43 42.11 -27.33
C VAL D 219 28.51 42.70 -28.36
N PRO D 220 28.91 43.83 -28.98
CA PRO D 220 28.03 44.38 -30.02
C PRO D 220 28.03 43.43 -31.19
N ARG D 221 26.95 43.43 -31.96
CA ARG D 221 26.89 42.61 -33.16
C ARG D 221 27.75 43.27 -34.27
N ASP E 1 -12.33 -43.08 26.56
CA ASP E 1 -12.24 -43.33 25.09
C ASP E 1 -11.42 -44.57 24.72
N ILE E 2 -11.71 -45.11 23.54
CA ILE E 2 -10.97 -46.23 23.04
C ILE E 2 -9.78 -45.69 22.28
N VAL E 3 -8.59 -45.82 22.86
CA VAL E 3 -7.40 -45.29 22.23
C VAL E 3 -6.93 -46.25 21.15
N LEU E 4 -6.99 -45.78 19.90
CA LEU E 4 -6.51 -46.56 18.78
C LEU E 4 -5.11 -46.06 18.39
N THR E 5 -4.11 -46.96 18.51
CA THR E 5 -2.67 -46.70 18.29
C THR E 5 -2.20 -47.29 16.95
N GLN E 6 -2.00 -46.42 15.99
CA GLN E 6 -1.62 -46.79 14.63
C GLN E 6 -0.11 -46.69 14.46
N SER E 7 0.47 -47.63 13.73
CA SER E 7 1.93 -47.79 13.75
C SER E 7 2.35 -48.59 12.52
N PRO E 8 3.38 -48.10 11.76
CA PRO E 8 4.29 -46.95 12.01
C PRO E 8 3.70 -45.58 11.64
N ALA E 9 4.33 -44.50 12.08
CA ALA E 9 3.84 -43.14 11.80
C ALA E 9 4.02 -42.79 10.33
N SER E 10 4.92 -43.53 9.69
CA SER E 10 5.41 -43.26 8.34
C SER E 10 5.94 -44.53 7.72
N LEU E 11 5.87 -44.60 6.40
CA LEU E 11 6.15 -45.84 5.69
C LEU E 11 6.62 -45.50 4.29
N ALA E 12 7.87 -45.82 4.00
CA ALA E 12 8.37 -45.71 2.62
C ALA E 12 8.54 -47.11 2.03
N VAL E 13 7.93 -47.36 0.84
CA VAL E 13 8.01 -48.68 0.13
C VAL E 13 8.12 -48.56 -1.39
N SER E 14 8.81 -49.50 -2.04
CA SER E 14 8.95 -49.49 -3.50
C SER E 14 7.71 -50.05 -4.19
N LEU E 15 7.42 -49.52 -5.37
CA LEU E 15 6.43 -50.13 -6.28
C LEU E 15 6.52 -51.66 -6.30
N GLY E 16 5.38 -52.35 -6.22
CA GLY E 16 5.35 -53.81 -6.35
C GLY E 16 5.82 -54.56 -5.11
N GLN E 17 6.12 -53.81 -4.06
CA GLN E 17 6.58 -54.33 -2.78
C GLN E 17 5.42 -54.35 -1.77
N PRO E 18 5.45 -55.30 -0.80
CA PRO E 18 4.45 -55.42 0.27
C PRO E 18 4.41 -54.22 1.16
N ALA E 19 3.31 -54.08 1.88
CA ALA E 19 3.13 -53.00 2.84
C ALA E 19 2.24 -53.51 3.99
N THR E 20 2.45 -52.98 5.18
CA THR E 20 1.70 -53.46 6.35
C THR E 20 1.55 -52.33 7.31
N ILE E 21 0.36 -52.20 7.85
CA ILE E 21 0.16 -51.25 8.88
C ILE E 21 -0.62 -51.98 9.94
N SER E 22 -0.36 -51.64 11.20
CA SER E 22 -1.04 -52.26 12.34
C SER E 22 -1.83 -51.23 13.11
N CYS E 23 -2.76 -51.70 13.90
CA CYS E 23 -3.59 -50.81 14.67
C CYS E 23 -3.97 -51.53 15.98
N GLY E 24 -3.60 -50.92 17.11
CA GLY E 24 -3.84 -51.47 18.44
C GLY E 24 -4.89 -50.64 19.20
N ALA E 25 -5.99 -51.30 19.58
CA ALA E 25 -7.07 -50.70 20.36
C ALA E 25 -6.77 -50.89 21.82
N SER E 26 -7.08 -49.89 22.63
CA SER E 26 -6.97 -50.03 24.08
C SER E 26 -8.09 -50.93 24.70
N LYS E 27 -8.94 -51.51 23.86
CA LYS E 27 -9.97 -52.45 24.31
C LYS E 27 -10.43 -53.25 23.12
N SER E 28 -10.87 -54.47 23.41
CA SER E 28 -11.40 -55.41 22.46
C SER E 28 -12.48 -54.73 21.63
N VAL E 29 -12.32 -54.64 20.32
CA VAL E 29 -13.38 -54.08 19.51
C VAL E 29 -14.39 -55.16 18.98
N ARG E 30 -15.09 -55.83 19.91
CA ARG E 30 -16.08 -56.89 19.61
C ARG E 30 -17.31 -56.81 20.56
N THR E 31 -18.54 -57.18 20.10
CA THR E 31 -19.65 -57.68 21.01
C THR E 31 -20.85 -58.53 20.46
N SER E 32 -21.85 -57.87 19.83
CA SER E 32 -23.01 -58.54 19.21
C SER E 32 -22.62 -59.67 18.26
N GLY E 33 -21.32 -59.98 18.24
CA GLY E 33 -20.75 -60.96 17.33
C GLY E 33 -19.78 -60.27 16.38
N TYR E 34 -20.28 -59.25 15.69
CA TYR E 34 -19.51 -58.51 14.71
C TYR E 34 -18.39 -57.63 15.32
N SER E 35 -17.44 -57.24 14.47
CA SER E 35 -16.29 -56.35 14.85
C SER E 35 -16.17 -55.14 13.90
N TYR E 36 -16.60 -53.97 14.38
CA TYR E 36 -16.67 -52.80 13.50
C TYR E 36 -15.37 -52.04 13.57
N MET E 37 -14.42 -52.57 12.83
CA MET E 37 -13.09 -52.00 12.67
C MET E 37 -12.95 -51.55 11.23
N ASP E 38 -12.84 -50.25 10.99
CA ASP E 38 -12.70 -49.71 9.61
C ASP E 38 -11.28 -49.19 9.26
N TRP E 39 -10.94 -49.21 7.96
CA TRP E 39 -9.69 -48.64 7.45
C TRP E 39 -10.00 -47.57 6.40
N ASN E 40 -9.45 -46.37 6.60
CA ASN E 40 -9.58 -45.27 5.64
C ASN E 40 -8.26 -44.97 4.95
N GLN E 41 -8.36 -44.22 3.84
CA GLN E 41 -7.20 -43.62 3.20
C GLN E 41 -7.52 -42.27 2.56
N GLN E 42 -6.67 -41.28 2.81
CA GLN E 42 -6.81 -39.98 2.21
C GLN E 42 -5.61 -39.63 1.31
N LYS E 43 -5.76 -39.86 0.01
CA LYS E 43 -4.79 -39.36 -0.97
C LYS E 43 -4.63 -37.84 -0.76
N PRO E 44 -3.40 -37.33 -0.87
CA PRO E 44 -3.18 -35.93 -0.50
C PRO E 44 -4.13 -35.01 -1.24
N GLY E 45 -4.84 -34.16 -0.49
CA GLY E 45 -5.80 -33.21 -1.06
C GLY E 45 -7.22 -33.72 -1.28
N GLN E 46 -7.48 -34.96 -0.86
CA GLN E 46 -8.71 -35.69 -1.21
C GLN E 46 -9.57 -35.85 0.05
N PRO E 47 -10.81 -36.32 -0.11
CA PRO E 47 -11.44 -36.68 1.15
C PRO E 47 -11.04 -38.09 1.52
N PRO E 48 -11.19 -38.44 2.80
CA PRO E 48 -10.93 -39.81 3.18
C PRO E 48 -11.88 -40.80 2.49
N ARG E 49 -11.35 -41.91 2.00
CA ARG E 49 -12.17 -42.95 1.43
C ARG E 49 -12.07 -44.21 2.29
N ARG E 50 -13.19 -44.86 2.57
CA ARG E 50 -13.12 -46.14 3.26
C ARG E 50 -12.63 -47.19 2.28
N LEU E 51 -11.87 -48.16 2.76
CA LEU E 51 -11.36 -49.23 1.90
C LEU E 51 -11.80 -50.55 2.43
N ILE E 52 -11.83 -50.65 3.76
CA ILE E 52 -12.14 -51.87 4.43
C ILE E 52 -13.04 -51.54 5.60
N TYR E 53 -14.11 -52.30 5.73
CA TYR E 53 -14.91 -52.26 6.93
C TYR E 53 -15.03 -53.69 7.50
N LEU E 54 -15.38 -53.77 8.77
CA LEU E 54 -15.54 -55.06 9.45
C LEU E 54 -14.30 -55.93 9.29
N VAL E 55 -13.14 -55.33 9.52
CA VAL E 55 -11.86 -56.07 9.62
C VAL E 55 -11.26 -56.51 8.28
N SER E 56 -12.02 -57.26 7.50
CA SER E 56 -11.49 -57.89 6.30
C SER E 56 -12.28 -57.56 5.06
N ASN E 57 -13.49 -56.97 5.23
CA ASN E 57 -14.44 -56.72 4.12
C ASN E 57 -14.07 -55.56 3.20
N LEU E 58 -13.88 -55.85 1.91
CA LEU E 58 -13.42 -54.85 0.94
C LEU E 58 -14.57 -54.10 0.30
N GLU E 59 -14.57 -52.78 0.46
CA GLU E 59 -15.64 -51.95 -0.09
C GLU E 59 -15.64 -51.98 -1.61
N SER E 60 -16.80 -51.70 -2.19
CA SER E 60 -16.94 -51.66 -3.63
C SER E 60 -15.77 -50.97 -4.36
N GLY E 61 -15.21 -51.67 -5.34
CA GLY E 61 -14.19 -51.13 -6.21
C GLY E 61 -12.77 -51.20 -5.65
N VAL E 62 -12.63 -51.58 -4.38
CA VAL E 62 -11.32 -51.64 -3.75
C VAL E 62 -10.56 -52.91 -4.21
N PRO E 63 -9.32 -52.75 -4.67
CA PRO E 63 -8.71 -53.87 -5.42
C PRO E 63 -8.16 -55.02 -4.58
N ALA E 64 -8.16 -56.21 -5.21
CA ALA E 64 -7.68 -57.45 -4.62
C ALA E 64 -6.40 -57.26 -3.81
N ARG E 65 -5.55 -56.32 -4.24
CA ARG E 65 -4.27 -56.03 -3.54
C ARG E 65 -4.37 -55.64 -2.04
N PHE E 66 -5.57 -55.33 -1.56
CA PHE E 66 -5.74 -54.90 -0.17
C PHE E 66 -6.38 -55.98 0.69
N SER E 67 -5.79 -56.29 1.84
CA SER E 67 -6.52 -57.12 2.80
C SER E 67 -6.41 -56.63 4.18
N GLY E 68 -7.50 -56.79 4.92
CA GLY E 68 -7.50 -56.60 6.35
C GLY E 68 -7.63 -57.90 7.13
N SER E 69 -7.27 -57.84 8.41
CA SER E 69 -7.08 -59.01 9.23
C SER E 69 -7.05 -58.64 10.70
N GLY E 70 -7.19 -59.66 11.54
CA GLY E 70 -6.98 -59.55 12.98
C GLY E 70 -8.30 -59.67 13.72
N SER E 71 -8.24 -59.43 15.03
CA SER E 71 -9.45 -59.32 15.85
C SER E 71 -9.03 -58.90 17.22
N GLY E 72 -9.98 -58.85 18.15
CA GLY E 72 -9.70 -58.48 19.52
C GLY E 72 -9.18 -57.05 19.61
N THR E 73 -7.88 -56.92 19.87
CA THR E 73 -7.24 -55.61 19.95
C THR E 73 -6.22 -55.38 18.81
N ASP E 74 -6.07 -56.39 17.95
CA ASP E 74 -5.03 -56.38 16.94
C ASP E 74 -5.56 -56.52 15.56
N PHE E 75 -5.26 -55.55 14.72
CA PHE E 75 -5.66 -55.59 13.35
C PHE E 75 -4.57 -55.02 12.50
N THR E 76 -4.54 -55.44 11.24
CA THR E 76 -3.56 -54.95 10.28
C THR E 76 -4.21 -54.81 8.92
N LEU E 77 -3.68 -53.88 8.13
CA LEU E 77 -4.00 -53.75 6.72
C LEU E 77 -2.72 -53.94 5.91
N ASN E 78 -2.73 -54.93 5.01
CA ASN E 78 -1.57 -55.21 4.15
C ASN E 78 -1.87 -54.76 2.74
N ILE E 79 -0.86 -54.21 2.08
CA ILE E 79 -1.00 -53.91 0.68
C ILE E 79 0.02 -54.73 -0.02
N HIS E 80 -0.41 -55.66 -0.83
CA HIS E 80 0.55 -56.33 -1.66
C HIS E 80 0.01 -56.61 -3.03
N PRO E 81 0.66 -56.01 -4.07
CA PRO E 81 1.78 -55.08 -4.01
C PRO E 81 1.43 -53.58 -4.18
N VAL E 82 2.38 -52.70 -3.89
CA VAL E 82 2.15 -51.27 -3.83
C VAL E 82 2.17 -50.61 -5.22
N GLU E 83 1.19 -49.71 -5.43
CA GLU E 83 1.10 -48.89 -6.64
C GLU E 83 1.30 -47.44 -6.26
N GLU E 84 1.43 -46.56 -7.24
CA GLU E 84 1.52 -45.14 -6.99
C GLU E 84 0.26 -44.52 -6.36
N GLU E 85 -0.91 -44.87 -6.87
CA GLU E 85 -2.17 -44.28 -6.36
C GLU E 85 -2.38 -44.63 -4.88
N ASP E 86 -1.49 -45.45 -4.32
CA ASP E 86 -1.63 -45.92 -2.94
C ASP E 86 -1.16 -44.86 -1.97
N ALA E 87 -0.39 -43.89 -2.49
CA ALA E 87 0.18 -42.75 -1.72
C ALA E 87 -0.87 -42.10 -0.87
N ALA E 88 -0.56 -41.83 0.40
CA ALA E 88 -1.53 -41.13 1.25
C ALA E 88 -1.36 -41.35 2.74
N THR E 89 -2.34 -40.90 3.51
CA THR E 89 -2.44 -41.30 4.91
C THR E 89 -3.49 -42.43 5.09
N TYR E 90 -3.20 -43.36 5.98
CA TYR E 90 -4.11 -44.42 6.24
C TYR E 90 -4.53 -44.32 7.69
N TYR E 91 -5.83 -44.42 7.95
CA TYR E 91 -6.30 -44.46 9.31
C TYR E 91 -7.11 -45.72 9.62
N CYS E 92 -7.13 -46.09 10.88
CA CYS E 92 -8.06 -47.07 11.32
C CYS E 92 -8.96 -46.32 12.22
N SER E 93 -10.20 -46.72 12.25
CA SER E 93 -11.19 -45.96 12.91
C SER E 93 -12.08 -46.98 13.52
N HIS E 94 -12.14 -47.02 14.85
CA HIS E 94 -12.97 -48.01 15.54
C HIS E 94 -14.44 -47.54 15.60
N ILE E 95 -15.34 -48.51 15.56
CA ILE E 95 -16.76 -48.21 15.57
C ILE E 95 -17.56 -49.02 16.58
N ARG E 96 -16.84 -49.88 17.29
CA ARG E 96 -17.48 -50.81 18.20
C ARG E 96 -18.00 -50.09 19.46
N GLU E 97 -17.54 -48.88 19.72
CA GLU E 97 -18.10 -48.09 20.82
C GLU E 97 -18.14 -46.59 20.56
N LEU E 98 -19.29 -45.96 20.84
CA LEU E 98 -19.34 -44.48 20.83
C LEU E 98 -18.59 -43.96 22.06
N PRO E 99 -17.81 -42.89 21.88
CA PRO E 99 -17.52 -42.30 20.59
C PRO E 99 -16.51 -43.10 19.80
N ARG E 100 -16.81 -43.27 18.51
CA ARG E 100 -15.86 -43.78 17.54
C ARG E 100 -14.58 -42.97 17.63
N SER E 101 -13.43 -43.62 17.37
CA SER E 101 -12.13 -42.93 17.44
C SER E 101 -11.15 -43.36 16.32
N SER E 102 -10.15 -42.51 16.06
CA SER E 102 -9.21 -42.77 14.96
C SER E 102 -7.78 -42.88 15.45
N GLY E 103 -7.01 -43.71 14.75
CA GLY E 103 -5.56 -43.72 14.88
C GLY E 103 -4.93 -42.44 14.36
N GLY E 104 -3.69 -42.18 14.74
CA GLY E 104 -3.01 -40.96 14.39
C GLY E 104 -2.53 -40.95 12.96
N GLY E 105 -2.63 -42.10 12.29
CA GLY E 105 -2.41 -42.21 10.85
C GLY E 105 -1.08 -42.79 10.46
N THR E 106 -1.02 -43.34 9.25
CA THR E 106 0.23 -43.84 8.69
C THR E 106 0.49 -43.25 7.31
N LYS E 107 1.53 -42.43 7.21
CA LYS E 107 1.92 -41.83 5.93
C LYS E 107 2.55 -42.88 5.05
N LEU E 108 1.91 -43.14 3.92
CA LEU E 108 2.54 -43.94 2.92
C LEU E 108 3.25 -42.98 1.98
N GLU E 109 4.52 -43.26 1.72
CA GLU E 109 5.27 -42.51 0.74
C GLU E 109 5.97 -43.48 -0.19
N ILE E 110 5.75 -43.29 -1.49
CA ILE E 110 6.29 -44.16 -2.53
C ILE E 110 7.81 -43.98 -2.72
N LYS E 111 8.53 -45.10 -2.84
CA LYS E 111 9.98 -45.08 -3.04
C LYS E 111 10.35 -45.17 -4.55
N ARG E 112 11.17 -44.22 -5.00
CA ARG E 112 11.57 -44.15 -6.41
C ARG E 112 13.06 -43.83 -6.59
N ALA E 113 13.57 -43.99 -7.82
CA ALA E 113 14.92 -43.55 -8.12
C ALA E 113 15.11 -42.14 -7.59
N ASP E 114 16.33 -41.80 -7.16
CA ASP E 114 16.66 -40.39 -6.88
C ASP E 114 16.52 -39.60 -8.17
N ALA E 115 16.14 -38.33 -8.02
CA ALA E 115 16.12 -37.39 -9.14
C ALA E 115 16.55 -36.04 -8.61
N ALA E 116 17.41 -35.37 -9.37
CA ALA E 116 17.81 -33.99 -9.05
C ALA E 116 16.62 -33.03 -9.22
N PRO E 117 16.49 -32.03 -8.34
CA PRO E 117 15.43 -31.08 -8.62
C PRO E 117 15.82 -30.22 -9.81
N THR E 118 14.80 -29.75 -10.54
CA THR E 118 14.94 -28.65 -11.51
C THR E 118 14.63 -27.36 -10.80
N VAL E 119 15.55 -26.41 -10.93
CA VAL E 119 15.51 -25.18 -10.16
C VAL E 119 15.47 -24.01 -11.11
N SER E 120 14.47 -23.15 -10.93
CA SER E 120 14.32 -21.91 -11.70
C SER E 120 14.27 -20.75 -10.73
N ILE E 121 15.13 -19.76 -10.92
CA ILE E 121 15.05 -18.53 -10.15
C ILE E 121 14.24 -17.49 -10.92
N PHE E 122 13.60 -16.58 -10.19
CA PHE E 122 12.75 -15.54 -10.80
C PHE E 122 12.89 -14.24 -10.04
N PRO E 123 13.31 -13.18 -10.72
CA PRO E 123 13.45 -11.87 -10.08
C PRO E 123 12.08 -11.33 -9.76
N PRO E 124 12.01 -10.29 -8.89
CA PRO E 124 10.70 -9.70 -8.63
C PRO E 124 10.27 -8.91 -9.85
N SER E 125 8.99 -8.96 -10.13
CA SER E 125 8.38 -8.29 -11.25
C SER E 125 8.30 -6.79 -11.06
N SER E 126 8.27 -6.09 -12.19
CA SER E 126 7.97 -4.66 -12.24
C SER E 126 6.69 -4.35 -11.48
N GLU E 127 5.70 -5.21 -11.69
CA GLU E 127 4.42 -5.06 -11.03
C GLU E 127 4.59 -5.04 -9.50
N GLN E 128 5.14 -6.11 -8.95
CA GLN E 128 5.32 -6.21 -7.51
C GLN E 128 6.16 -5.04 -7.01
N LEU E 129 7.20 -4.70 -7.78
CA LEU E 129 8.07 -3.59 -7.41
C LEU E 129 7.32 -2.26 -7.21
N THR E 130 6.22 -2.06 -7.92
CA THR E 130 5.46 -0.82 -7.75
C THR E 130 4.82 -0.74 -6.36
N SER E 131 4.38 -1.87 -5.83
CA SER E 131 3.79 -1.92 -4.48
C SER E 131 4.81 -1.68 -3.35
N GLY E 132 6.10 -1.74 -3.67
CA GLY E 132 7.18 -1.51 -2.68
C GLY E 132 7.72 -2.78 -2.03
N GLY E 133 7.23 -3.91 -2.49
CA GLY E 133 7.67 -5.18 -1.98
C GLY E 133 8.35 -5.96 -3.08
N ALA E 134 9.23 -6.85 -2.69
CA ALA E 134 9.99 -7.63 -3.64
C ALA E 134 10.13 -9.05 -3.16
N SER E 135 9.76 -9.98 -4.02
CA SER E 135 9.86 -11.37 -3.69
C SER E 135 10.64 -12.11 -4.77
N VAL E 136 11.74 -12.74 -4.35
CA VAL E 136 12.50 -13.58 -5.24
C VAL E 136 12.00 -14.99 -5.05
N VAL E 137 11.65 -15.64 -6.15
CA VAL E 137 11.04 -16.96 -6.08
C VAL E 137 11.98 -18.03 -6.65
N CYS E 138 12.08 -19.15 -5.96
CA CYS E 138 12.85 -20.27 -6.49
C CYS E 138 11.98 -21.48 -6.52
N PHE E 139 11.96 -22.15 -7.66
CA PHE E 139 11.21 -23.40 -7.79
C PHE E 139 12.15 -24.59 -7.76
N LEU E 140 11.79 -25.59 -6.95
CA LEU E 140 12.55 -26.82 -6.90
C LEU E 140 11.61 -27.96 -7.22
N ASN E 141 11.67 -28.46 -8.45
CA ASN E 141 10.63 -29.35 -8.93
C ASN E 141 11.10 -30.74 -9.23
N ASN E 142 10.26 -31.70 -8.87
CA ASN E 142 10.39 -33.06 -9.35
C ASN E 142 11.72 -33.70 -8.94
N PHE E 143 11.89 -33.87 -7.62
CA PHE E 143 13.06 -34.52 -7.03
C PHE E 143 12.67 -35.64 -6.07
N TYR E 144 13.59 -36.57 -5.83
CA TYR E 144 13.44 -37.61 -4.80
C TYR E 144 14.80 -37.88 -4.16
N PRO E 145 14.84 -38.07 -2.81
CA PRO E 145 13.72 -38.09 -1.88
C PRO E 145 13.38 -36.68 -1.39
N LYS E 146 12.54 -36.54 -0.37
CA LYS E 146 11.99 -35.20 -0.08
C LYS E 146 12.92 -34.32 0.70
N ASP E 147 13.97 -34.90 1.28
CA ASP E 147 14.98 -34.11 2.01
C ASP E 147 15.77 -33.21 1.04
N ILE E 148 15.67 -31.91 1.25
CA ILE E 148 16.34 -30.93 0.40
C ILE E 148 16.60 -29.71 1.24
N ASN E 149 17.67 -29.01 0.92
CA ASN E 149 17.95 -27.77 1.60
C ASN E 149 18.20 -26.64 0.63
N VAL E 150 17.65 -25.48 0.96
CA VAL E 150 17.76 -24.30 0.11
C VAL E 150 18.35 -23.17 0.91
N LYS E 151 19.41 -22.60 0.36
CA LYS E 151 20.11 -21.51 1.00
C LYS E 151 20.07 -20.30 0.07
N TRP E 152 19.57 -19.19 0.57
CA TRP E 152 19.63 -17.91 -0.16
C TRP E 152 20.92 -17.13 0.18
N LYS E 153 21.54 -16.56 -0.85
CA LYS E 153 22.70 -15.67 -0.70
C LYS E 153 22.56 -14.42 -1.55
N ILE E 154 22.73 -13.27 -0.91
CA ILE E 154 22.73 -11.97 -1.60
C ILE E 154 24.14 -11.39 -1.62
N ASP E 155 24.70 -11.25 -2.82
CA ASP E 155 26.08 -10.78 -3.01
C ASP E 155 27.05 -11.62 -2.18
N GLY E 156 26.90 -12.94 -2.29
CA GLY E 156 27.79 -13.86 -1.61
C GLY E 156 27.37 -14.20 -0.21
N SER E 157 26.61 -13.31 0.43
CA SER E 157 26.20 -13.46 1.85
C SER E 157 24.92 -14.26 2.10
N GLU E 158 24.89 -15.02 3.20
CA GLU E 158 23.68 -15.77 3.58
C GLU E 158 22.56 -14.85 4.07
N ARG E 159 21.32 -15.30 3.90
CA ARG E 159 20.16 -14.52 4.27
C ARG E 159 19.09 -15.45 4.85
N GLN E 160 18.59 -15.11 6.03
CA GLN E 160 17.81 -16.06 6.83
C GLN E 160 16.40 -15.62 7.08
N ASN E 161 16.17 -14.30 7.02
CA ASN E 161 14.82 -13.76 7.23
C ASN E 161 14.20 -13.22 5.98
N GLY E 162 12.88 -13.34 5.91
CA GLY E 162 12.13 -13.00 4.71
C GLY E 162 11.85 -14.23 3.87
N VAL E 163 12.42 -15.38 4.27
CA VAL E 163 12.36 -16.63 3.51
C VAL E 163 11.20 -17.54 3.93
N LEU E 164 10.47 -18.06 2.94
CA LEU E 164 9.34 -18.95 3.17
C LEU E 164 9.31 -20.06 2.14
N ASN E 165 9.30 -21.28 2.64
CA ASN E 165 9.26 -22.44 1.79
C ASN E 165 7.93 -23.17 1.91
N SER E 166 7.54 -23.80 0.81
CA SER E 166 6.32 -24.54 0.75
C SER E 166 6.54 -25.76 -0.12
N TRP E 167 6.31 -26.95 0.45
CA TRP E 167 6.49 -28.24 -0.23
C TRP E 167 5.16 -28.71 -0.82
N THR E 168 5.19 -29.49 -1.91
CA THR E 168 3.98 -30.23 -2.32
C THR E 168 3.91 -31.56 -1.59
N ASP E 169 2.76 -32.20 -1.64
CA ASP E 169 2.67 -33.63 -1.34
C ASP E 169 3.34 -34.40 -2.47
N GLN E 170 3.58 -35.69 -2.27
CA GLN E 170 4.16 -36.52 -3.33
C GLN E 170 3.17 -36.65 -4.49
N ASP E 171 3.65 -36.56 -5.72
CA ASP E 171 2.78 -36.64 -6.90
C ASP E 171 2.36 -38.08 -7.27
N SER E 172 1.10 -38.26 -7.65
CA SER E 172 0.55 -39.61 -7.99
C SER E 172 1.01 -40.26 -9.32
N LYS E 173 1.94 -39.63 -10.05
CA LYS E 173 2.30 -40.13 -11.38
C LYS E 173 3.81 -40.20 -11.66
N ASP E 174 4.61 -39.38 -10.97
CA ASP E 174 6.08 -39.57 -10.97
C ASP E 174 6.68 -39.72 -9.55
N SER E 175 5.82 -39.72 -8.55
CA SER E 175 6.24 -39.92 -7.17
C SER E 175 7.42 -39.02 -6.81
N THR E 176 7.35 -37.77 -7.27
CA THR E 176 8.34 -36.76 -6.92
C THR E 176 7.74 -35.68 -6.01
N TYR E 177 8.61 -34.83 -5.47
CA TYR E 177 8.22 -33.66 -4.68
C TYR E 177 8.58 -32.38 -5.43
N SER E 178 7.97 -31.27 -5.05
CA SER E 178 8.40 -29.98 -5.57
C SER E 178 8.40 -28.93 -4.45
N MET E 179 9.05 -27.80 -4.67
CA MET E 179 9.19 -26.86 -3.59
C MET E 179 9.29 -25.45 -4.11
N SER E 180 8.59 -24.53 -3.45
CA SER E 180 8.82 -23.11 -3.69
C SER E 180 9.54 -22.50 -2.51
N SER E 181 10.55 -21.70 -2.79
CA SER E 181 11.29 -20.98 -1.77
C SER E 181 11.23 -19.49 -2.10
N THR E 182 10.72 -18.70 -1.17
CA THR E 182 10.37 -17.30 -1.45
C THR E 182 11.02 -16.32 -0.49
N LEU E 183 11.74 -15.37 -1.07
CA LEU E 183 12.49 -14.39 -0.33
C LEU E 183 11.80 -13.06 -0.49
N THR E 184 11.17 -12.59 0.59
CA THR E 184 10.51 -11.28 0.57
C THR E 184 11.34 -10.17 1.28
N LEU E 185 11.69 -9.13 0.50
CA LEU E 185 12.30 -7.92 1.03
C LEU E 185 11.54 -6.71 0.53
N THR E 186 11.50 -5.66 1.34
CA THR E 186 10.99 -4.38 0.89
C THR E 186 11.71 -3.96 -0.41
N LYS E 187 11.09 -3.05 -1.17
CA LYS E 187 11.73 -2.50 -2.41
C LYS E 187 13.10 -1.88 -2.18
N ASP E 188 13.21 -1.05 -1.14
CA ASP E 188 14.45 -0.30 -0.89
C ASP E 188 15.64 -1.21 -0.48
N GLU E 189 15.33 -2.25 0.30
CA GLU E 189 16.30 -3.29 0.59
C GLU E 189 16.75 -3.98 -0.68
N TYR E 190 15.78 -4.40 -1.49
CA TYR E 190 16.09 -4.98 -2.78
C TYR E 190 17.05 -4.03 -3.49
N GLU E 191 16.59 -2.79 -3.67
CA GLU E 191 17.34 -1.75 -4.37
C GLU E 191 18.69 -1.38 -3.71
N ARG E 192 19.19 -2.27 -2.88
CA ARG E 192 20.48 -2.07 -2.28
C ARG E 192 21.51 -3.12 -2.72
N HIS E 193 21.10 -4.08 -3.54
CA HIS E 193 21.99 -5.19 -3.85
C HIS E 193 21.99 -5.58 -5.31
N ASN E 194 22.97 -6.36 -5.71
CA ASN E 194 23.07 -6.70 -7.11
C ASN E 194 22.69 -8.15 -7.37
N SER E 195 23.49 -9.07 -6.83
CA SER E 195 23.31 -10.51 -7.05
C SER E 195 22.40 -11.14 -6.03
N TYR E 196 21.55 -12.07 -6.48
CA TYR E 196 20.70 -12.84 -5.61
C TYR E 196 20.72 -14.28 -6.04
N THR E 197 21.06 -15.17 -5.11
CA THR E 197 21.28 -16.56 -5.42
C THR E 197 20.45 -17.42 -4.49
N CYS E 198 19.88 -18.47 -5.06
CA CYS E 198 19.23 -19.49 -4.27
C CYS E 198 19.99 -20.77 -4.60
N GLU E 199 20.21 -21.62 -3.59
CA GLU E 199 21.14 -22.76 -3.69
C GLU E 199 20.54 -24.08 -3.23
N ALA E 200 20.52 -25.05 -4.14
CA ALA E 200 19.93 -26.36 -3.83
C ALA E 200 20.95 -27.47 -3.51
N THR E 201 21.11 -27.75 -2.23
CA THR E 201 21.78 -28.96 -1.78
C THR E 201 20.80 -30.15 -1.66
N HIS E 202 20.96 -31.13 -2.54
CA HIS E 202 20.15 -32.33 -2.56
C HIS E 202 21.12 -33.48 -2.62
N LYS E 203 20.77 -34.60 -2.01
CA LYS E 203 21.65 -35.76 -1.99
C LYS E 203 22.05 -36.27 -3.40
N THR E 204 21.32 -35.85 -4.44
CA THR E 204 21.67 -36.19 -5.84
C THR E 204 23.02 -35.61 -6.33
N SER E 205 23.43 -34.51 -5.73
CA SER E 205 24.61 -33.78 -6.19
C SER E 205 25.57 -33.51 -5.04
N THR E 206 26.87 -33.45 -5.34
CA THR E 206 27.89 -32.99 -4.36
C THR E 206 27.84 -31.47 -4.23
N SER E 207 27.90 -30.80 -5.36
CA SER E 207 27.80 -29.35 -5.37
C SER E 207 26.34 -28.90 -5.24
N PRO E 208 26.11 -27.77 -4.57
CA PRO E 208 24.78 -27.19 -4.55
C PRO E 208 24.45 -26.71 -5.95
N ILE E 209 23.16 -26.71 -6.33
CA ILE E 209 22.75 -26.23 -7.65
C ILE E 209 22.59 -24.72 -7.65
N VAL E 210 23.49 -24.05 -8.36
CA VAL E 210 23.58 -22.58 -8.31
C VAL E 210 22.55 -21.90 -9.23
N LYS E 211 21.66 -21.10 -8.63
CA LYS E 211 20.76 -20.24 -9.41
C LYS E 211 20.85 -18.76 -9.00
N SER E 212 21.29 -17.92 -9.94
CA SER E 212 21.56 -16.50 -9.66
C SER E 212 21.04 -15.53 -10.74
N PHE E 213 20.88 -14.26 -10.34
CA PHE E 213 20.71 -13.14 -11.28
C PHE E 213 21.29 -11.87 -10.63
N ASN E 214 21.86 -10.97 -11.43
CA ASN E 214 22.17 -9.61 -10.97
C ASN E 214 21.21 -8.66 -11.65
N ARG E 215 20.54 -7.81 -10.87
CA ARG E 215 19.56 -6.85 -11.41
C ARG E 215 19.82 -6.40 -12.85
N VAL F 1 -23.29 -40.86 -8.87
CA VAL F 1 -23.39 -40.63 -7.40
C VAL F 1 -22.37 -39.61 -6.98
N GLN F 2 -22.73 -38.74 -6.02
CA GLN F 2 -21.77 -37.80 -5.42
C GLN F 2 -22.36 -37.05 -4.22
N LEU F 3 -21.48 -36.54 -3.37
CA LEU F 3 -21.88 -35.70 -2.26
C LEU F 3 -21.19 -34.34 -2.38
N GLN F 4 -21.91 -33.32 -2.81
CA GLN F 4 -21.31 -31.99 -2.92
C GLN F 4 -21.53 -31.20 -1.63
N GLN F 5 -20.45 -30.80 -0.96
CA GLN F 5 -20.55 -29.96 0.24
C GLN F 5 -20.49 -28.47 -0.08
N SER F 6 -21.26 -27.68 0.63
CA SER F 6 -21.18 -26.22 0.45
C SER F 6 -19.74 -25.67 0.50
N GLY F 7 -19.52 -24.54 -0.18
CA GLY F 7 -18.22 -23.93 -0.36
C GLY F 7 -17.61 -23.40 0.93
N ALA F 8 -16.45 -22.79 0.82
CA ALA F 8 -15.59 -22.57 1.97
C ALA F 8 -16.14 -21.43 2.80
N GLU F 9 -15.71 -21.36 4.07
CA GLU F 9 -16.33 -20.47 5.06
C GLU F 9 -15.35 -19.60 5.93
N LEU F 10 -15.56 -18.29 5.91
CA LEU F 10 -14.81 -17.40 6.74
C LEU F 10 -15.74 -16.85 7.76
N VAL F 11 -15.57 -17.22 9.02
CA VAL F 11 -16.51 -16.74 10.05
C VAL F 11 -15.84 -16.19 11.29
N ARG F 12 -16.55 -15.27 11.95
CA ARG F 12 -16.03 -14.52 13.10
C ARG F 12 -15.99 -15.40 14.33
N SER F 13 -15.08 -15.09 15.23
CA SER F 13 -15.07 -15.70 16.54
C SER F 13 -16.45 -15.56 17.23
N GLY F 14 -17.05 -16.68 17.62
CA GLY F 14 -18.30 -16.66 18.42
C GLY F 14 -19.59 -16.74 17.61
N ALA F 15 -19.47 -16.45 16.31
CA ALA F 15 -20.56 -16.59 15.37
C ALA F 15 -20.94 -18.04 15.19
N SER F 16 -21.98 -18.29 14.41
CA SER F 16 -22.44 -19.61 14.10
C SER F 16 -22.33 -19.83 12.59
N VAL F 17 -22.29 -21.07 12.14
CA VAL F 17 -22.39 -21.34 10.71
C VAL F 17 -22.98 -22.72 10.46
N LYS F 18 -23.66 -22.85 9.32
CA LYS F 18 -24.31 -24.07 8.90
C LYS F 18 -23.72 -24.53 7.58
N LEU F 19 -22.98 -25.64 7.59
CA LEU F 19 -22.48 -26.26 6.35
C LEU F 19 -23.55 -27.18 5.85
N SER F 20 -23.63 -27.35 4.54
CA SER F 20 -24.59 -28.29 3.96
C SER F 20 -23.89 -29.36 3.14
N CYS F 21 -24.59 -30.46 2.96
CA CYS F 21 -24.06 -31.57 2.21
C CYS F 21 -25.22 -32.23 1.53
N THR F 22 -25.14 -32.31 0.22
CA THR F 22 -26.29 -32.60 -0.57
C THR F 22 -25.99 -33.76 -1.48
N ALA F 23 -26.76 -34.82 -1.32
CA ALA F 23 -26.55 -36.10 -1.98
C ALA F 23 -27.14 -36.06 -3.38
N SER F 24 -26.50 -36.71 -4.35
CA SER F 24 -27.18 -37.00 -5.64
C SER F 24 -26.81 -38.41 -6.16
N GLY F 25 -27.82 -39.24 -6.40
CA GLY F 25 -27.58 -40.64 -6.75
C GLY F 25 -28.19 -41.61 -5.78
N PHE F 26 -28.36 -41.17 -4.54
CA PHE F 26 -29.02 -42.00 -3.52
C PHE F 26 -29.83 -41.09 -2.57
N ASN F 27 -30.71 -41.68 -1.77
CA ASN F 27 -31.36 -40.87 -0.78
C ASN F 27 -30.85 -41.04 0.64
N ILE F 28 -30.61 -39.87 1.22
CA ILE F 28 -30.14 -39.70 2.57
C ILE F 28 -30.85 -40.59 3.60
N LYS F 29 -32.09 -40.99 3.31
CA LYS F 29 -32.90 -41.78 4.26
C LYS F 29 -32.33 -43.17 4.39
N ASP F 30 -31.45 -43.54 3.48
CA ASP F 30 -30.97 -44.90 3.49
C ASP F 30 -29.61 -45.06 4.14
N TYR F 31 -29.04 -43.95 4.59
CA TYR F 31 -27.70 -43.97 5.22
C TYR F 31 -27.74 -43.33 6.58
N TYR F 32 -26.64 -43.45 7.31
CA TYR F 32 -26.42 -42.57 8.44
C TYR F 32 -25.63 -41.47 7.86
N MET F 33 -25.86 -40.26 8.27
CA MET F 33 -24.92 -39.28 7.82
C MET F 33 -23.97 -38.84 8.93
N TYR F 34 -22.67 -39.12 8.72
CA TYR F 34 -21.63 -38.85 9.70
C TYR F 34 -20.87 -37.58 9.29
N TRP F 35 -20.29 -36.89 10.27
CA TRP F 35 -19.44 -35.73 10.02
C TRP F 35 -18.07 -35.90 10.68
N VAL F 36 -17.03 -35.51 9.97
CA VAL F 36 -15.71 -35.74 10.46
C VAL F 36 -14.96 -34.45 10.43
N LYS F 37 -14.25 -34.16 11.51
CA LYS F 37 -13.42 -32.98 11.58
C LYS F 37 -11.93 -33.34 11.34
N LEU F 38 -11.21 -32.51 10.59
CA LEU F 38 -9.81 -32.76 10.25
C LEU F 38 -8.93 -31.53 10.50
N ARG F 39 -8.55 -31.29 11.76
CA ARG F 39 -7.69 -30.14 12.09
C ARG F 39 -6.35 -30.44 11.45
N PRO F 40 -5.71 -29.40 10.87
CA PRO F 40 -4.56 -29.60 9.96
C PRO F 40 -3.44 -30.26 10.70
N GLU F 41 -2.77 -31.19 10.03
CA GLU F 41 -1.70 -31.99 10.64
C GLU F 41 -2.10 -32.62 11.97
N GLN F 42 -3.41 -32.81 12.14
CA GLN F 42 -3.94 -33.65 13.22
C GLN F 42 -4.91 -34.72 12.71
N GLY F 43 -5.52 -35.40 13.67
CA GLY F 43 -6.30 -36.54 13.35
C GLY F 43 -7.56 -36.15 12.65
N LEU F 44 -8.20 -37.14 12.06
CA LEU F 44 -9.59 -37.09 11.76
C LEU F 44 -10.27 -37.22 13.11
N GLU F 45 -11.52 -36.76 13.20
CA GLU F 45 -12.30 -36.81 14.42
C GLU F 45 -13.77 -36.96 14.06
N TRP F 46 -14.42 -37.95 14.64
CA TRP F 46 -15.86 -38.13 14.49
C TRP F 46 -16.65 -37.20 15.41
N ILE F 47 -17.44 -36.33 14.82
CA ILE F 47 -18.35 -35.46 15.56
C ILE F 47 -19.62 -36.21 16.00
N GLY F 48 -20.07 -37.13 15.14
CA GLY F 48 -21.28 -37.88 15.38
C GLY F 48 -22.08 -38.06 14.10
N TRP F 49 -23.39 -38.24 14.23
CA TRP F 49 -24.20 -38.72 13.12
C TRP F 49 -25.69 -38.42 13.25
N ILE F 50 -26.37 -38.38 12.10
CA ILE F 50 -27.83 -38.34 12.04
C ILE F 50 -28.40 -39.53 11.23
N ASP F 51 -29.60 -39.98 11.60
CA ASP F 51 -30.39 -40.93 10.79
C ASP F 51 -31.59 -40.23 10.14
N PRO F 52 -31.46 -39.91 8.82
CA PRO F 52 -32.46 -39.18 8.05
C PRO F 52 -33.81 -39.91 7.97
N GLU F 53 -33.79 -41.21 8.19
CA GLU F 53 -35.04 -41.99 8.30
C GLU F 53 -35.90 -41.58 9.51
N ASN F 54 -35.27 -41.02 10.56
CA ASN F 54 -36.03 -40.75 11.79
C ASN F 54 -35.54 -39.54 12.63
N GLY F 55 -34.47 -38.90 12.21
CA GLY F 55 -34.07 -37.65 12.82
C GLY F 55 -33.31 -37.83 14.12
N ASP F 56 -33.07 -39.09 14.49
CA ASP F 56 -32.18 -39.44 15.59
C ASP F 56 -30.82 -38.87 15.37
N THR F 57 -30.29 -38.16 16.36
CA THR F 57 -28.90 -37.73 16.28
C THR F 57 -28.13 -38.20 17.49
N GLU F 58 -26.82 -38.33 17.34
CA GLU F 58 -25.94 -38.55 18.49
C GLU F 58 -24.61 -37.93 18.26
N TYR F 59 -24.19 -37.12 19.23
CA TYR F 59 -22.97 -36.38 19.11
C TYR F 59 -21.93 -36.85 20.12
N VAL F 60 -20.66 -36.79 19.73
CA VAL F 60 -19.56 -37.13 20.64
C VAL F 60 -19.49 -36.07 21.74
N PRO F 61 -19.31 -36.51 23.00
CA PRO F 61 -19.29 -35.63 24.16
C PRO F 61 -18.49 -34.33 23.97
N THR F 62 -17.39 -34.41 23.22
CA THR F 62 -16.56 -33.22 22.90
C THR F 62 -17.32 -32.14 22.13
N PHE F 63 -18.48 -32.51 21.58
CA PHE F 63 -19.17 -31.64 20.64
C PHE F 63 -20.57 -31.27 21.06
N GLN F 64 -21.05 -31.93 22.11
CA GLN F 64 -22.40 -31.71 22.60
C GLN F 64 -22.52 -30.30 23.14
N GLY F 65 -23.46 -29.54 22.59
CA GLY F 65 -23.61 -28.13 22.94
C GLY F 65 -22.83 -27.25 21.99
N LYS F 66 -22.17 -27.89 21.04
CA LYS F 66 -21.36 -27.19 20.06
C LYS F 66 -21.99 -27.34 18.68
N VAL F 67 -22.69 -28.45 18.46
CA VAL F 67 -23.17 -28.74 17.12
C VAL F 67 -24.63 -29.12 17.09
N THR F 68 -25.27 -28.91 15.94
CA THR F 68 -26.60 -29.45 15.67
C THR F 68 -26.63 -30.01 14.27
N MET F 69 -26.99 -31.28 14.16
CA MET F 69 -27.21 -31.91 12.84
C MET F 69 -28.69 -32.06 12.58
N THR F 70 -29.07 -31.98 11.30
CA THR F 70 -30.48 -31.95 10.87
C THR F 70 -30.44 -32.44 9.47
N ALA F 71 -31.42 -33.24 9.08
CA ALA F 71 -31.56 -33.58 7.66
C ALA F 71 -32.87 -33.01 7.08
N ASP F 72 -32.77 -32.54 5.83
CA ASP F 72 -33.91 -32.07 5.04
C ASP F 72 -34.06 -33.05 3.89
N THR F 73 -34.93 -34.03 4.08
CA THR F 73 -35.12 -35.07 3.08
C THR F 73 -35.91 -34.59 1.83
N SER F 74 -36.55 -33.42 1.91
CA SER F 74 -37.09 -32.78 0.72
C SER F 74 -36.02 -32.35 -0.26
N SER F 75 -35.06 -31.56 0.22
CA SER F 75 -33.97 -31.09 -0.61
C SER F 75 -32.84 -32.11 -0.58
N ASN F 76 -33.14 -33.29 -0.02
CA ASN F 76 -32.21 -34.41 0.05
C ASN F 76 -30.85 -34.03 0.63
N THR F 77 -30.84 -33.01 1.49
CA THR F 77 -29.61 -32.40 1.98
C THR F 77 -29.44 -32.56 3.51
N ALA F 78 -28.19 -32.45 3.97
CA ALA F 78 -27.87 -32.54 5.41
C ALA F 78 -27.03 -31.36 5.93
N TYR F 79 -27.14 -31.11 7.24
CA TYR F 79 -26.69 -29.85 7.84
C TYR F 79 -25.92 -30.04 9.11
N LEU F 80 -24.76 -29.42 9.18
CA LEU F 80 -24.02 -29.32 10.42
C LEU F 80 -23.99 -27.86 10.81
N GLN F 81 -24.62 -27.52 11.92
CA GLN F 81 -24.49 -26.20 12.43
C GLN F 81 -23.55 -26.24 13.57
N LEU F 82 -22.49 -25.44 13.45
CA LEU F 82 -21.53 -25.20 14.53
C LEU F 82 -21.89 -23.88 15.20
N SER F 83 -21.70 -23.77 16.51
CA SER F 83 -22.04 -22.55 17.23
C SER F 83 -20.94 -22.06 18.18
N SER F 84 -21.01 -20.77 18.55
CA SER F 84 -19.92 -20.04 19.25
C SER F 84 -18.50 -20.50 18.89
N LEU F 85 -18.12 -20.22 17.65
CA LEU F 85 -16.90 -20.72 17.08
C LEU F 85 -15.70 -20.04 17.70
N THR F 86 -14.68 -20.82 17.99
CA THR F 86 -13.38 -20.28 18.40
C THR F 86 -12.38 -20.78 17.37
N SER F 87 -11.13 -20.35 17.52
CA SER F 87 -10.06 -20.76 16.58
C SER F 87 -9.95 -22.27 16.59
N GLU F 88 -10.30 -22.87 17.73
CA GLU F 88 -10.27 -24.32 17.85
C GLU F 88 -11.01 -25.02 16.68
N ASP F 89 -12.10 -24.40 16.21
CA ASP F 89 -13.03 -25.05 15.27
C ASP F 89 -12.58 -24.87 13.80
N THR F 90 -11.50 -24.13 13.60
CA THR F 90 -10.82 -24.04 12.31
C THR F 90 -10.35 -25.43 11.83
N ALA F 91 -11.00 -25.93 10.80
CA ALA F 91 -10.79 -27.29 10.41
C ALA F 91 -11.44 -27.46 9.06
N VAL F 92 -11.12 -28.55 8.36
CA VAL F 92 -11.96 -28.97 7.24
C VAL F 92 -12.98 -30.00 7.71
N TYR F 93 -14.24 -29.82 7.30
CA TYR F 93 -15.36 -30.68 7.71
C TYR F 93 -15.86 -31.52 6.54
N TYR F 94 -15.98 -32.83 6.77
CA TYR F 94 -16.40 -33.78 5.73
C TYR F 94 -17.70 -34.44 6.14
N CYS F 95 -18.65 -34.54 5.22
CA CYS F 95 -19.82 -35.36 5.45
C CYS F 95 -19.53 -36.71 4.82
N ASN F 96 -20.02 -37.76 5.46
CA ASN F 96 -19.83 -39.10 4.94
C ASN F 96 -21.06 -39.97 5.15
N ALA F 97 -21.72 -40.32 4.06
CA ALA F 97 -22.92 -41.17 4.06
C ALA F 97 -22.58 -42.65 4.07
N GLY F 98 -22.90 -43.36 5.15
CA GLY F 98 -22.54 -44.77 5.27
C GLY F 98 -23.51 -45.56 6.09
N VAL F 99 -23.64 -46.84 5.75
CA VAL F 99 -24.45 -47.77 6.50
C VAL F 99 -23.91 -49.22 6.39
N ILE F 100 -24.28 -50.05 7.37
CA ILE F 100 -24.02 -51.48 7.30
C ILE F 100 -25.32 -52.30 7.17
N THR F 101 -25.55 -52.82 5.97
CA THR F 101 -26.64 -53.80 5.73
C THR F 101 -26.63 -54.94 6.76
N MET F 102 -27.82 -55.31 7.24
CA MET F 102 -27.97 -56.58 7.94
C MET F 102 -27.69 -57.80 7.00
N ALA F 107 -22.63 -53.11 1.52
CA ALA F 107 -22.39 -52.02 2.46
C ALA F 107 -21.67 -50.87 1.77
N MET F 108 -22.10 -49.65 2.05
CA MET F 108 -21.51 -48.48 1.41
C MET F 108 -21.20 -47.32 2.33
N ASP F 109 -20.21 -46.53 1.89
CA ASP F 109 -20.04 -45.20 2.39
C ASP F 109 -19.64 -44.24 1.22
N TYR F 110 -20.13 -43.00 1.30
CA TYR F 110 -19.81 -41.97 0.34
C TYR F 110 -19.25 -40.80 1.10
N TRP F 111 -18.42 -39.98 0.45
CA TRP F 111 -17.77 -38.87 1.13
C TRP F 111 -17.92 -37.61 0.29
N GLY F 112 -18.10 -36.47 0.96
CA GLY F 112 -18.10 -35.16 0.28
C GLY F 112 -16.69 -34.71 0.03
N GLN F 113 -16.50 -33.56 -0.59
CA GLN F 113 -15.18 -33.05 -0.91
C GLN F 113 -14.64 -32.14 0.21
N GLY F 114 -15.27 -32.19 1.38
CA GLY F 114 -14.92 -31.30 2.49
C GLY F 114 -15.41 -29.86 2.38
N THR F 115 -15.78 -29.28 3.50
CA THR F 115 -15.91 -27.85 3.54
C THR F 115 -14.84 -27.32 4.44
N THR F 116 -14.08 -26.38 3.92
CA THR F 116 -13.03 -25.77 4.68
C THR F 116 -13.54 -24.54 5.50
N VAL F 117 -13.40 -24.61 6.82
CA VAL F 117 -13.90 -23.57 7.73
C VAL F 117 -12.76 -22.86 8.47
N THR F 118 -12.72 -21.54 8.34
CA THR F 118 -11.68 -20.71 8.91
C THR F 118 -12.31 -19.66 9.82
N THR F 119 -11.98 -19.72 11.10
CA THR F 119 -12.57 -18.80 12.12
C THR F 119 -11.63 -17.67 12.44
N SER F 120 -11.73 -16.60 11.66
CA SER F 120 -10.89 -15.45 11.85
C SER F 120 -11.70 -14.18 11.86
N SER F 121 -11.31 -13.25 12.71
CA SER F 121 -11.83 -11.91 12.63
C SER F 121 -10.75 -11.04 11.97
N ALA F 122 -10.37 -11.45 10.75
CA ALA F 122 -9.62 -10.61 9.78
C ALA F 122 -10.52 -10.39 8.57
N LYS F 123 -10.11 -9.53 7.63
CA LYS F 123 -11.04 -9.06 6.56
C LYS F 123 -10.67 -9.57 5.19
N THR F 124 -11.69 -9.82 4.37
CA THR F 124 -11.47 -10.44 3.07
C THR F 124 -10.64 -9.58 2.12
N THR F 125 -9.31 -9.76 2.16
CA THR F 125 -8.42 -9.10 1.21
C THR F 125 -8.23 -9.98 -0.07
N PRO F 126 -8.32 -9.35 -1.27
CA PRO F 126 -8.11 -10.10 -2.50
C PRO F 126 -6.62 -10.08 -2.90
N PRO F 127 -6.24 -10.95 -3.86
CA PRO F 127 -4.86 -11.17 -4.28
C PRO F 127 -4.26 -10.23 -5.37
N SER F 128 -2.95 -10.06 -5.33
CA SER F 128 -2.25 -9.42 -6.42
C SER F 128 -1.57 -10.55 -7.19
N VAL F 129 -1.81 -10.65 -8.49
CA VAL F 129 -1.16 -11.67 -9.27
C VAL F 129 0.08 -11.15 -10.00
N TYR F 130 1.23 -11.72 -9.66
CA TYR F 130 2.49 -11.28 -10.24
C TYR F 130 3.07 -12.28 -11.25
N PRO F 131 3.40 -11.83 -12.48
CA PRO F 131 3.95 -12.76 -13.47
C PRO F 131 5.41 -13.07 -13.20
N LEU F 132 5.76 -14.35 -13.20
CA LEU F 132 7.15 -14.78 -13.09
C LEU F 132 7.65 -15.20 -14.44
N ALA F 133 8.42 -14.32 -15.07
CA ALA F 133 9.09 -14.65 -16.33
C ALA F 133 10.61 -14.81 -16.17
N PRO F 134 11.22 -15.73 -16.94
CA PRO F 134 12.66 -15.97 -16.84
C PRO F 134 13.47 -14.66 -16.86
N GLY F 135 14.70 -14.70 -16.34
CA GLY F 135 15.56 -13.49 -16.23
C GLY F 135 16.19 -13.02 -17.54
N THR F 136 16.63 -13.97 -18.37
CA THR F 136 17.24 -13.69 -19.68
C THR F 136 17.05 -14.87 -20.61
N ALA F 137 18.18 -15.51 -20.96
CA ALA F 137 18.20 -16.59 -21.93
C ALA F 137 18.55 -17.94 -21.30
N ALA F 138 18.31 -19.00 -22.09
CA ALA F 138 18.31 -20.43 -21.68
C ALA F 138 16.82 -20.88 -21.41
N SER F 142 15.04 -28.09 -25.28
CA SER F 142 14.58 -28.19 -23.90
C SER F 142 13.27 -27.40 -23.65
N MET F 143 13.08 -26.99 -22.39
CA MET F 143 11.83 -26.41 -21.98
C MET F 143 12.05 -25.13 -21.19
N VAL F 144 10.96 -24.44 -20.87
CA VAL F 144 11.02 -23.29 -19.98
C VAL F 144 9.95 -23.37 -18.87
N THR F 145 10.26 -22.76 -17.74
CA THR F 145 9.31 -22.66 -16.63
C THR F 145 8.85 -21.20 -16.34
N LEU F 146 7.56 -21.04 -16.15
CA LEU F 146 6.97 -19.74 -15.89
C LEU F 146 6.19 -19.86 -14.58
N GLY F 147 5.84 -18.73 -13.99
CA GLY F 147 5.10 -18.76 -12.74
C GLY F 147 4.08 -17.65 -12.51
N CYS F 148 3.23 -17.84 -11.51
CA CYS F 148 2.39 -16.77 -11.01
C CYS F 148 2.60 -16.68 -9.53
N LEU F 149 2.88 -15.46 -9.03
CA LEU F 149 2.86 -15.23 -7.60
C LEU F 149 1.57 -14.53 -7.15
N VAL F 150 0.90 -15.19 -6.18
CA VAL F 150 -0.38 -14.79 -5.65
C VAL F 150 -0.21 -14.39 -4.21
N LYS F 151 -0.29 -13.10 -3.97
CA LYS F 151 0.20 -12.54 -2.73
C LYS F 151 -0.90 -11.75 -2.03
N GLY F 152 -0.81 -11.71 -0.71
CA GLY F 152 -1.50 -10.73 0.10
C GLY F 152 -3.00 -10.87 0.12
N TYR F 153 -3.47 -12.10 0.08
CA TYR F 153 -4.89 -12.38 0.07
C TYR F 153 -5.34 -13.07 1.33
N PHE F 154 -6.66 -13.05 1.54
CA PHE F 154 -7.32 -13.69 2.66
C PHE F 154 -8.82 -13.73 2.42
N PRO F 155 -9.51 -14.81 2.89
CA PRO F 155 -8.91 -16.07 3.40
C PRO F 155 -8.71 -17.08 2.30
N GLU F 156 -8.14 -18.23 2.65
CA GLU F 156 -8.08 -19.35 1.72
C GLU F 156 -9.48 -19.72 1.25
N PRO F 157 -9.59 -20.35 0.07
CA PRO F 157 -8.50 -20.61 -0.80
C PRO F 157 -8.52 -19.73 -2.03
N VAL F 158 -7.39 -19.69 -2.74
CA VAL F 158 -7.38 -19.39 -4.16
C VAL F 158 -7.37 -20.69 -4.91
N THR F 159 -7.77 -20.66 -6.18
CA THR F 159 -7.39 -21.71 -7.10
C THR F 159 -6.78 -21.09 -8.35
N VAL F 160 -5.82 -21.80 -8.94
CA VAL F 160 -5.02 -21.30 -10.05
C VAL F 160 -5.05 -22.30 -11.21
N THR F 161 -5.45 -21.86 -12.39
CA THR F 161 -5.34 -22.73 -13.57
C THR F 161 -4.33 -22.16 -14.56
N TRP F 162 -4.02 -22.90 -15.61
CA TRP F 162 -3.16 -22.37 -16.65
C TRP F 162 -3.79 -22.52 -18.01
N ASN F 163 -3.77 -21.42 -18.77
CA ASN F 163 -4.58 -21.22 -19.97
C ASN F 163 -5.97 -21.76 -19.77
N SER F 164 -6.60 -21.35 -18.67
CA SER F 164 -7.91 -21.85 -18.24
C SER F 164 -8.06 -23.37 -18.27
N GLY F 165 -7.06 -24.08 -17.77
CA GLY F 165 -7.16 -25.53 -17.62
C GLY F 165 -6.44 -26.31 -18.70
N SER F 166 -6.26 -25.69 -19.86
CA SER F 166 -5.67 -26.34 -21.03
C SER F 166 -4.29 -26.87 -20.72
N LEU F 167 -3.50 -26.06 -20.00
CA LEU F 167 -2.22 -26.49 -19.45
C LEU F 167 -2.47 -27.04 -18.06
N SER F 168 -1.99 -28.24 -17.80
CA SER F 168 -2.27 -28.93 -16.54
C SER F 168 -1.05 -29.73 -16.07
N SER F 169 -0.50 -30.55 -16.96
CA SER F 169 0.73 -31.27 -16.63
C SER F 169 1.94 -30.36 -16.75
N GLY F 170 2.82 -30.41 -15.75
CA GLY F 170 3.98 -29.50 -15.67
C GLY F 170 3.74 -28.40 -14.65
N VAL F 171 2.68 -28.58 -13.88
CA VAL F 171 2.15 -27.53 -13.05
C VAL F 171 2.27 -27.92 -11.61
N HIS F 172 2.92 -27.06 -10.83
CA HIS F 172 3.03 -27.27 -9.42
C HIS F 172 2.48 -26.04 -8.77
N THR F 173 1.29 -26.17 -8.18
CA THR F 173 0.77 -25.14 -7.34
C THR F 173 1.11 -25.46 -5.92
N PHE F 174 1.71 -24.49 -5.24
CA PHE F 174 2.26 -24.75 -3.95
C PHE F 174 1.27 -24.34 -2.92
N PRO F 175 1.18 -25.12 -1.84
CA PRO F 175 0.42 -24.76 -0.65
C PRO F 175 0.74 -23.32 -0.23
N ALA F 176 -0.27 -22.55 0.14
CA ALA F 176 0.01 -21.20 0.60
C ALA F 176 0.54 -21.15 2.03
N VAL F 177 1.39 -20.16 2.27
CA VAL F 177 1.86 -19.84 3.60
C VAL F 177 1.13 -18.63 4.16
N LEU F 178 0.74 -18.72 5.41
CA LEU F 178 0.11 -17.62 6.09
C LEU F 178 1.21 -16.71 6.53
N GLN F 179 0.98 -15.42 6.51
CA GLN F 179 1.94 -14.48 7.13
C GLN F 179 1.50 -13.03 7.15
N SER F 180 1.63 -12.42 8.33
CA SER F 180 1.11 -11.09 8.65
C SER F 180 -0.37 -11.00 8.31
N ASP F 181 -1.07 -12.11 8.57
CA ASP F 181 -2.52 -12.25 8.41
C ASP F 181 -2.95 -12.19 6.93
N LEU F 182 -2.09 -12.70 6.06
CA LEU F 182 -2.33 -12.72 4.61
C LEU F 182 -1.62 -13.93 4.05
N TYR F 183 -2.32 -14.73 3.24
CA TYR F 183 -1.69 -15.87 2.57
C TYR F 183 -0.86 -15.44 1.34
N THR F 184 -0.12 -16.41 0.77
CA THR F 184 0.85 -16.17 -0.31
C THR F 184 1.22 -17.53 -0.88
N LEU F 185 1.00 -17.73 -2.17
CA LEU F 185 1.47 -18.95 -2.84
C LEU F 185 1.95 -18.62 -4.24
N SER F 186 2.54 -19.60 -4.94
CA SER F 186 2.84 -19.40 -6.34
C SER F 186 2.60 -20.66 -7.12
N SER F 187 2.44 -20.51 -8.43
CA SER F 187 2.25 -21.67 -9.34
C SER F 187 3.27 -21.68 -10.44
N SER F 188 3.87 -22.83 -10.66
CA SER F 188 4.84 -22.98 -11.71
C SER F 188 4.18 -23.80 -12.82
N VAL F 189 4.56 -23.51 -14.04
CA VAL F 189 4.16 -24.31 -15.17
C VAL F 189 5.35 -24.39 -16.12
N THR F 190 5.76 -25.62 -16.45
CA THR F 190 6.85 -25.85 -17.39
C THR F 190 6.30 -26.17 -18.76
N VAL F 191 6.74 -25.43 -19.76
CA VAL F 191 6.30 -25.64 -21.13
C VAL F 191 7.48 -25.76 -22.08
N PRO F 192 7.29 -26.49 -23.18
CA PRO F 192 8.28 -26.57 -24.27
C PRO F 192 8.71 -25.18 -24.73
N SER F 193 10.01 -24.92 -24.71
CA SER F 193 10.56 -23.60 -25.05
C SER F 193 10.18 -23.17 -26.47
N SER F 194 9.69 -24.13 -27.25
CA SER F 194 9.10 -23.89 -28.57
C SER F 194 7.68 -23.28 -28.50
N THR F 195 7.01 -23.41 -27.35
CA THR F 195 5.62 -22.97 -27.26
C THR F 195 5.49 -21.59 -26.64
N TRP F 196 6.58 -21.09 -26.04
CA TRP F 196 6.58 -19.77 -25.41
C TRP F 196 7.91 -19.09 -25.68
N PRO F 197 7.90 -17.77 -26.00
CA PRO F 197 6.76 -16.80 -26.05
C PRO F 197 5.87 -16.94 -27.26
N SER F 198 6.28 -17.81 -28.18
CA SER F 198 5.55 -18.10 -29.43
C SER F 198 4.03 -18.08 -29.23
N GLN F 199 3.51 -19.05 -28.47
CA GLN F 199 2.10 -19.06 -28.08
C GLN F 199 1.94 -18.49 -26.70
N THR F 200 0.72 -18.09 -26.37
CA THR F 200 0.51 -17.38 -25.11
C THR F 200 0.28 -18.31 -23.95
N VAL F 201 0.70 -17.86 -22.78
CA VAL F 201 0.53 -18.61 -21.54
C VAL F 201 -0.10 -17.69 -20.49
N THR F 202 -1.36 -17.98 -20.14
CA THR F 202 -2.09 -17.15 -19.17
C THR F 202 -2.36 -17.91 -17.92
N CYS F 203 -2.05 -17.32 -16.78
CA CYS F 203 -2.48 -17.92 -15.55
C CYS F 203 -3.79 -17.27 -15.08
N ASN F 204 -4.66 -18.09 -14.54
CA ASN F 204 -5.97 -17.65 -14.09
C ASN F 204 -6.09 -17.92 -12.59
N VAL F 205 -6.58 -16.94 -11.84
CA VAL F 205 -6.57 -17.02 -10.37
C VAL F 205 -7.97 -16.65 -9.90
N ALA F 206 -8.67 -17.63 -9.37
CA ALA F 206 -9.99 -17.41 -8.81
C ALA F 206 -9.86 -17.41 -7.30
N HIS F 207 -10.50 -16.39 -6.70
CA HIS F 207 -10.52 -16.23 -5.28
C HIS F 207 -11.94 -15.88 -4.92
N PRO F 208 -12.74 -16.89 -4.57
CA PRO F 208 -14.17 -16.66 -4.53
C PRO F 208 -14.57 -15.79 -3.33
N ALA F 209 -13.93 -15.98 -2.19
CA ALA F 209 -14.25 -15.19 -1.02
C ALA F 209 -14.36 -13.71 -1.35
N SER F 210 -13.60 -13.23 -2.36
CA SER F 210 -13.68 -11.83 -2.79
C SER F 210 -14.45 -11.69 -4.08
N SER F 211 -14.97 -12.79 -4.59
CA SER F 211 -15.73 -12.76 -5.83
C SER F 211 -14.92 -12.04 -6.90
N THR F 212 -13.61 -12.18 -6.82
CA THR F 212 -12.76 -11.71 -7.88
C THR F 212 -12.17 -12.86 -8.65
N LYS F 213 -11.62 -12.54 -9.82
CA LYS F 213 -11.01 -13.54 -10.69
C LYS F 213 -10.09 -12.80 -11.65
N VAL F 214 -8.83 -13.22 -11.72
CA VAL F 214 -7.83 -12.42 -12.42
C VAL F 214 -7.08 -13.26 -13.40
N ASP F 215 -6.73 -12.66 -14.54
CA ASP F 215 -5.83 -13.28 -15.52
C ASP F 215 -4.63 -12.35 -15.85
N LYS F 216 -3.45 -12.71 -15.33
CA LYS F 216 -2.20 -12.15 -15.81
C LYS F 216 -1.68 -13.11 -16.86
N LYS F 217 -1.30 -12.56 -18.01
CA LYS F 217 -0.72 -13.33 -19.09
C LYS F 217 0.76 -13.17 -18.95
N ILE F 218 1.51 -14.28 -18.99
CA ILE F 218 2.94 -14.21 -18.71
C ILE F 218 3.70 -13.51 -19.82
N VAL F 219 4.35 -12.38 -19.49
CA VAL F 219 5.10 -11.59 -20.48
C VAL F 219 6.61 -11.78 -20.41
N PRO F 220 7.24 -11.97 -21.58
CA PRO F 220 8.70 -12.02 -21.66
C PRO F 220 9.22 -10.70 -21.13
N ARG F 221 10.25 -10.75 -20.30
CA ARG F 221 10.64 -9.57 -19.54
C ARG F 221 11.24 -8.42 -20.37
N ASP G 1 23.01 -9.96 6.42
CA ASP G 1 23.49 -9.33 7.69
C ASP G 1 24.28 -10.32 8.52
N ILE G 2 24.77 -9.83 9.65
CA ILE G 2 25.61 -10.63 10.50
C ILE G 2 24.81 -11.66 11.24
N VAL G 3 24.74 -12.85 10.66
CA VAL G 3 24.23 -14.04 11.33
C VAL G 3 25.15 -14.44 12.47
N LEU G 4 24.64 -14.37 13.70
CA LEU G 4 25.42 -14.84 14.83
C LEU G 4 24.86 -16.18 15.31
N THR G 5 25.70 -17.21 15.16
CA THR G 5 25.39 -18.60 15.57
C THR G 5 25.98 -18.92 16.95
N GLN G 6 25.10 -19.32 17.88
CA GLN G 6 25.49 -19.70 19.23
C GLN G 6 25.48 -21.21 19.42
N SER G 7 26.14 -21.66 20.49
CA SER G 7 26.39 -23.09 20.69
C SER G 7 26.89 -23.36 22.10
N PRO G 8 26.27 -24.33 22.82
CA PRO G 8 25.13 -25.19 22.49
C PRO G 8 23.77 -24.51 22.63
N ALA G 9 22.70 -25.10 22.09
CA ALA G 9 21.37 -24.56 22.28
C ALA G 9 21.02 -24.63 23.77
N SER G 10 21.60 -25.62 24.48
CA SER G 10 21.31 -25.86 25.92
C SER G 10 22.55 -26.25 26.77
N LEU G 11 22.49 -26.06 28.08
CA LEU G 11 23.63 -26.32 28.94
C LEU G 11 23.28 -26.43 30.42
N ALA G 12 23.47 -27.63 30.99
CA ALA G 12 23.08 -27.92 32.37
C ALA G 12 24.30 -28.23 33.25
N VAL G 13 24.73 -27.27 34.07
CA VAL G 13 25.90 -27.49 34.91
C VAL G 13 25.53 -27.53 36.42
N SER G 14 26.49 -27.88 37.26
CA SER G 14 26.31 -27.89 38.74
C SER G 14 27.02 -26.72 39.41
N LEU G 15 26.47 -26.23 40.51
CA LEU G 15 27.07 -25.07 41.18
C LEU G 15 28.56 -25.30 41.44
N GLY G 16 29.39 -24.34 41.02
CA GLY G 16 30.83 -24.45 41.22
C GLY G 16 31.57 -25.00 40.01
N GLN G 17 30.89 -25.77 39.18
CA GLN G 17 31.46 -26.27 37.94
C GLN G 17 31.60 -25.14 36.92
N PRO G 18 32.44 -25.33 35.87
CA PRO G 18 32.54 -24.38 34.73
C PRO G 18 31.42 -24.47 33.63
N ALA G 19 31.21 -23.35 32.91
CA ALA G 19 30.34 -23.32 31.74
C ALA G 19 30.98 -22.49 30.63
N THR G 20 30.71 -22.88 29.38
CA THR G 20 31.20 -22.15 28.19
C THR G 20 30.16 -22.10 27.10
N ILE G 21 29.90 -20.89 26.60
CA ILE G 21 29.01 -20.65 25.48
C ILE G 21 29.83 -20.00 24.39
N SER G 22 29.66 -20.47 23.14
CA SER G 22 30.39 -19.92 21.97
C SER G 22 29.48 -19.16 21.04
N CYS G 23 30.01 -18.07 20.50
CA CYS G 23 29.31 -17.27 19.51
C CYS G 23 30.26 -17.06 18.34
N GLY G 24 29.95 -17.68 17.20
CA GLY G 24 30.69 -17.43 15.93
C GLY G 24 29.92 -16.54 14.94
N ALA G 25 30.51 -15.39 14.59
CA ALA G 25 29.93 -14.44 13.62
C ALA G 25 30.08 -14.95 12.17
N SER G 26 29.08 -14.68 11.33
CA SER G 26 29.16 -15.00 9.88
C SER G 26 30.16 -14.09 9.20
N LYS G 27 30.42 -12.95 9.81
CA LYS G 27 31.44 -12.03 9.34
C LYS G 27 32.23 -11.49 10.51
N SER G 28 33.28 -10.73 10.22
CA SER G 28 34.17 -10.27 11.26
C SER G 28 33.56 -9.10 11.99
N VAL G 29 33.56 -9.18 13.32
CA VAL G 29 33.02 -8.15 14.17
C VAL G 29 34.12 -7.23 14.70
N ARG G 30 34.75 -6.48 13.81
CA ARG G 30 35.82 -5.58 14.18
C ARG G 30 35.78 -4.44 13.16
N THR G 31 35.38 -3.23 13.57
CA THR G 31 35.50 -2.10 12.63
C THR G 31 36.89 -1.52 12.75
N SER G 32 37.06 -0.33 12.21
CA SER G 32 38.30 0.37 12.32
C SER G 32 38.51 0.81 13.77
N GLY G 33 39.18 -0.06 14.52
CA GLY G 33 39.38 0.09 15.97
C GLY G 33 38.80 -1.06 16.82
N TYR G 34 37.62 -0.79 17.39
CA TYR G 34 37.06 -1.64 18.43
C TYR G 34 36.21 -2.83 17.87
N SER G 35 35.86 -3.75 18.77
CA SER G 35 35.07 -4.95 18.45
C SER G 35 33.82 -5.02 19.37
N TYR G 36 32.64 -4.80 18.82
CA TYR G 36 31.44 -4.49 19.62
C TYR G 36 30.61 -5.75 19.91
N MET G 37 31.28 -6.76 20.43
CA MET G 37 30.65 -8.01 20.76
C MET G 37 30.02 -7.88 22.17
N ASP G 38 28.76 -8.29 22.31
CA ASP G 38 28.06 -8.12 23.60
C ASP G 38 27.39 -9.39 24.11
N TRP G 39 27.32 -9.53 25.45
CA TRP G 39 26.69 -10.69 26.08
C TRP G 39 25.56 -10.29 27.03
N ASN G 40 24.40 -10.89 26.80
CA ASN G 40 23.17 -10.64 27.56
C ASN G 40 22.71 -11.91 28.20
N GLN G 41 22.24 -11.78 29.43
CA GLN G 41 21.59 -12.85 30.13
C GLN G 41 20.14 -12.46 30.47
N GLN G 42 19.20 -13.33 30.15
CA GLN G 42 17.82 -13.12 30.54
C GLN G 42 17.36 -14.16 31.56
N LYS G 43 17.31 -13.79 32.84
CA LYS G 43 16.70 -14.65 33.83
C LYS G 43 15.19 -14.73 33.59
N PRO G 44 14.60 -15.90 33.84
CA PRO G 44 13.16 -16.07 33.69
C PRO G 44 12.39 -15.01 34.41
N GLY G 45 11.44 -14.39 33.73
CA GLY G 45 10.67 -13.33 34.33
C GLY G 45 11.32 -11.96 34.19
N GLN G 46 12.64 -11.93 34.10
CA GLN G 46 13.37 -10.67 34.12
C GLN G 46 13.59 -10.11 32.72
N PRO G 47 13.86 -8.81 32.62
CA PRO G 47 14.35 -8.32 31.33
C PRO G 47 15.82 -8.68 31.17
N PRO G 48 16.33 -8.62 29.94
CA PRO G 48 17.73 -8.87 29.77
C PRO G 48 18.56 -7.85 30.48
N ARG G 49 19.69 -8.28 30.97
CA ARG G 49 20.69 -7.35 31.43
C ARG G 49 21.97 -7.65 30.64
N ARG G 50 22.66 -6.60 30.19
CA ARG G 50 24.01 -6.74 29.60
C ARG G 50 25.06 -7.21 30.67
N LEU G 51 26.02 -8.05 30.28
CA LEU G 51 27.05 -8.54 31.24
C LEU G 51 28.42 -8.03 30.81
N ILE G 52 28.75 -8.35 29.55
CA ILE G 52 29.98 -7.92 28.92
C ILE G 52 29.69 -7.05 27.72
N TYR G 53 30.52 -6.04 27.53
CA TYR G 53 30.54 -5.30 26.30
C TYR G 53 31.96 -5.25 25.79
N LEU G 54 32.11 -4.88 24.52
CA LEU G 54 33.41 -4.90 23.83
C LEU G 54 34.21 -6.18 24.12
N VAL G 55 33.54 -7.32 24.01
CA VAL G 55 34.21 -8.61 24.06
C VAL G 55 34.63 -9.05 25.46
N SER G 56 35.23 -8.12 26.22
CA SER G 56 36.05 -8.47 27.42
C SER G 56 35.66 -7.75 28.70
N ASN G 57 35.15 -6.53 28.60
CA ASN G 57 34.88 -5.74 29.82
C ASN G 57 33.56 -6.11 30.44
N LEU G 58 33.56 -6.31 31.76
CA LEU G 58 32.30 -6.49 32.50
C LEU G 58 31.56 -5.18 32.67
N GLU G 59 30.25 -5.26 32.78
CA GLU G 59 29.42 -4.11 33.10
C GLU G 59 29.34 -4.02 34.63
N SER G 60 29.11 -2.83 35.17
CA SER G 60 29.07 -2.63 36.61
C SER G 60 28.18 -3.62 37.32
N GLY G 61 28.62 -4.06 38.49
CA GLY G 61 27.82 -4.97 39.32
C GLY G 61 27.87 -6.41 38.85
N VAL G 62 28.30 -6.62 37.61
CA VAL G 62 28.57 -7.97 37.14
C VAL G 62 29.77 -8.55 37.90
N PRO G 63 29.56 -9.75 38.49
CA PRO G 63 30.60 -10.40 39.33
C PRO G 63 31.83 -10.83 38.53
N ALA G 64 32.90 -11.14 39.25
CA ALA G 64 34.19 -11.49 38.68
C ALA G 64 34.15 -12.81 37.91
N ARG G 65 33.16 -13.65 38.17
CA ARG G 65 33.08 -15.00 37.57
C ARG G 65 32.93 -15.08 36.04
N PHE G 66 32.15 -14.18 35.46
CA PHE G 66 31.95 -14.13 34.03
C PHE G 66 33.15 -13.51 33.31
N SER G 67 33.55 -14.07 32.19
CA SER G 67 34.48 -13.34 31.34
C SER G 67 34.25 -13.63 29.88
N GLY G 68 34.33 -12.61 29.04
CA GLY G 68 34.17 -12.81 27.63
C GLY G 68 35.52 -13.03 27.02
N SER G 69 35.57 -13.70 25.87
CA SER G 69 36.84 -13.88 25.14
C SER G 69 36.64 -13.89 23.63
N GLY G 70 37.76 -13.78 22.90
CA GLY G 70 37.76 -13.99 21.45
C GLY G 70 38.05 -12.74 20.66
N SER G 71 38.10 -12.89 19.34
CA SER G 71 38.24 -11.76 18.41
C SER G 71 37.83 -12.24 17.02
N GLY G 72 37.80 -11.33 16.05
CA GLY G 72 37.35 -11.66 14.71
C GLY G 72 35.94 -12.25 14.72
N THR G 73 35.83 -13.54 14.47
CA THR G 73 34.49 -14.18 14.35
C THR G 73 34.19 -15.17 15.47
N ASP G 74 35.15 -15.37 16.36
CA ASP G 74 35.07 -16.42 17.36
C ASP G 74 35.13 -15.84 18.75
N PHE G 75 34.03 -16.02 19.50
CA PHE G 75 33.86 -15.42 20.85
C PHE G 75 33.26 -16.41 21.82
N THR G 76 33.84 -16.47 23.02
CA THR G 76 33.27 -17.28 24.07
C THR G 76 33.02 -16.49 25.34
N LEU G 77 31.96 -16.88 26.04
CA LEU G 77 31.66 -16.42 27.37
C LEU G 77 31.89 -17.57 28.33
N ASN G 78 32.77 -17.40 29.30
CA ASN G 78 33.03 -18.43 30.31
C ASN G 78 32.52 -18.03 31.69
N ILE G 79 31.98 -19.02 32.41
CA ILE G 79 31.65 -18.89 33.83
C ILE G 79 32.39 -20.00 34.57
N HIS G 80 32.92 -19.68 35.74
CA HIS G 80 33.29 -20.67 36.74
C HIS G 80 33.83 -19.93 37.91
N PRO G 81 33.45 -20.37 39.14
CA PRO G 81 32.34 -21.33 39.42
C PRO G 81 30.92 -20.79 39.16
N VAL G 82 30.04 -21.63 38.65
CA VAL G 82 28.63 -21.27 38.38
C VAL G 82 27.75 -21.16 39.64
N GLU G 83 27.10 -20.01 39.81
CA GLU G 83 26.10 -19.81 40.90
C GLU G 83 24.65 -20.12 40.49
N GLU G 84 23.73 -20.10 41.46
CA GLU G 84 22.34 -20.48 41.21
C GLU G 84 21.56 -19.40 40.44
N GLU G 85 21.90 -18.15 40.70
CA GLU G 85 21.29 -17.03 40.04
C GLU G 85 21.64 -16.96 38.55
N ASP G 86 22.41 -17.93 38.07
CA ASP G 86 22.87 -17.95 36.69
C ASP G 86 21.91 -18.63 35.71
N ALA G 87 20.96 -19.44 36.22
CA ALA G 87 19.86 -19.97 35.38
C ALA G 87 19.43 -18.83 34.52
N ALA G 88 19.06 -19.12 33.27
CA ALA G 88 18.73 -18.06 32.33
C ALA G 88 19.02 -18.41 30.86
N THR G 89 18.66 -17.51 29.96
CA THR G 89 19.18 -17.54 28.60
C THR G 89 20.27 -16.47 28.32
N TYR G 90 21.39 -16.92 27.74
CA TYR G 90 22.46 -16.03 27.36
C TYR G 90 22.45 -15.69 25.86
N TYR G 91 22.56 -14.40 25.53
CA TYR G 91 22.64 -14.02 24.13
C TYR G 91 23.94 -13.27 23.80
N CYS G 92 24.45 -13.47 22.60
CA CYS G 92 25.50 -12.64 22.10
C CYS G 92 24.90 -11.65 21.10
N SER G 93 25.40 -10.42 21.12
CA SER G 93 24.86 -9.35 20.29
C SER G 93 26.01 -8.58 19.72
N HIS G 94 26.16 -8.62 18.41
CA HIS G 94 27.20 -7.82 17.77
C HIS G 94 26.69 -6.39 17.53
N ILE G 95 27.60 -5.43 17.65
CA ILE G 95 27.30 -4.03 17.32
C ILE G 95 28.23 -3.38 16.25
N ARG G 96 29.12 -4.17 15.63
CA ARG G 96 30.05 -3.61 14.62
C ARG G 96 29.33 -3.24 13.29
N GLU G 97 28.20 -3.90 13.00
CA GLU G 97 27.42 -3.61 11.81
C GLU G 97 25.89 -3.43 12.12
N LEU G 98 25.24 -2.45 11.46
CA LEU G 98 23.75 -2.28 11.46
C LEU G 98 23.15 -3.04 10.28
N PRO G 99 22.10 -3.85 10.52
CA PRO G 99 21.43 -4.14 11.79
C PRO G 99 22.31 -4.90 12.79
N ARG G 100 22.23 -4.46 14.05
CA ARG G 100 22.85 -5.16 15.15
C ARG G 100 22.14 -6.50 15.34
N SER G 101 22.90 -7.59 15.45
CA SER G 101 22.34 -8.95 15.29
C SER G 101 22.48 -9.81 16.49
N SER G 102 21.51 -10.68 16.70
CA SER G 102 21.49 -11.41 17.93
C SER G 102 21.62 -12.90 17.70
N GLY G 103 22.14 -13.61 18.70
CA GLY G 103 22.34 -15.06 18.60
C GLY G 103 21.06 -15.81 18.94
N GLY G 104 21.00 -17.07 18.53
CA GLY G 104 19.82 -17.89 18.75
C GLY G 104 19.52 -18.07 20.23
N GLY G 105 20.51 -17.86 21.10
CA GLY G 105 20.32 -17.98 22.54
C GLY G 105 20.88 -19.28 23.03
N THR G 106 21.21 -19.33 24.34
CA THR G 106 21.61 -20.55 25.04
C THR G 106 20.97 -20.60 26.43
N LYS G 107 20.25 -21.68 26.70
CA LYS G 107 19.60 -21.87 28.00
C LYS G 107 20.56 -22.53 29.01
N LEU G 108 20.94 -21.79 30.05
CA LEU G 108 21.71 -22.34 31.15
C LEU G 108 20.79 -22.87 32.23
N GLU G 109 20.76 -24.19 32.37
CA GLU G 109 20.06 -24.86 33.47
C GLU G 109 21.07 -25.29 34.52
N ILE G 110 20.64 -25.27 35.78
CA ILE G 110 21.44 -25.74 36.88
C ILE G 110 21.11 -27.22 37.11
N LYS G 111 22.15 -28.05 37.24
CA LYS G 111 22.00 -29.39 37.82
C LYS G 111 21.85 -29.31 39.34
N ARG G 112 21.02 -30.19 39.89
CA ARG G 112 20.93 -30.34 41.34
C ARG G 112 20.59 -31.78 41.72
N ALA G 113 20.74 -32.12 43.01
CA ALA G 113 20.31 -33.43 43.52
C ALA G 113 18.81 -33.63 43.24
N ASP G 114 18.44 -34.84 42.83
CA ASP G 114 17.09 -35.07 42.32
C ASP G 114 16.00 -34.81 43.38
N ALA G 115 14.86 -34.32 42.91
CA ALA G 115 13.73 -33.99 43.78
C ALA G 115 12.46 -34.75 43.41
N ALA G 116 11.83 -35.36 44.40
CA ALA G 116 10.45 -35.83 44.27
C ALA G 116 9.51 -34.61 44.31
N PRO G 117 8.67 -34.46 43.27
CA PRO G 117 7.62 -33.43 43.26
C PRO G 117 6.65 -33.64 44.40
N THR G 118 6.05 -32.57 44.89
CA THR G 118 4.85 -32.67 45.74
C THR G 118 3.57 -32.58 44.87
N VAL G 119 2.70 -33.56 45.04
CA VAL G 119 1.54 -33.72 44.16
C VAL G 119 0.26 -33.57 44.94
N SER G 120 -0.65 -32.73 44.40
CA SER G 120 -1.94 -32.45 45.00
C SER G 120 -3.01 -32.49 43.92
N ILE G 121 -4.16 -33.07 44.25
CA ILE G 121 -5.29 -33.14 43.32
C ILE G 121 -6.44 -32.30 43.85
N PHE G 122 -7.24 -31.74 42.92
CA PHE G 122 -8.36 -30.84 43.29
C PHE G 122 -9.60 -31.09 42.42
N PRO G 123 -10.74 -31.32 43.06
CA PRO G 123 -11.97 -31.46 42.28
C PRO G 123 -12.39 -30.09 41.73
N PRO G 124 -13.44 -30.06 40.87
CA PRO G 124 -14.08 -28.76 40.63
C PRO G 124 -14.79 -28.25 41.86
N SER G 125 -14.84 -26.93 42.00
CA SER G 125 -15.42 -26.26 43.15
C SER G 125 -16.88 -26.02 42.88
N SER G 126 -17.69 -25.85 43.93
CA SER G 126 -19.12 -25.58 43.73
C SER G 126 -19.30 -24.52 42.66
N GLU G 127 -18.49 -23.47 42.75
CA GLU G 127 -18.63 -22.29 41.89
C GLU G 127 -18.55 -22.64 40.41
N GLN G 128 -17.45 -23.26 40.01
CA GLN G 128 -17.26 -23.61 38.62
C GLN G 128 -18.41 -24.47 38.17
N LEU G 129 -18.85 -25.34 39.08
CA LEU G 129 -19.90 -26.31 38.77
C LEU G 129 -21.22 -25.70 38.32
N THR G 130 -21.35 -24.39 38.52
CA THR G 130 -22.59 -23.71 38.16
C THR G 130 -22.43 -22.85 36.89
N SER G 131 -21.21 -22.85 36.34
CA SER G 131 -20.94 -22.18 35.07
C SER G 131 -21.14 -23.15 33.91
N GLY G 132 -21.33 -24.43 34.26
CA GLY G 132 -21.44 -25.48 33.26
C GLY G 132 -20.11 -26.16 32.94
N GLY G 133 -19.00 -25.60 33.48
CA GLY G 133 -17.65 -26.14 33.29
C GLY G 133 -17.12 -26.91 34.50
N ALA G 134 -16.10 -27.75 34.25
CA ALA G 134 -15.40 -28.50 35.33
C ALA G 134 -13.93 -28.62 35.02
N SER G 135 -13.09 -28.26 35.98
CA SER G 135 -11.64 -28.35 35.83
C SER G 135 -11.05 -29.12 36.97
N VAL G 136 -10.30 -30.15 36.65
CA VAL G 136 -9.62 -30.87 37.69
C VAL G 136 -8.18 -30.46 37.65
N VAL G 137 -7.73 -29.93 38.78
CA VAL G 137 -6.39 -29.40 38.91
C VAL G 137 -5.47 -30.30 39.72
N CYS G 138 -4.43 -30.79 39.04
CA CYS G 138 -3.31 -31.46 39.70
C CYS G 138 -2.07 -30.50 39.71
N PHE G 139 -1.38 -30.41 40.85
CA PHE G 139 -0.13 -29.62 40.96
C PHE G 139 1.09 -30.51 41.23
N LEU G 140 2.13 -30.37 40.43
CA LEU G 140 3.31 -31.19 40.64
C LEU G 140 4.51 -30.29 40.96
N ASN G 141 4.97 -30.31 42.20
CA ASN G 141 5.78 -29.20 42.73
C ASN G 141 7.24 -29.41 43.21
N ASN G 142 8.08 -28.42 42.96
CA ASN G 142 9.47 -28.45 43.36
C ASN G 142 10.19 -29.76 43.03
N PHE G 143 10.17 -30.14 41.77
CA PHE G 143 10.81 -31.38 41.38
C PHE G 143 12.00 -31.12 40.47
N TYR G 144 12.86 -32.13 40.34
CA TYR G 144 14.03 -32.06 39.49
C TYR G 144 14.54 -33.46 39.15
N PRO G 145 14.86 -33.71 37.86
CA PRO G 145 14.84 -32.75 36.75
C PRO G 145 13.44 -32.52 36.15
N LYS G 146 13.34 -31.55 35.23
CA LYS G 146 12.06 -31.10 34.65
C LYS G 146 11.29 -32.16 33.82
N ASP G 147 12.02 -33.08 33.20
CA ASP G 147 11.42 -34.15 32.42
C ASP G 147 10.51 -34.98 33.31
N ILE G 148 9.21 -34.79 33.14
CA ILE G 148 8.23 -35.48 33.97
C ILE G 148 6.98 -35.86 33.16
N ASN G 149 6.23 -36.80 33.70
CA ASN G 149 5.13 -37.39 32.98
C ASN G 149 3.86 -37.30 33.79
N VAL G 150 2.79 -36.82 33.16
CA VAL G 150 1.51 -36.76 33.83
C VAL G 150 0.44 -37.42 32.94
N LYS G 151 -0.25 -38.42 33.50
CA LYS G 151 -1.26 -39.15 32.76
C LYS G 151 -2.60 -39.06 33.48
N TRP G 152 -3.67 -38.84 32.73
CA TRP G 152 -5.00 -38.76 33.32
C TRP G 152 -5.85 -40.02 33.10
N LYS G 153 -6.54 -40.43 34.17
CA LYS G 153 -7.41 -41.62 34.15
C LYS G 153 -8.80 -41.31 34.74
N ILE G 154 -9.79 -41.24 33.86
CA ILE G 154 -11.18 -41.11 34.28
C ILE G 154 -11.72 -42.49 34.46
N ASP G 155 -12.09 -42.81 35.70
CA ASP G 155 -12.68 -44.10 36.04
C ASP G 155 -11.80 -45.34 35.77
N GLY G 156 -10.62 -45.13 35.16
CA GLY G 156 -9.69 -46.24 34.89
C GLY G 156 -9.11 -46.17 33.49
N SER G 157 -9.72 -45.36 32.64
CA SER G 157 -9.26 -45.17 31.26
C SER G 157 -8.42 -43.91 31.05
N GLU G 158 -7.28 -44.07 30.38
CA GLU G 158 -6.46 -42.94 30.02
C GLU G 158 -7.20 -42.07 29.04
N ARG G 159 -7.50 -40.87 29.48
CA ARG G 159 -8.12 -39.88 28.64
C ARG G 159 -7.04 -38.88 28.24
N GLN G 160 -7.01 -38.54 26.96
CA GLN G 160 -5.95 -37.66 26.44
C GLN G 160 -6.43 -36.30 25.97
N ASN G 161 -7.71 -36.18 25.66
CA ASN G 161 -8.30 -34.91 25.21
C ASN G 161 -8.82 -34.06 26.36
N GLY G 162 -8.33 -32.82 26.44
CA GLY G 162 -8.84 -31.84 27.40
C GLY G 162 -7.86 -31.50 28.50
N VAL G 163 -6.62 -31.91 28.30
CA VAL G 163 -5.55 -31.67 29.27
C VAL G 163 -4.65 -30.53 28.79
N LEU G 164 -4.46 -29.54 29.65
CA LEU G 164 -3.46 -28.52 29.40
C LEU G 164 -2.43 -28.54 30.52
N ASN G 165 -1.15 -28.49 30.16
CA ASN G 165 -0.10 -28.43 31.13
C ASN G 165 0.64 -27.10 31.11
N SER G 166 1.10 -26.67 32.27
CA SER G 166 1.97 -25.51 32.33
C SER G 166 3.10 -25.76 33.31
N TRP G 167 4.31 -25.55 32.83
CA TRP G 167 5.54 -25.70 33.60
C TRP G 167 6.04 -24.32 33.93
N THR G 168 6.60 -24.13 35.13
CA THR G 168 7.30 -22.91 35.45
C THR G 168 8.72 -22.92 34.86
N ASP G 169 9.45 -21.82 35.02
CA ASP G 169 10.86 -21.83 34.74
C ASP G 169 11.63 -22.16 36.01
N GLN G 170 12.87 -22.63 35.84
CA GLN G 170 13.68 -23.06 36.97
C GLN G 170 13.73 -21.94 37.98
N ASP G 171 13.56 -22.32 39.23
CA ASP G 171 13.48 -21.36 40.28
C ASP G 171 14.90 -20.94 40.60
N SER G 172 15.11 -19.64 40.83
CA SER G 172 16.43 -19.16 41.25
C SER G 172 16.84 -19.67 42.63
N LYS G 173 15.90 -19.61 43.58
CA LYS G 173 16.17 -20.00 44.96
C LYS G 173 16.61 -21.46 45.10
N ASP G 174 15.85 -22.42 44.58
CA ASP G 174 16.18 -23.83 44.88
C ASP G 174 16.37 -24.76 43.70
N SER G 175 16.28 -24.20 42.49
CA SER G 175 16.66 -24.92 41.26
C SER G 175 15.70 -26.03 40.85
N THR G 176 14.56 -26.09 41.53
CA THR G 176 13.50 -26.97 41.12
C THR G 176 12.60 -26.39 39.99
N TYR G 177 11.79 -27.28 39.42
CA TYR G 177 10.72 -26.91 38.52
C TYR G 177 9.41 -27.28 39.21
N SER G 178 8.35 -26.56 38.90
CA SER G 178 7.02 -26.97 39.24
C SER G 178 6.15 -27.03 37.98
N MET G 179 5.03 -27.74 38.07
CA MET G 179 4.18 -27.90 36.90
C MET G 179 2.69 -28.01 37.26
N SER G 180 1.84 -27.58 36.34
CA SER G 180 0.39 -27.76 36.45
C SER G 180 -0.18 -28.62 35.32
N SER G 181 -1.05 -29.58 35.67
CA SER G 181 -1.83 -30.33 34.70
C SER G 181 -3.30 -30.11 35.00
N THR G 182 -4.09 -29.83 33.96
CA THR G 182 -5.48 -29.46 34.16
C THR G 182 -6.37 -30.11 33.14
N LEU G 183 -7.32 -30.90 33.63
CA LEU G 183 -8.28 -31.61 32.80
C LEU G 183 -9.63 -30.97 32.94
N THR G 184 -10.08 -30.35 31.87
CA THR G 184 -11.34 -29.65 31.91
C THR G 184 -12.42 -30.40 31.15
N LEU G 185 -13.47 -30.77 31.88
CA LEU G 185 -14.65 -31.43 31.33
C LEU G 185 -15.88 -30.51 31.49
N THR G 186 -16.98 -30.85 30.80
CA THR G 186 -18.27 -30.17 31.05
C THR G 186 -18.95 -30.83 32.24
N LYS G 187 -19.64 -30.03 33.05
CA LYS G 187 -20.33 -30.54 34.24
C LYS G 187 -20.99 -31.85 33.85
N ASP G 188 -21.71 -31.82 32.74
CA ASP G 188 -22.35 -32.99 32.18
C ASP G 188 -21.41 -34.21 32.06
N GLU G 189 -20.33 -34.08 31.30
CA GLU G 189 -19.35 -35.17 31.18
C GLU G 189 -18.76 -35.56 32.53
N TYR G 190 -18.35 -34.54 33.29
CA TYR G 190 -17.74 -34.71 34.59
C TYR G 190 -18.65 -35.53 35.51
N GLU G 191 -19.94 -35.20 35.49
CA GLU G 191 -20.86 -35.75 36.46
C GLU G 191 -21.18 -37.21 36.21
N ARG G 192 -20.71 -37.75 35.09
CA ARG G 192 -21.02 -39.14 34.74
C ARG G 192 -19.92 -40.11 35.11
N HIS G 193 -19.03 -39.71 36.01
CA HIS G 193 -17.88 -40.55 36.35
C HIS G 193 -17.53 -40.47 37.84
N ASN G 194 -16.74 -41.40 38.33
CA ASN G 194 -16.45 -41.43 39.76
C ASN G 194 -14.99 -41.12 40.11
N SER G 195 -14.10 -42.06 39.89
CA SER G 195 -12.71 -41.88 40.29
C SER G 195 -11.92 -41.10 39.24
N TYR G 196 -11.21 -40.06 39.70
CA TYR G 196 -10.34 -39.24 38.87
C TYR G 196 -8.86 -39.38 39.26
N THR G 197 -7.97 -39.46 38.27
CA THR G 197 -6.55 -39.78 38.53
C THR G 197 -5.51 -38.95 37.72
N CYS G 198 -4.72 -38.10 38.41
CA CYS G 198 -3.49 -37.57 37.79
C CYS G 198 -2.32 -38.49 38.18
N GLU G 199 -1.66 -39.07 37.17
CA GLU G 199 -0.53 -39.99 37.39
C GLU G 199 0.84 -39.34 37.14
N ALA G 200 1.77 -39.55 38.06
CA ALA G 200 3.10 -38.94 37.95
C ALA G 200 4.29 -39.93 37.79
N THR G 201 4.77 -40.08 36.56
CA THR G 201 6.00 -40.84 36.25
C THR G 201 7.20 -39.89 36.26
N HIS G 202 8.04 -40.00 37.28
CA HIS G 202 9.27 -39.21 37.41
C HIS G 202 10.39 -40.12 37.90
N LYS G 203 11.65 -39.77 37.62
CA LYS G 203 12.78 -40.69 37.93
C LYS G 203 13.05 -40.91 39.43
N THR G 204 12.43 -40.11 40.28
CA THR G 204 12.57 -40.25 41.76
C THR G 204 11.86 -41.48 42.39
N SER G 205 11.24 -42.30 41.55
CA SER G 205 10.61 -43.56 41.95
C SER G 205 10.41 -44.39 40.67
N THR G 206 10.19 -45.70 40.82
CA THR G 206 10.00 -46.54 39.65
C THR G 206 8.52 -46.53 39.21
N SER G 207 7.63 -46.72 40.18
CA SER G 207 6.20 -46.63 39.98
C SER G 207 5.69 -45.21 40.23
N PRO G 208 4.68 -44.77 39.46
CA PRO G 208 4.22 -43.37 39.50
C PRO G 208 3.70 -42.91 40.87
N ILE G 209 3.80 -41.59 41.14
CA ILE G 209 3.04 -40.99 42.24
C ILE G 209 1.63 -40.69 41.77
N VAL G 210 0.68 -41.39 42.37
CA VAL G 210 -0.69 -41.38 41.91
C VAL G 210 -1.53 -40.59 42.87
N LYS G 211 -2.38 -39.72 42.33
CA LYS G 211 -3.33 -38.96 43.12
C LYS G 211 -4.72 -39.05 42.52
N SER G 212 -5.71 -39.28 43.40
CA SER G 212 -7.06 -39.61 42.98
C SER G 212 -8.08 -38.93 43.87
N PHE G 213 -9.33 -38.92 43.42
CA PHE G 213 -10.48 -38.68 44.29
C PHE G 213 -11.74 -39.35 43.74
N ASN G 214 -12.77 -39.46 44.58
CA ASN G 214 -14.07 -40.03 44.19
C ASN G 214 -15.17 -38.98 44.21
N ARG G 215 -15.71 -38.67 43.03
CA ARG G 215 -16.61 -37.51 42.87
C ARG G 215 -17.63 -37.45 44.04
N VAL H 1 18.42 4.58 39.29
CA VAL H 1 18.64 3.57 38.19
C VAL H 1 17.26 2.96 37.91
N GLN H 2 16.55 3.44 36.89
CA GLN H 2 15.08 3.10 36.76
C GLN H 2 14.35 3.52 35.44
N LEU H 3 14.24 2.60 34.49
CA LEU H 3 13.46 2.87 33.29
C LEU H 3 12.14 2.15 33.36
N GLN H 4 11.08 2.88 33.70
CA GLN H 4 9.75 2.29 33.67
C GLN H 4 9.11 2.38 32.30
N GLN H 5 8.41 1.31 31.90
CA GLN H 5 7.72 1.25 30.60
C GLN H 5 6.19 1.25 30.78
N SER H 6 5.47 1.57 29.71
CA SER H 6 4.00 1.68 29.80
C SER H 6 3.36 0.30 29.95
N GLY H 7 2.10 0.27 30.37
CA GLY H 7 1.45 -0.97 30.74
C GLY H 7 1.06 -1.83 29.55
N ALA H 8 0.76 -3.09 29.84
CA ALA H 8 0.38 -4.06 28.83
C ALA H 8 -0.61 -3.49 27.80
N GLU H 9 -0.45 -3.85 26.53
CA GLU H 9 -1.28 -3.27 25.46
C GLU H 9 -1.97 -4.29 24.61
N LEU H 10 -3.25 -4.08 24.37
CA LEU H 10 -4.05 -4.98 23.56
C LEU H 10 -4.51 -4.13 22.44
N VAL H 11 -4.21 -4.51 21.20
CA VAL H 11 -4.42 -3.59 20.09
C VAL H 11 -5.01 -4.21 18.82
N ARG H 12 -6.13 -3.65 18.40
CA ARG H 12 -6.84 -4.17 17.25
C ARG H 12 -5.88 -4.24 16.09
N SER H 13 -6.07 -5.25 15.26
CA SER H 13 -5.29 -5.44 14.04
C SER H 13 -5.50 -4.31 13.05
N GLY H 14 -4.40 -3.76 12.55
CA GLY H 14 -4.48 -2.60 11.70
C GLY H 14 -4.12 -1.30 12.39
N ALA H 15 -4.40 -1.21 13.70
CA ALA H 15 -4.23 0.06 14.46
C ALA H 15 -2.78 0.42 14.81
N SER H 16 -2.62 1.62 15.38
CA SER H 16 -1.35 2.11 15.95
C SER H 16 -1.30 1.96 17.47
N VAL H 17 -0.10 2.01 18.03
CA VAL H 17 0.10 2.08 19.50
C VAL H 17 1.37 2.90 19.80
N LYS H 18 1.29 3.86 20.71
CA LYS H 18 2.49 4.62 21.15
C LYS H 18 2.96 4.09 22.52
N LEU H 19 4.11 3.40 22.55
CA LEU H 19 4.64 2.82 23.80
C LEU H 19 5.60 3.78 24.48
N SER H 20 5.59 3.79 25.81
CA SER H 20 6.47 4.72 26.53
C SER H 20 7.50 4.11 27.52
N CYS H 21 8.57 4.85 27.70
CA CYS H 21 9.70 4.41 28.44
C CYS H 21 10.26 5.61 29.15
N THR H 22 10.01 5.66 30.46
CA THR H 22 10.35 6.82 31.28
C THR H 22 11.50 6.53 32.28
N ALA H 23 12.55 7.35 32.23
CA ALA H 23 13.82 7.15 33.00
C ALA H 23 13.96 8.00 34.25
N SER H 24 14.54 7.42 35.28
CA SER H 24 14.90 8.13 36.49
C SER H 24 16.30 7.69 36.88
N GLY H 25 17.07 8.61 37.43
CA GLY H 25 18.38 8.25 37.93
C GLY H 25 19.48 8.61 36.98
N PHE H 26 19.12 9.18 35.82
CA PHE H 26 20.09 9.54 34.77
C PHE H 26 19.35 10.22 33.66
N ASN H 27 20.04 10.82 32.72
CA ASN H 27 19.28 11.29 31.62
C ASN H 27 19.49 10.74 30.24
N ILE H 28 18.42 10.90 29.47
CA ILE H 28 18.20 10.18 28.30
C ILE H 28 19.06 10.72 27.19
N LYS H 29 19.54 11.95 27.36
CA LYS H 29 20.36 12.50 26.29
C LYS H 29 21.82 12.11 26.43
N ASP H 30 22.15 11.40 27.50
CA ASP H 30 23.51 10.91 27.63
C ASP H 30 23.62 9.53 27.02
N TYR H 31 22.49 8.92 26.71
CA TYR H 31 22.54 7.56 26.19
C TYR H 31 21.96 7.49 24.81
N TYR H 32 21.85 6.30 24.26
CA TYR H 32 21.19 6.08 23.01
C TYR H 32 20.02 5.24 23.48
N MET H 33 18.81 5.59 23.07
CA MET H 33 17.69 4.75 23.48
C MET H 33 17.40 3.74 22.41
N TYR H 34 17.71 2.48 22.68
CA TYR H 34 17.44 1.42 21.75
C TYR H 34 16.07 0.82 22.02
N TRP H 35 15.56 0.09 21.06
CA TRP H 35 14.41 -0.72 21.30
C TRP H 35 14.73 -2.09 20.76
N VAL H 36 14.17 -3.09 21.43
CA VAL H 36 14.40 -4.47 21.14
C VAL H 36 13.09 -5.18 21.35
N LYS H 37 12.87 -6.22 20.55
CA LYS H 37 11.62 -6.96 20.55
C LYS H 37 11.87 -8.41 20.89
N LEU H 38 11.06 -8.97 21.76
CA LEU H 38 11.14 -10.39 22.04
C LEU H 38 9.81 -11.01 21.69
N ARG H 39 9.83 -11.93 20.73
CA ARG H 39 8.69 -12.76 20.37
C ARG H 39 8.89 -14.18 20.92
N PRO H 40 7.84 -15.06 20.82
CA PRO H 40 7.73 -16.24 21.68
C PRO H 40 8.87 -17.19 21.44
N GLU H 41 9.72 -17.32 22.45
CA GLU H 41 10.90 -18.18 22.38
C GLU H 41 11.75 -17.98 21.08
N GLN H 42 11.25 -17.09 20.20
CA GLN H 42 11.85 -16.69 18.88
C GLN H 42 13.12 -15.79 18.83
N GLY H 43 13.54 -15.23 19.97
CA GLY H 43 14.72 -14.38 19.98
C GLY H 43 14.44 -12.88 20.07
N LEU H 44 15.43 -12.17 20.61
CA LEU H 44 15.47 -10.71 20.60
C LEU H 44 15.86 -10.19 19.22
N GLU H 45 15.11 -9.21 18.74
CA GLU H 45 15.47 -8.53 17.54
C GLU H 45 15.68 -7.09 17.95
N TRP H 46 16.66 -6.43 17.36
CA TRP H 46 16.94 -5.04 17.64
C TRP H 46 16.17 -4.19 16.67
N ILE H 47 15.49 -3.15 17.16
CA ILE H 47 14.58 -2.38 16.28
C ILE H 47 15.31 -1.20 15.64
N GLY H 48 16.13 -0.56 16.45
CA GLY H 48 16.72 0.71 16.10
C GLY H 48 16.88 1.53 17.36
N TRP H 49 17.29 2.78 17.21
CA TRP H 49 17.63 3.60 18.37
C TRP H 49 17.15 5.04 18.21
N ILE H 50 17.28 5.81 19.28
CA ILE H 50 17.12 7.25 19.19
C ILE H 50 18.21 7.95 20.00
N ASP H 51 18.64 9.11 19.51
CA ASP H 51 19.58 9.95 20.23
C ASP H 51 18.88 11.22 20.68
N PRO H 52 18.47 11.23 21.95
CA PRO H 52 17.82 12.35 22.63
C PRO H 52 18.65 13.63 22.66
N GLU H 53 19.94 13.54 22.38
CA GLU H 53 20.74 14.74 22.37
C GLU H 53 20.57 15.46 21.01
N ASN H 54 19.80 14.86 20.09
CA ASN H 54 19.47 15.53 18.81
C ASN H 54 18.39 14.94 17.87
N GLY H 55 17.50 14.11 18.42
CA GLY H 55 16.38 13.58 17.63
C GLY H 55 16.79 12.71 16.45
N ASP H 56 18.10 12.39 16.37
CA ASP H 56 18.63 11.38 15.46
C ASP H 56 17.96 10.03 15.69
N THR H 57 17.56 9.38 14.61
CA THR H 57 17.01 8.02 14.70
C THR H 57 17.68 7.17 13.65
N GLU H 58 17.70 5.86 13.84
CA GLU H 58 18.08 4.94 12.76
C GLU H 58 17.42 3.62 13.03
N TYR H 59 16.59 3.21 12.09
CA TYR H 59 15.84 1.98 12.26
C TYR H 59 16.39 0.82 11.42
N VAL H 60 16.30 -0.38 11.97
CA VAL H 60 16.43 -1.60 11.18
C VAL H 60 15.48 -1.56 9.97
N PRO H 61 15.97 -1.94 8.78
CA PRO H 61 15.23 -1.96 7.51
C PRO H 61 13.90 -2.71 7.57
N THR H 62 13.89 -3.85 8.21
CA THR H 62 12.64 -4.60 8.35
C THR H 62 11.62 -3.85 9.22
N PHE H 63 12.02 -2.70 9.76
CA PHE H 63 11.18 -1.94 10.71
C PHE H 63 10.82 -0.54 10.24
N GLN H 64 11.50 -0.03 9.20
CA GLN H 64 11.18 1.30 8.68
C GLN H 64 9.75 1.46 8.18
N GLY H 65 9.07 2.49 8.64
CA GLY H 65 7.69 2.66 8.27
C GLY H 65 6.78 1.97 9.26
N LYS H 66 7.24 0.83 9.79
CA LYS H 66 6.56 0.19 10.90
C LYS H 66 6.56 1.07 12.13
N VAL H 67 7.63 1.84 12.31
CA VAL H 67 8.00 2.33 13.64
C VAL H 67 8.44 3.78 13.59
N THR H 68 7.89 4.61 14.48
CA THR H 68 8.43 5.98 14.65
C THR H 68 8.91 6.15 16.08
N MET H 69 10.20 6.43 16.26
CA MET H 69 10.81 6.70 17.60
C MET H 69 10.91 8.18 17.93
N THR H 70 10.53 8.56 19.13
CA THR H 70 10.79 9.91 19.62
C THR H 70 11.22 9.88 21.08
N ALA H 71 11.57 11.05 21.59
CA ALA H 71 11.97 11.20 22.98
C ALA H 71 11.54 12.57 23.50
N ASP H 72 10.94 12.63 24.68
CA ASP H 72 10.68 13.92 25.31
C ASP H 72 11.71 14.21 26.40
N THR H 73 12.63 15.13 26.15
CA THR H 73 13.67 15.37 27.16
C THR H 73 13.20 16.18 28.37
N SER H 74 12.13 16.97 28.19
CA SER H 74 11.56 17.75 29.28
C SER H 74 11.18 16.82 30.45
N SER H 75 10.81 15.59 30.09
CA SER H 75 10.14 14.64 30.98
C SER H 75 10.82 13.31 30.81
N ASN H 76 12.06 13.37 30.33
CA ASN H 76 12.95 12.25 30.43
C ASN H 76 12.29 10.91 30.00
N THR H 77 11.58 10.94 28.89
CA THR H 77 10.72 9.81 28.48
C THR H 77 11.00 9.50 27.04
N ALA H 78 11.04 8.23 26.71
CA ALA H 78 11.20 7.81 25.35
C ALA H 78 9.91 7.15 24.83
N TYR H 79 9.73 7.14 23.53
CA TYR H 79 8.48 6.69 22.98
C TYR H 79 8.78 5.84 21.80
N LEU H 80 7.94 4.84 21.57
CA LEU H 80 8.01 4.04 20.35
C LEU H 80 6.63 3.85 19.73
N GLN H 81 6.41 4.43 18.56
CA GLN H 81 5.12 4.28 17.90
C GLN H 81 5.15 3.17 16.85
N LEU H 82 4.26 2.20 17.01
CA LEU H 82 4.10 1.14 16.04
C LEU H 82 2.79 1.31 15.24
N SER H 83 2.93 1.36 13.93
CA SER H 83 1.82 1.70 13.07
C SER H 83 1.34 0.47 12.30
N SER H 84 0.06 0.44 11.94
CA SER H 84 -0.58 -0.70 11.25
C SER H 84 -0.08 -2.08 11.68
N LEU H 85 -0.73 -2.66 12.67
CA LEU H 85 -0.20 -3.87 13.29
C LEU H 85 -0.80 -5.14 12.71
N THR H 86 -0.03 -6.21 12.77
CA THR H 86 -0.45 -7.53 12.35
C THR H 86 -0.10 -8.50 13.47
N SER H 87 -0.33 -9.79 13.27
CA SER H 87 0.10 -10.77 14.26
C SER H 87 1.59 -10.67 14.49
N GLU H 88 2.36 -10.73 13.41
CA GLU H 88 3.77 -10.47 13.51
C GLU H 88 4.13 -9.52 14.65
N ASP H 89 3.30 -8.54 14.93
CA ASP H 89 3.70 -7.50 15.88
C ASP H 89 3.45 -7.83 17.36
N THR H 90 2.77 -8.92 17.62
CA THR H 90 2.61 -9.44 18.98
C THR H 90 3.93 -9.89 19.54
N ALA H 91 4.34 -9.24 20.62
CA ALA H 91 5.65 -9.45 21.23
C ALA H 91 5.72 -8.74 22.56
N VAL H 92 6.86 -8.84 23.21
CA VAL H 92 7.18 -7.98 24.32
C VAL H 92 8.22 -6.98 23.84
N TYR H 93 7.92 -5.71 24.00
CA TYR H 93 8.79 -4.63 23.49
C TYR H 93 9.62 -3.99 24.62
N TYR H 94 10.93 -3.97 24.44
CA TYR H 94 11.85 -3.44 25.48
C TYR H 94 12.55 -2.16 25.05
N CYS H 95 12.66 -1.20 25.97
CA CYS H 95 13.63 -0.10 25.81
C CYS H 95 14.94 -0.38 26.62
N ASN H 96 16.07 0.08 26.09
CA ASN H 96 17.32 -0.08 26.77
C ASN H 96 18.27 1.09 26.52
N ALA H 97 18.48 1.90 27.57
CA ALA H 97 19.50 2.94 27.58
C ALA H 97 20.94 2.41 27.48
N GLY H 98 21.56 2.54 26.31
CA GLY H 98 22.95 2.07 26.13
C GLY H 98 23.89 3.06 25.44
N VAL H 99 25.16 3.01 25.81
CA VAL H 99 26.18 3.82 25.13
C VAL H 99 27.59 3.27 25.35
N ILE H 100 28.50 3.58 24.42
CA ILE H 100 29.91 3.26 24.61
C ILE H 100 30.69 4.56 24.74
N THR H 101 31.26 4.80 25.91
CA THR H 101 31.99 6.07 26.15
C THR H 101 33.10 6.28 25.12
N MET H 102 33.27 7.51 24.66
CA MET H 102 34.37 7.78 23.76
C MET H 102 35.66 7.89 24.48
N MET H 103 35.93 6.80 25.18
CA MET H 103 37.22 6.48 25.72
C MET H 103 37.28 6.49 27.24
N GLY H 104 37.61 5.29 27.75
CA GLY H 104 37.66 5.01 29.16
C GLY H 104 36.43 4.24 29.62
N TYR H 105 35.44 5.01 30.08
CA TYR H 105 34.74 4.71 31.34
C TYR H 105 33.80 3.54 31.36
N GLN H 106 33.60 3.00 32.57
CA GLN H 106 32.58 1.99 32.86
C GLN H 106 31.26 2.39 32.26
N ALA H 107 30.78 1.61 31.30
CA ALA H 107 29.41 1.78 30.79
C ALA H 107 28.46 1.20 31.83
N MET H 108 27.44 1.97 32.23
CA MET H 108 26.36 1.39 33.02
C MET H 108 25.17 1.52 32.19
N ASP H 109 24.45 0.42 32.01
CA ASP H 109 23.42 0.36 31.00
C ASP H 109 22.17 -0.14 31.62
N TYR H 110 21.03 0.34 31.13
CA TYR H 110 19.77 0.17 31.83
C TYR H 110 18.74 -0.49 30.93
N TRP H 111 17.89 -1.36 31.49
CA TRP H 111 16.79 -1.96 30.71
C TRP H 111 15.41 -1.68 31.29
N GLY H 112 14.45 -1.37 30.41
CA GLY H 112 13.03 -1.21 30.82
C GLY H 112 12.45 -2.56 31.22
N GLN H 113 11.37 -2.56 32.01
CA GLN H 113 10.82 -3.84 32.47
C GLN H 113 10.02 -4.56 31.34
N GLY H 114 9.85 -3.86 30.22
CA GLY H 114 9.16 -4.41 29.07
C GLY H 114 7.68 -4.07 28.95
N THR H 115 7.23 -3.87 27.71
CA THR H 115 5.82 -3.73 27.40
C THR H 115 5.28 -4.84 26.49
N THR H 116 4.39 -5.64 27.01
CA THR H 116 3.79 -6.61 26.15
C THR H 116 2.61 -6.05 25.28
N VAL H 117 2.63 -6.41 23.99
CA VAL H 117 1.62 -6.00 22.99
C VAL H 117 1.01 -7.25 22.33
N THR H 118 -0.32 -7.27 22.23
CA THR H 118 -1.07 -8.37 21.60
C THR H 118 -1.94 -7.84 20.45
N THR H 119 -1.60 -8.18 19.21
CA THR H 119 -2.49 -7.95 18.07
C THR H 119 -3.54 -9.05 17.99
N SER H 120 -4.77 -8.64 17.75
CA SER H 120 -5.91 -9.40 18.24
C SER H 120 -7.18 -9.08 17.47
N SER H 121 -7.91 -8.10 18.02
CA SER H 121 -9.34 -7.82 17.74
C SER H 121 -10.25 -8.82 18.47
N ALA H 122 -9.70 -9.46 19.50
CA ALA H 122 -10.54 -10.20 20.41
C ALA H 122 -11.01 -9.27 21.52
N LYS H 123 -11.84 -9.80 22.40
CA LYS H 123 -12.67 -8.97 23.25
C LYS H 123 -12.29 -9.16 24.70
N THR H 124 -12.13 -8.05 25.40
CA THR H 124 -11.66 -8.13 26.77
C THR H 124 -12.65 -8.96 27.54
N THR H 125 -12.17 -9.96 28.22
CA THR H 125 -13.05 -10.76 29.04
C THR H 125 -12.45 -10.92 30.42
N PRO H 126 -13.19 -10.49 31.48
CA PRO H 126 -12.73 -10.67 32.87
C PRO H 126 -12.89 -12.12 33.37
N PRO H 127 -11.95 -12.56 34.22
CA PRO H 127 -11.75 -13.92 34.64
C PRO H 127 -12.72 -14.36 35.68
N SER H 128 -12.95 -15.67 35.74
CA SER H 128 -13.63 -16.27 36.87
C SER H 128 -12.58 -16.92 37.78
N VAL H 129 -12.66 -16.59 39.06
CA VAL H 129 -11.76 -17.06 40.07
C VAL H 129 -12.39 -18.12 40.97
N TYR H 130 -11.86 -19.35 40.92
CA TYR H 130 -12.41 -20.48 41.68
C TYR H 130 -11.43 -20.93 42.73
N PRO H 131 -11.88 -21.01 44.01
CA PRO H 131 -10.98 -21.44 45.09
C PRO H 131 -10.64 -22.90 44.93
N LEU H 132 -9.42 -23.28 45.33
CA LEU H 132 -8.98 -24.66 45.27
C LEU H 132 -8.57 -25.19 46.63
N ALA H 133 -9.42 -26.08 47.16
CA ALA H 133 -9.25 -26.70 48.47
C ALA H 133 -9.32 -28.23 48.42
N PRO H 134 -8.44 -28.92 49.17
CA PRO H 134 -8.34 -30.38 49.32
C PRO H 134 -9.67 -31.12 49.36
N MET H 143 1.85 -30.10 56.31
CA MET H 143 1.80 -29.06 55.27
C MET H 143 0.71 -29.29 54.22
N VAL H 144 0.14 -28.21 53.71
CA VAL H 144 -0.94 -28.33 52.73
C VAL H 144 -0.79 -27.38 51.53
N THR H 145 -1.21 -27.86 50.36
CA THR H 145 -1.22 -27.02 49.17
C THR H 145 -2.67 -26.59 48.80
N LEU H 146 -2.89 -25.27 48.74
CA LEU H 146 -4.18 -24.69 48.28
C LEU H 146 -3.93 -23.83 47.04
N GLY H 147 -4.89 -23.77 46.13
CA GLY H 147 -4.68 -22.95 44.93
C GLY H 147 -5.85 -22.11 44.46
N CYS H 148 -5.60 -21.22 43.51
CA CYS H 148 -6.66 -20.51 42.75
C CYS H 148 -6.61 -20.86 41.26
N LEU H 149 -7.77 -21.20 40.71
CA LEU H 149 -7.94 -21.30 39.26
C LEU H 149 -8.54 -19.99 38.74
N VAL H 150 -7.92 -19.47 37.68
CA VAL H 150 -8.30 -18.18 37.09
C VAL H 150 -8.49 -18.42 35.61
N LYS H 151 -9.75 -18.41 35.17
CA LYS H 151 -10.14 -19.00 33.91
C LYS H 151 -10.94 -18.02 33.07
N GLY H 152 -10.74 -18.11 31.76
CA GLY H 152 -11.57 -17.41 30.78
C GLY H 152 -11.40 -15.91 30.77
N TYR H 153 -10.16 -15.44 30.66
CA TYR H 153 -9.91 -14.00 30.58
C TYR H 153 -9.12 -13.66 29.35
N PHE H 154 -9.43 -12.52 28.75
CA PHE H 154 -8.61 -11.90 27.69
C PHE H 154 -8.53 -10.42 28.00
N PRO H 155 -7.37 -9.80 27.71
CA PRO H 155 -6.13 -10.38 27.25
C PRO H 155 -5.28 -10.69 28.49
N GLU H 156 -3.95 -10.78 28.33
CA GLU H 156 -3.07 -10.84 29.48
C GLU H 156 -2.64 -9.43 29.95
N PRO H 157 -2.11 -9.32 31.20
CA PRO H 157 -2.00 -10.39 32.18
C PRO H 157 -3.07 -10.34 33.27
N VAL H 158 -3.05 -11.33 34.16
CA VAL H 158 -3.59 -11.19 35.52
C VAL H 158 -2.43 -11.20 36.48
N THR H 159 -2.62 -10.59 37.64
CA THR H 159 -1.63 -10.67 38.69
C THR H 159 -2.23 -11.36 39.91
N VAL H 160 -1.64 -12.49 40.30
CA VAL H 160 -2.08 -13.27 41.45
C VAL H 160 -1.22 -13.03 42.67
N THR H 161 -1.85 -12.68 43.79
CA THR H 161 -1.14 -12.61 45.08
C THR H 161 -1.90 -13.33 46.16
N TRP H 162 -1.22 -13.62 47.26
CA TRP H 162 -1.80 -14.41 48.34
C TRP H 162 -1.69 -13.64 49.63
N ASN H 163 -2.75 -13.72 50.42
CA ASN H 163 -2.96 -12.80 51.54
C ASN H 163 -2.35 -11.42 51.27
N SER H 164 -2.79 -10.82 50.18
CA SER H 164 -2.36 -9.49 49.78
C SER H 164 -0.85 -9.26 49.91
N GLY H 165 -0.04 -10.33 49.85
CA GLY H 165 1.43 -10.18 49.81
C GLY H 165 2.19 -10.85 50.93
N SER H 166 1.59 -10.87 52.13
CA SER H 166 2.20 -11.41 53.34
C SER H 166 2.69 -12.81 53.16
N LEU H 167 2.17 -13.46 52.11
CA LEU H 167 2.39 -14.86 51.87
C LEU H 167 2.90 -15.04 50.45
N SER H 168 4.21 -15.19 50.32
CA SER H 168 4.86 -15.15 49.02
C SER H 168 5.79 -16.35 48.86
N SER H 169 6.32 -16.82 49.97
CA SER H 169 7.09 -18.05 49.97
C SER H 169 6.15 -19.25 49.97
N GLY H 170 6.41 -20.23 49.11
CA GLY H 170 5.57 -21.42 49.01
C GLY H 170 4.60 -21.30 47.86
N VAL H 171 4.78 -20.26 47.03
CA VAL H 171 3.86 -19.87 45.94
C VAL H 171 4.34 -20.28 44.54
N HIS H 172 3.44 -20.86 43.76
CA HIS H 172 3.73 -21.25 42.41
C HIS H 172 2.63 -20.77 41.47
N THR H 173 2.86 -19.65 40.80
CA THR H 173 1.95 -19.23 39.73
C THR H 173 2.46 -19.65 38.32
N PHE H 174 1.68 -20.52 37.68
CA PHE H 174 1.99 -21.08 36.39
C PHE H 174 1.49 -20.16 35.29
N PRO H 175 2.21 -20.13 34.15
CA PRO H 175 1.90 -19.28 33.01
C PRO H 175 0.55 -19.62 32.38
N ALA H 176 -0.13 -18.58 31.90
CA ALA H 176 -1.43 -18.74 31.23
C ALA H 176 -1.33 -19.70 30.07
N VAL H 177 -2.34 -20.53 29.91
CA VAL H 177 -2.47 -21.24 28.68
C VAL H 177 -3.66 -20.67 27.94
N LEU H 178 -3.47 -20.44 26.66
CA LEU H 178 -4.48 -19.89 25.80
C LEU H 178 -5.30 -21.03 25.23
N GLN H 179 -6.56 -21.17 25.66
CA GLN H 179 -7.48 -22.12 25.01
C GLN H 179 -8.84 -21.53 24.66
N SER H 180 -9.29 -21.85 23.44
CA SER H 180 -10.53 -21.34 22.84
C SER H 180 -10.58 -19.82 22.84
N ASP H 181 -9.42 -19.24 22.51
CA ASP H 181 -9.25 -17.80 22.35
C ASP H 181 -9.30 -17.06 23.69
N LEU H 182 -9.18 -17.84 24.77
CA LEU H 182 -9.11 -17.33 26.14
C LEU H 182 -7.83 -17.77 26.90
N TYR H 183 -7.69 -17.26 28.11
CA TYR H 183 -6.56 -17.59 28.97
C TYR H 183 -7.01 -18.28 30.23
N THR H 184 -6.16 -19.19 30.69
CA THR H 184 -6.32 -19.83 31.97
C THR H 184 -4.97 -20.00 32.58
N LEU H 185 -4.88 -19.68 33.86
CA LEU H 185 -3.76 -20.09 34.65
C LEU H 185 -4.24 -20.48 36.01
N SER H 186 -3.33 -21.07 36.77
CA SER H 186 -3.59 -21.46 38.14
C SER H 186 -2.44 -21.04 39.03
N SER H 187 -2.68 -20.96 40.33
CA SER H 187 -1.61 -20.62 41.28
C SER H 187 -1.74 -21.42 42.56
N SER H 188 -0.64 -22.04 42.99
CA SER H 188 -0.65 -22.73 44.27
C SER H 188 0.16 -21.99 45.36
N VAL H 189 -0.22 -22.23 46.61
CA VAL H 189 0.54 -21.81 47.76
C VAL H 189 0.54 -22.95 48.82
N THR H 190 1.73 -23.48 49.12
CA THR H 190 1.90 -24.50 50.17
C THR H 190 2.14 -23.80 51.53
N VAL H 191 1.37 -24.18 52.55
CA VAL H 191 1.51 -23.58 53.86
C VAL H 191 1.57 -24.65 54.96
N PRO H 192 2.02 -24.26 56.19
CA PRO H 192 1.89 -25.24 57.29
C PRO H 192 0.42 -25.60 57.49
N SER H 193 0.13 -26.88 57.73
CA SER H 193 -1.26 -27.27 58.05
C SER H 193 -1.80 -26.63 59.34
N SER H 194 -0.91 -26.16 60.20
CA SER H 194 -1.31 -25.45 61.41
C SER H 194 -1.83 -24.03 61.12
N THR H 195 -1.64 -23.53 59.91
CA THR H 195 -2.08 -22.15 59.61
C THR H 195 -3.42 -22.10 58.84
N TRP H 196 -3.89 -23.26 58.39
CA TRP H 196 -5.16 -23.31 57.69
C TRP H 196 -5.81 -24.63 58.01
N PRO H 197 -7.14 -24.63 58.25
CA PRO H 197 -8.07 -23.48 58.29
C PRO H 197 -7.93 -22.44 59.43
N SER H 198 -7.00 -22.63 60.36
CA SER H 198 -6.79 -21.70 61.48
C SER H 198 -6.77 -20.22 61.04
N GLN H 199 -5.76 -19.84 60.28
CA GLN H 199 -5.67 -18.48 59.74
C GLN H 199 -6.27 -18.42 58.35
N THR H 200 -6.82 -17.28 57.98
CA THR H 200 -7.37 -17.14 56.65
C THR H 200 -6.27 -17.00 55.57
N VAL H 201 -6.55 -17.60 54.42
CA VAL H 201 -5.68 -17.56 53.25
C VAL H 201 -6.55 -17.14 52.05
N THR H 202 -6.09 -16.15 51.30
CA THR H 202 -6.90 -15.56 50.26
C THR H 202 -6.05 -15.26 49.05
N CYS H 203 -6.49 -15.71 47.88
CA CYS H 203 -5.81 -15.21 46.68
C CYS H 203 -6.44 -13.91 46.18
N ASN H 204 -5.58 -12.95 45.91
CA ASN H 204 -6.00 -11.74 45.26
C ASN H 204 -5.65 -11.79 43.78
N VAL H 205 -6.66 -11.54 42.96
CA VAL H 205 -6.51 -11.65 41.52
C VAL H 205 -6.82 -10.31 40.92
N ALA H 206 -5.91 -9.78 40.14
CA ALA H 206 -6.17 -8.54 39.43
C ALA H 206 -6.08 -8.75 37.91
N HIS H 207 -7.06 -8.17 37.21
CA HIS H 207 -7.02 -8.16 35.75
C HIS H 207 -7.26 -6.72 35.29
N PRO H 208 -6.17 -5.94 35.19
CA PRO H 208 -6.23 -4.49 34.96
C PRO H 208 -6.82 -4.14 33.59
N ALA H 209 -6.83 -5.11 32.65
CA ALA H 209 -7.45 -4.88 31.34
C ALA H 209 -8.95 -4.66 31.50
N SER H 210 -9.62 -5.57 32.21
CA SER H 210 -11.01 -5.41 32.55
C SER H 210 -11.26 -4.49 33.77
N SER H 211 -10.19 -3.98 34.37
CA SER H 211 -10.24 -3.07 35.52
C SER H 211 -10.87 -3.73 36.73
N THR H 212 -10.60 -5.02 36.89
CA THR H 212 -11.15 -5.75 38.01
C THR H 212 -10.08 -6.35 38.94
N LYS H 213 -10.35 -6.27 40.24
CA LYS H 213 -9.66 -7.09 41.25
C LYS H 213 -10.65 -8.00 42.00
N VAL H 214 -10.36 -9.32 42.04
CA VAL H 214 -11.20 -10.33 42.75
C VAL H 214 -10.48 -10.95 43.96
N ASP H 215 -11.12 -10.89 45.14
CA ASP H 215 -10.62 -11.56 46.35
C ASP H 215 -11.42 -12.81 46.62
N LYS H 216 -10.75 -13.96 46.57
CA LYS H 216 -11.41 -15.21 46.92
C LYS H 216 -10.70 -15.94 48.06
N LYS H 217 -11.46 -16.17 49.12
CA LYS H 217 -11.01 -16.95 50.27
C LYS H 217 -11.21 -18.45 50.08
N ILE H 218 -10.13 -19.19 50.26
CA ILE H 218 -10.18 -20.65 50.25
C ILE H 218 -10.83 -21.15 51.54
N VAL H 219 -12.01 -21.74 51.40
CA VAL H 219 -12.64 -22.31 52.57
C VAL H 219 -12.71 -23.81 52.41
N PRO H 220 -12.51 -24.56 53.52
CA PRO H 220 -12.53 -26.02 53.51
C PRO H 220 -13.77 -26.57 52.81
N ARG H 221 -13.58 -27.54 51.91
CA ARG H 221 -14.70 -28.25 51.28
C ARG H 221 -15.63 -28.86 52.34
N THR I 1 -6.96 23.60 37.00
CA THR I 1 -5.84 24.54 36.63
C THR I 1 -6.05 25.18 35.23
N LYS I 2 -5.24 26.19 34.91
CA LYS I 2 -5.33 26.94 33.63
C LYS I 2 -4.10 26.65 32.76
N HIS I 3 -4.30 26.44 31.46
CA HIS I 3 -3.21 25.99 30.59
C HIS I 3 -2.94 26.96 29.42
N PRO I 4 -2.04 26.58 28.48
CA PRO I 4 -1.93 27.21 27.17
C PRO I 4 -2.62 26.37 26.08
N LYS I 5 -3.04 27.00 24.98
CA LYS I 5 -3.69 26.25 23.88
C LYS I 5 -2.75 25.31 23.11
N LYS I 6 -3.10 24.02 23.11
CA LYS I 6 -2.31 23.02 22.40
C LYS I 6 -1.97 23.54 21.02
N GLY I 7 -0.68 23.76 20.79
CA GLY I 7 -0.14 24.02 19.45
C GLY I 7 -0.07 25.50 19.14
N VAL I 8 -0.43 26.33 20.12
CA VAL I 8 -0.47 27.75 19.89
C VAL I 8 0.27 28.48 20.99
N GLU I 9 -0.06 28.20 22.24
CA GLU I 9 0.54 28.97 23.31
C GLU I 9 1.61 28.23 24.09
N LYS I 10 2.42 28.99 24.81
CA LYS I 10 3.41 28.46 25.71
C LYS I 10 3.49 29.38 26.93
N TYR I 11 3.95 28.83 28.06
CA TYR I 11 4.24 29.66 29.24
C TYR I 11 5.45 30.59 28.98
N PRO J 4 33.42 9.14 16.46
CA PRO J 4 32.42 8.44 17.27
C PRO J 4 31.41 7.65 16.41
N LYS J 5 31.31 6.34 16.65
CA LYS J 5 30.52 5.46 15.77
C LYS J 5 29.02 5.65 15.91
N LYS J 6 28.36 5.86 14.78
CA LYS J 6 26.93 6.17 14.74
C LYS J 6 26.14 5.11 15.49
N GLY J 7 25.42 5.54 16.53
CA GLY J 7 24.45 4.70 17.24
C GLY J 7 25.02 3.80 18.32
N VAL J 8 26.32 3.94 18.62
CA VAL J 8 27.00 3.10 19.59
C VAL J 8 27.67 3.94 20.67
N GLU J 9 28.38 4.99 20.24
CA GLU J 9 29.22 5.77 21.16
C GLU J 9 29.07 7.31 21.07
N LYS J 10 29.55 7.98 22.10
CA LYS J 10 29.74 9.42 22.13
C LYS J 10 30.63 9.89 23.29
N TYR J 11 31.10 11.15 23.20
CA TYR J 11 31.90 11.80 24.23
C TYR J 11 31.06 12.07 25.47
N LYS K 2 -4.71 19.82 -66.41
CA LYS K 2 -4.50 21.00 -65.52
C LYS K 2 -3.24 20.80 -64.69
N HIS K 3 -3.43 20.47 -63.41
CA HIS K 3 -2.38 19.91 -62.52
C HIS K 3 -2.71 19.97 -61.00
N PRO K 4 -2.81 18.78 -60.36
CA PRO K 4 -3.31 18.58 -58.99
C PRO K 4 -2.46 19.21 -57.92
N LYS K 5 -3.04 20.12 -57.15
CA LYS K 5 -2.31 20.79 -56.06
C LYS K 5 -1.59 19.78 -55.20
N LYS K 6 -0.32 20.10 -54.96
CA LYS K 6 0.63 19.24 -54.30
C LYS K 6 0.14 18.86 -52.92
N GLY K 7 0.29 17.60 -52.57
CA GLY K 7 -0.15 17.12 -51.28
C GLY K 7 -1.64 17.10 -51.09
N VAL K 8 -2.38 17.83 -51.93
CA VAL K 8 -3.81 17.96 -51.69
C VAL K 8 -4.69 17.13 -52.60
N GLU K 9 -4.41 17.16 -53.90
CA GLU K 9 -5.32 16.51 -54.86
C GLU K 9 -4.64 15.49 -55.77
N LYS K 10 -5.38 14.44 -56.14
CA LYS K 10 -4.88 13.40 -57.05
C LYS K 10 -5.86 13.04 -58.15
N TYR K 11 -5.31 12.72 -59.31
CA TYR K 11 -6.07 12.34 -60.51
C TYR K 11 -6.86 11.05 -60.34
N THR L 1 -33.09 -63.47 18.89
CA THR L 1 -33.08 -62.01 18.54
C THR L 1 -31.66 -61.43 18.33
N LYS L 2 -31.48 -60.74 17.20
CA LYS L 2 -30.25 -60.01 16.91
C LYS L 2 -30.63 -58.76 16.08
N HIS L 3 -30.38 -57.58 16.64
CA HIS L 3 -30.91 -56.33 16.08
C HIS L 3 -29.83 -55.45 15.47
N PRO L 4 -30.24 -54.41 14.72
CA PRO L 4 -29.25 -53.58 14.01
C PRO L 4 -28.55 -52.62 14.97
N LYS L 5 -27.22 -52.55 14.90
CA LYS L 5 -26.44 -51.75 15.85
C LYS L 5 -26.61 -50.27 15.62
N LYS L 6 -26.95 -49.58 16.71
CA LYS L 6 -27.34 -48.17 16.67
C LYS L 6 -26.25 -47.28 16.07
N GLY L 7 -26.54 -46.67 14.92
CA GLY L 7 -25.67 -45.66 14.35
C GLY L 7 -24.68 -46.20 13.34
N VAL L 8 -24.81 -47.48 13.01
CA VAL L 8 -23.82 -48.19 12.20
C VAL L 8 -24.49 -49.00 11.08
N GLU L 9 -25.46 -49.82 11.45
CA GLU L 9 -26.22 -50.63 10.49
C GLU L 9 -27.73 -50.34 10.43
N LYS L 10 -28.32 -50.68 9.28
CA LYS L 10 -29.76 -50.57 9.02
C LYS L 10 -30.22 -51.84 8.33
N TYR L 11 -31.50 -52.18 8.52
CA TYR L 11 -32.07 -53.42 7.99
C TYR L 11 -31.80 -53.74 6.50
NA NA M . -2.44 19.65 -30.46
NA NA N . 2.77 11.46 9.11
NA NA O . -20.20 -46.97 17.39
NA NA P . -10.16 -24.05 7.67
NA NA Q . 30.36 -3.72 23.19
NA NA R . 10.63 -7.99 32.08
NA NA S . -7.32 8.40 -61.84
#